data_3FH2
# 
_entry.id   3FH2 
# 
_audit_conform.dict_name       mmcif_pdbx.dic 
_audit_conform.dict_version    5.387 
_audit_conform.dict_location   http://mmcif.pdb.org/dictionaries/ascii/mmcif_pdbx.dic 
# 
loop_
_database_2.database_id 
_database_2.database_code 
_database_2.pdbx_database_accession 
_database_2.pdbx_DOI 
PDB   3FH2         pdb_00003fh2 10.2210/pdb3fh2/pdb 
RCSB  RCSB050581   ?            ?                   
WWPDB D_1000050581 ?            ?                   
# 
loop_
_pdbx_audit_revision_history.ordinal 
_pdbx_audit_revision_history.data_content_type 
_pdbx_audit_revision_history.major_revision 
_pdbx_audit_revision_history.minor_revision 
_pdbx_audit_revision_history.revision_date 
1 'Structure model' 1 0 2008-12-23 
2 'Structure model' 1 1 2011-07-13 
3 'Structure model' 1 2 2024-02-21 
# 
_pdbx_audit_revision_details.ordinal             1 
_pdbx_audit_revision_details.revision_ordinal    1 
_pdbx_audit_revision_details.data_content_type   'Structure model' 
_pdbx_audit_revision_details.provider            repository 
_pdbx_audit_revision_details.type                'Initial release' 
_pdbx_audit_revision_details.description         ? 
_pdbx_audit_revision_details.details             ? 
# 
loop_
_pdbx_audit_revision_group.ordinal 
_pdbx_audit_revision_group.revision_ordinal 
_pdbx_audit_revision_group.data_content_type 
_pdbx_audit_revision_group.group 
1 2 'Structure model' Advisory                    
2 2 'Structure model' 'Refinement description'    
3 2 'Structure model' 'Source and taxonomy'       
4 2 'Structure model' 'Version format compliance' 
5 3 'Structure model' 'Data collection'           
6 3 'Structure model' 'Database references'       
# 
loop_
_pdbx_audit_revision_category.ordinal 
_pdbx_audit_revision_category.revision_ordinal 
_pdbx_audit_revision_category.data_content_type 
_pdbx_audit_revision_category.category 
1 3 'Structure model' chem_comp_atom 
2 3 'Structure model' chem_comp_bond 
3 3 'Structure model' database_2     
# 
loop_
_pdbx_audit_revision_item.ordinal 
_pdbx_audit_revision_item.revision_ordinal 
_pdbx_audit_revision_item.data_content_type 
_pdbx_audit_revision_item.item 
1 3 'Structure model' '_database_2.pdbx_DOI'                
2 3 'Structure model' '_database_2.pdbx_database_accession' 
# 
_pdbx_database_status.status_code                     REL 
_pdbx_database_status.entry_id                        3FH2 
_pdbx_database_status.recvd_initial_deposition_date   2008-12-08 
_pdbx_database_status.deposit_site                    RCSB 
_pdbx_database_status.process_site                    RCSB 
_pdbx_database_status.status_code_sf                  REL 
_pdbx_database_status.status_code_mr                  ? 
_pdbx_database_status.SG_entry                        Y 
_pdbx_database_status.pdb_format_compatible           Y 
_pdbx_database_status.status_code_cs                  ? 
_pdbx_database_status.status_code_nmr_data            ? 
_pdbx_database_status.methods_development_category    ? 
# 
_pdbx_database_related.db_name        TargetDB 
_pdbx_database_related.db_id          APC62772.1 
_pdbx_database_related.details        . 
_pdbx_database_related.content_type   unspecified 
# 
loop_
_audit_author.name 
_audit_author.pdbx_ordinal 
'Zhang, R.'                                     1 
'Li, H.'                                        2 
'Freeman, L.'                                   3 
'Joachimiak, A.'                                4 
'Midwest Center for Structural Genomics (MCSG)' 5 
# 
_citation.id                        primary 
_citation.title                     
'The crystal structure of the PROBABLE ATP-DEPENDENT PROTEASE (HEAT SHOCK PROTEIN) from Corynebacterium glutamicum' 
_citation.journal_abbrev            'To be Published' 
_citation.journal_volume            ? 
_citation.page_first                ? 
_citation.page_last                 ? 
_citation.year                      ? 
_citation.journal_id_ASTM           ? 
_citation.country                   ? 
_citation.journal_id_ISSN           ? 
_citation.journal_id_CSD            0353 
_citation.book_publisher            ? 
_citation.pdbx_database_id_PubMed   ? 
_citation.pdbx_database_id_DOI      ? 
# 
loop_
_citation_author.citation_id 
_citation_author.name 
_citation_author.ordinal 
_citation_author.identifier_ORCID 
primary 'Zhang, R.'      1 ? 
primary 'Li, H.'         2 ? 
primary 'Freeman, L.'    3 ? 
primary 'Joachimiak, A.' 4 ? 
# 
loop_
_entity.id 
_entity.type 
_entity.src_method 
_entity.pdbx_description 
_entity.formula_weight 
_entity.pdbx_number_of_molecules 
_entity.pdbx_ec 
_entity.pdbx_mutation 
_entity.pdbx_fragment 
_entity.details 
1 polymer man 'PROBABLE ATP-DEPENDENT PROTEASE (HEAT SHOCK PROTEIN)' 16109.642 1   3.-.-.- ? ? ? 
2 water   nat water                                                  18.015    131 ?       ? ? ? 
# 
_entity_name_com.entity_id   1 
_entity_name_com.name        'ATPases with chaperone activity, ATP-binding subunit' 
# 
_entity_poly.entity_id                      1 
_entity_poly.type                           'polypeptide(L)' 
_entity_poly.nstd_linkage                   no 
_entity_poly.nstd_monomer                   no 
_entity_poly.pdbx_seq_one_letter_code       
;QAMFERFTDRARRVIVLAQEEARMLNHNYIGTEHILLGLIHEGEGVAAKALESMGISLDAVRQEVEEIIGQGSQPTTGHI
PFTPRAKKVLELSLREGLQMGHKYIGTEFLLLGLIREGEGVAAQVLVKLGADLPRVRQQVIQLLSG
;
_entity_poly.pdbx_seq_one_letter_code_can   
;QAMFERFTDRARRVIVLAQEEARMLNHNYIGTEHILLGLIHEGEGVAAKALESMGISLDAVRQEVEEIIGQGSQPTTGHI
PFTPRAKKVLELSLREGLQMGHKYIGTEFLLLGLIREGEGVAAQVLVKLGADLPRVRQQVIQLLSG
;
_entity_poly.pdbx_strand_id                 A 
_entity_poly.pdbx_target_identifier         APC62772.1 
# 
_pdbx_entity_nonpoly.entity_id   2 
_pdbx_entity_nonpoly.name        water 
_pdbx_entity_nonpoly.comp_id     HOH 
# 
loop_
_entity_poly_seq.entity_id 
_entity_poly_seq.num 
_entity_poly_seq.mon_id 
_entity_poly_seq.hetero 
1 1   GLN n 
1 2   ALA n 
1 3   MET n 
1 4   PHE n 
1 5   GLU n 
1 6   ARG n 
1 7   PHE n 
1 8   THR n 
1 9   ASP n 
1 10  ARG n 
1 11  ALA n 
1 12  ARG n 
1 13  ARG n 
1 14  VAL n 
1 15  ILE n 
1 16  VAL n 
1 17  LEU n 
1 18  ALA n 
1 19  GLN n 
1 20  GLU n 
1 21  GLU n 
1 22  ALA n 
1 23  ARG n 
1 24  MET n 
1 25  LEU n 
1 26  ASN n 
1 27  HIS n 
1 28  ASN n 
1 29  TYR n 
1 30  ILE n 
1 31  GLY n 
1 32  THR n 
1 33  GLU n 
1 34  HIS n 
1 35  ILE n 
1 36  LEU n 
1 37  LEU n 
1 38  GLY n 
1 39  LEU n 
1 40  ILE n 
1 41  HIS n 
1 42  GLU n 
1 43  GLY n 
1 44  GLU n 
1 45  GLY n 
1 46  VAL n 
1 47  ALA n 
1 48  ALA n 
1 49  LYS n 
1 50  ALA n 
1 51  LEU n 
1 52  GLU n 
1 53  SER n 
1 54  MET n 
1 55  GLY n 
1 56  ILE n 
1 57  SER n 
1 58  LEU n 
1 59  ASP n 
1 60  ALA n 
1 61  VAL n 
1 62  ARG n 
1 63  GLN n 
1 64  GLU n 
1 65  VAL n 
1 66  GLU n 
1 67  GLU n 
1 68  ILE n 
1 69  ILE n 
1 70  GLY n 
1 71  GLN n 
1 72  GLY n 
1 73  SER n 
1 74  GLN n 
1 75  PRO n 
1 76  THR n 
1 77  THR n 
1 78  GLY n 
1 79  HIS n 
1 80  ILE n 
1 81  PRO n 
1 82  PHE n 
1 83  THR n 
1 84  PRO n 
1 85  ARG n 
1 86  ALA n 
1 87  LYS n 
1 88  LYS n 
1 89  VAL n 
1 90  LEU n 
1 91  GLU n 
1 92  LEU n 
1 93  SER n 
1 94  LEU n 
1 95  ARG n 
1 96  GLU n 
1 97  GLY n 
1 98  LEU n 
1 99  GLN n 
1 100 MET n 
1 101 GLY n 
1 102 HIS n 
1 103 LYS n 
1 104 TYR n 
1 105 ILE n 
1 106 GLY n 
1 107 THR n 
1 108 GLU n 
1 109 PHE n 
1 110 LEU n 
1 111 LEU n 
1 112 LEU n 
1 113 GLY n 
1 114 LEU n 
1 115 ILE n 
1 116 ARG n 
1 117 GLU n 
1 118 GLY n 
1 119 GLU n 
1 120 GLY n 
1 121 VAL n 
1 122 ALA n 
1 123 ALA n 
1 124 GLN n 
1 125 VAL n 
1 126 LEU n 
1 127 VAL n 
1 128 LYS n 
1 129 LEU n 
1 130 GLY n 
1 131 ALA n 
1 132 ASP n 
1 133 LEU n 
1 134 PRO n 
1 135 ARG n 
1 136 VAL n 
1 137 ARG n 
1 138 GLN n 
1 139 GLN n 
1 140 VAL n 
1 141 ILE n 
1 142 GLN n 
1 143 LEU n 
1 144 LEU n 
1 145 SER n 
1 146 GLY n 
# 
_entity_src_gen.entity_id                          1 
_entity_src_gen.pdbx_src_id                        1 
_entity_src_gen.pdbx_alt_source_flag               sample 
_entity_src_gen.pdbx_seq_type                      ? 
_entity_src_gen.pdbx_beg_seq_num                   ? 
_entity_src_gen.pdbx_end_seq_num                   ? 
_entity_src_gen.gene_src_common_name               'Brevibacterium flavum' 
_entity_src_gen.gene_src_genus                     ? 
_entity_src_gen.pdbx_gene_src_gene                 'cg2963, Cgl2678, clpC, GI:41326857' 
_entity_src_gen.gene_src_species                   ? 
_entity_src_gen.gene_src_strain                    'ATCC 13032' 
_entity_src_gen.gene_src_tissue                    ? 
_entity_src_gen.gene_src_tissue_fraction           ? 
_entity_src_gen.gene_src_details                   ? 
_entity_src_gen.pdbx_gene_src_fragment             ? 
_entity_src_gen.pdbx_gene_src_scientific_name      'Corynebacterium glutamicum' 
_entity_src_gen.pdbx_gene_src_ncbi_taxonomy_id     1718 
_entity_src_gen.pdbx_gene_src_variant              ? 
_entity_src_gen.pdbx_gene_src_cell_line            ? 
_entity_src_gen.pdbx_gene_src_atcc                 ? 
_entity_src_gen.pdbx_gene_src_organ                ? 
_entity_src_gen.pdbx_gene_src_organelle            ? 
_entity_src_gen.pdbx_gene_src_cell                 ? 
_entity_src_gen.pdbx_gene_src_cellular_location    ? 
_entity_src_gen.host_org_common_name               ? 
_entity_src_gen.pdbx_host_org_scientific_name      'Escherichia coli' 
_entity_src_gen.pdbx_host_org_ncbi_taxonomy_id     562 
_entity_src_gen.host_org_genus                     ? 
_entity_src_gen.pdbx_host_org_gene                 ? 
_entity_src_gen.pdbx_host_org_organ                ? 
_entity_src_gen.host_org_species                   ? 
_entity_src_gen.pdbx_host_org_tissue               ? 
_entity_src_gen.pdbx_host_org_tissue_fraction      ? 
_entity_src_gen.pdbx_host_org_strain               BL21 
_entity_src_gen.pdbx_host_org_variant              ? 
_entity_src_gen.pdbx_host_org_cell_line            ? 
_entity_src_gen.pdbx_host_org_atcc                 ? 
_entity_src_gen.pdbx_host_org_culture_collection   ? 
_entity_src_gen.pdbx_host_org_cell                 ? 
_entity_src_gen.pdbx_host_org_organelle            ? 
_entity_src_gen.pdbx_host_org_cellular_location    ? 
_entity_src_gen.pdbx_host_org_vector_type          Plasmid 
_entity_src_gen.pdbx_host_org_vector               ? 
_entity_src_gen.host_org_details                   ? 
_entity_src_gen.expression_system_id               ? 
_entity_src_gen.plasmid_name                       pMCSG156.19 
_entity_src_gen.plasmid_details                    ? 
_entity_src_gen.pdbx_description                   ? 
# 
loop_
_chem_comp.id 
_chem_comp.type 
_chem_comp.mon_nstd_flag 
_chem_comp.name 
_chem_comp.pdbx_synonyms 
_chem_comp.formula 
_chem_comp.formula_weight 
ALA 'L-peptide linking' y ALANINE         ? 'C3 H7 N O2'     89.093  
ARG 'L-peptide linking' y ARGININE        ? 'C6 H15 N4 O2 1' 175.209 
ASN 'L-peptide linking' y ASPARAGINE      ? 'C4 H8 N2 O3'    132.118 
ASP 'L-peptide linking' y 'ASPARTIC ACID' ? 'C4 H7 N O4'     133.103 
GLN 'L-peptide linking' y GLUTAMINE       ? 'C5 H10 N2 O3'   146.144 
GLU 'L-peptide linking' y 'GLUTAMIC ACID' ? 'C5 H9 N O4'     147.129 
GLY 'peptide linking'   y GLYCINE         ? 'C2 H5 N O2'     75.067  
HIS 'L-peptide linking' y HISTIDINE       ? 'C6 H10 N3 O2 1' 156.162 
HOH non-polymer         . WATER           ? 'H2 O'           18.015  
ILE 'L-peptide linking' y ISOLEUCINE      ? 'C6 H13 N O2'    131.173 
LEU 'L-peptide linking' y LEUCINE         ? 'C6 H13 N O2'    131.173 
LYS 'L-peptide linking' y LYSINE          ? 'C6 H15 N2 O2 1' 147.195 
MET 'L-peptide linking' y METHIONINE      ? 'C5 H11 N O2 S'  149.211 
PHE 'L-peptide linking' y PHENYLALANINE   ? 'C9 H11 N O2'    165.189 
PRO 'L-peptide linking' y PROLINE         ? 'C5 H9 N O2'     115.130 
SER 'L-peptide linking' y SERINE          ? 'C3 H7 N O3'     105.093 
THR 'L-peptide linking' y THREONINE       ? 'C4 H9 N O3'     119.119 
TYR 'L-peptide linking' y TYROSINE        ? 'C9 H11 N O3'    181.189 
VAL 'L-peptide linking' y VALINE          ? 'C5 H11 N O2'    117.146 
# 
loop_
_pdbx_poly_seq_scheme.asym_id 
_pdbx_poly_seq_scheme.entity_id 
_pdbx_poly_seq_scheme.seq_id 
_pdbx_poly_seq_scheme.mon_id 
_pdbx_poly_seq_scheme.ndb_seq_num 
_pdbx_poly_seq_scheme.pdb_seq_num 
_pdbx_poly_seq_scheme.auth_seq_num 
_pdbx_poly_seq_scheme.pdb_mon_id 
_pdbx_poly_seq_scheme.auth_mon_id 
_pdbx_poly_seq_scheme.pdb_strand_id 
_pdbx_poly_seq_scheme.pdb_ins_code 
_pdbx_poly_seq_scheme.hetero 
A 1 1   GLN 1   -1  -1  GLN GLN A . n 
A 1 2   ALA 2   0   0   ALA ALA A . n 
A 1 3   MET 3   1   1   MET MET A . n 
A 1 4   PHE 4   2   2   PHE PHE A . n 
A 1 5   GLU 5   3   3   GLU GLU A . n 
A 1 6   ARG 6   4   4   ARG ARG A . n 
A 1 7   PHE 7   5   5   PHE PHE A . n 
A 1 8   THR 8   6   6   THR THR A . n 
A 1 9   ASP 9   7   7   ASP ASP A . n 
A 1 10  ARG 10  8   8   ARG ARG A . n 
A 1 11  ALA 11  9   9   ALA ALA A . n 
A 1 12  ARG 12  10  10  ARG ARG A . n 
A 1 13  ARG 13  11  11  ARG ARG A . n 
A 1 14  VAL 14  12  12  VAL VAL A . n 
A 1 15  ILE 15  13  13  ILE ILE A . n 
A 1 16  VAL 16  14  14  VAL VAL A . n 
A 1 17  LEU 17  15  15  LEU LEU A . n 
A 1 18  ALA 18  16  16  ALA ALA A . n 
A 1 19  GLN 19  17  17  GLN GLN A . n 
A 1 20  GLU 20  18  18  GLU GLU A . n 
A 1 21  GLU 21  19  19  GLU GLU A . n 
A 1 22  ALA 22  20  20  ALA ALA A . n 
A 1 23  ARG 23  21  21  ARG ARG A . n 
A 1 24  MET 24  22  22  MET MET A . n 
A 1 25  LEU 25  23  23  LEU LEU A . n 
A 1 26  ASN 26  24  24  ASN ASN A . n 
A 1 27  HIS 27  25  25  HIS HIS A . n 
A 1 28  ASN 28  26  26  ASN ASN A . n 
A 1 29  TYR 29  27  27  TYR TYR A . n 
A 1 30  ILE 30  28  28  ILE ILE A . n 
A 1 31  GLY 31  29  29  GLY GLY A . n 
A 1 32  THR 32  30  30  THR THR A . n 
A 1 33  GLU 33  31  31  GLU GLU A . n 
A 1 34  HIS 34  32  32  HIS HIS A . n 
A 1 35  ILE 35  33  33  ILE ILE A . n 
A 1 36  LEU 36  34  34  LEU LEU A . n 
A 1 37  LEU 37  35  35  LEU LEU A . n 
A 1 38  GLY 38  36  36  GLY GLY A . n 
A 1 39  LEU 39  37  37  LEU LEU A . n 
A 1 40  ILE 40  38  38  ILE ILE A . n 
A 1 41  HIS 41  39  39  HIS HIS A . n 
A 1 42  GLU 42  40  40  GLU GLU A . n 
A 1 43  GLY 43  41  41  GLY GLY A . n 
A 1 44  GLU 44  42  42  GLU GLU A . n 
A 1 45  GLY 45  43  43  GLY GLY A . n 
A 1 46  VAL 46  44  44  VAL VAL A . n 
A 1 47  ALA 47  45  45  ALA ALA A . n 
A 1 48  ALA 48  46  46  ALA ALA A . n 
A 1 49  LYS 49  47  47  LYS LYS A . n 
A 1 50  ALA 50  48  48  ALA ALA A . n 
A 1 51  LEU 51  49  49  LEU LEU A . n 
A 1 52  GLU 52  50  50  GLU GLU A . n 
A 1 53  SER 53  51  51  SER SER A . n 
A 1 54  MET 54  52  52  MET MET A . n 
A 1 55  GLY 55  53  53  GLY GLY A . n 
A 1 56  ILE 56  54  54  ILE ILE A . n 
A 1 57  SER 57  55  55  SER SER A . n 
A 1 58  LEU 58  56  56  LEU LEU A . n 
A 1 59  ASP 59  57  57  ASP ASP A . n 
A 1 60  ALA 60  58  58  ALA ALA A . n 
A 1 61  VAL 61  59  59  VAL VAL A . n 
A 1 62  ARG 62  60  60  ARG ARG A . n 
A 1 63  GLN 63  61  61  GLN GLN A . n 
A 1 64  GLU 64  62  62  GLU GLU A . n 
A 1 65  VAL 65  63  63  VAL VAL A . n 
A 1 66  GLU 66  64  64  GLU GLU A . n 
A 1 67  GLU 67  65  65  GLU GLU A . n 
A 1 68  ILE 68  66  66  ILE ILE A . n 
A 1 69  ILE 69  67  67  ILE ILE A . n 
A 1 70  GLY 70  68  68  GLY GLY A . n 
A 1 71  GLN 71  69  69  GLN GLN A . n 
A 1 72  GLY 72  70  70  GLY GLY A . n 
A 1 73  SER 73  71  71  SER SER A . n 
A 1 74  GLN 74  72  72  GLN GLN A . n 
A 1 75  PRO 75  73  73  PRO PRO A . n 
A 1 76  THR 76  74  74  THR THR A . n 
A 1 77  THR 77  75  75  THR THR A . n 
A 1 78  GLY 78  76  76  GLY GLY A . n 
A 1 79  HIS 79  77  77  HIS HIS A . n 
A 1 80  ILE 80  78  78  ILE ILE A . n 
A 1 81  PRO 81  79  79  PRO PRO A . n 
A 1 82  PHE 82  80  80  PHE PHE A . n 
A 1 83  THR 83  81  81  THR THR A . n 
A 1 84  PRO 84  82  82  PRO PRO A . n 
A 1 85  ARG 85  83  83  ARG ARG A . n 
A 1 86  ALA 86  84  84  ALA ALA A . n 
A 1 87  LYS 87  85  85  LYS LYS A . n 
A 1 88  LYS 88  86  86  LYS LYS A . n 
A 1 89  VAL 89  87  87  VAL VAL A . n 
A 1 90  LEU 90  88  88  LEU LEU A . n 
A 1 91  GLU 91  89  89  GLU GLU A . n 
A 1 92  LEU 92  90  90  LEU LEU A . n 
A 1 93  SER 93  91  91  SER SER A . n 
A 1 94  LEU 94  92  92  LEU LEU A . n 
A 1 95  ARG 95  93  93  ARG ARG A . n 
A 1 96  GLU 96  94  94  GLU GLU A . n 
A 1 97  GLY 97  95  95  GLY GLY A . n 
A 1 98  LEU 98  96  96  LEU LEU A . n 
A 1 99  GLN 99  97  97  GLN GLN A . n 
A 1 100 MET 100 98  98  MET MET A . n 
A 1 101 GLY 101 99  99  GLY GLY A . n 
A 1 102 HIS 102 100 100 HIS HIS A . n 
A 1 103 LYS 103 101 101 LYS LYS A . n 
A 1 104 TYR 104 102 102 TYR TYR A . n 
A 1 105 ILE 105 103 103 ILE ILE A . n 
A 1 106 GLY 106 104 104 GLY GLY A . n 
A 1 107 THR 107 105 105 THR THR A . n 
A 1 108 GLU 108 106 106 GLU GLU A . n 
A 1 109 PHE 109 107 107 PHE PHE A . n 
A 1 110 LEU 110 108 108 LEU LEU A . n 
A 1 111 LEU 111 109 109 LEU LEU A . n 
A 1 112 LEU 112 110 110 LEU LEU A . n 
A 1 113 GLY 113 111 111 GLY GLY A . n 
A 1 114 LEU 114 112 112 LEU LEU A . n 
A 1 115 ILE 115 113 113 ILE ILE A . n 
A 1 116 ARG 116 114 114 ARG ARG A . n 
A 1 117 GLU 117 115 115 GLU GLU A . n 
A 1 118 GLY 118 116 116 GLY GLY A . n 
A 1 119 GLU 119 117 117 GLU GLU A . n 
A 1 120 GLY 120 118 118 GLY GLY A . n 
A 1 121 VAL 121 119 119 VAL VAL A . n 
A 1 122 ALA 122 120 120 ALA ALA A . n 
A 1 123 ALA 123 121 121 ALA ALA A . n 
A 1 124 GLN 124 122 122 GLN GLN A . n 
A 1 125 VAL 125 123 123 VAL VAL A . n 
A 1 126 LEU 126 124 124 LEU LEU A . n 
A 1 127 VAL 127 125 125 VAL VAL A . n 
A 1 128 LYS 128 126 126 LYS LYS A . n 
A 1 129 LEU 129 127 127 LEU LEU A . n 
A 1 130 GLY 130 128 128 GLY GLY A . n 
A 1 131 ALA 131 129 129 ALA ALA A . n 
A 1 132 ASP 132 130 130 ASP ASP A . n 
A 1 133 LEU 133 131 131 LEU LEU A . n 
A 1 134 PRO 134 132 132 PRO PRO A . n 
A 1 135 ARG 135 133 133 ARG ARG A . n 
A 1 136 VAL 136 134 134 VAL VAL A . n 
A 1 137 ARG 137 135 135 ARG ARG A . n 
A 1 138 GLN 138 136 136 GLN GLN A . n 
A 1 139 GLN 139 137 137 GLN GLN A . n 
A 1 140 VAL 140 138 138 VAL VAL A . n 
A 1 141 ILE 141 139 139 ILE ILE A . n 
A 1 142 GLN 142 140 140 GLN GLN A . n 
A 1 143 LEU 143 141 141 LEU LEU A . n 
A 1 144 LEU 144 142 142 LEU LEU A . n 
A 1 145 SER 145 143 143 SER SER A . n 
A 1 146 GLY 146 144 144 GLY GLY A . n 
# 
loop_
_pdbx_nonpoly_scheme.asym_id 
_pdbx_nonpoly_scheme.entity_id 
_pdbx_nonpoly_scheme.mon_id 
_pdbx_nonpoly_scheme.ndb_seq_num 
_pdbx_nonpoly_scheme.pdb_seq_num 
_pdbx_nonpoly_scheme.auth_seq_num 
_pdbx_nonpoly_scheme.pdb_mon_id 
_pdbx_nonpoly_scheme.auth_mon_id 
_pdbx_nonpoly_scheme.pdb_strand_id 
_pdbx_nonpoly_scheme.pdb_ins_code 
B 2 HOH 1   145 1  HOH HOH A . 
B 2 HOH 2   146 2  HOH HOH A . 
B 2 HOH 3   147 3  HOH HOH A . 
B 2 HOH 4   148 4  HOH HOH A . 
B 2 HOH 5   149 5  HOH HOH A . 
B 2 HOH 6   150 6  HOH HOH A . 
B 2 HOH 7   151 7  HOH HOH A . 
B 2 HOH 8   152 8  HOH HOH A . 
B 2 HOH 9   153 9  HOH HOH A . 
B 2 HOH 10  154 10 HOH HOH A . 
B 2 HOH 11  155 11 HOH HOH A . 
B 2 HOH 12  156 12 HOH HOH A . 
B 2 HOH 13  157 13 HOH HOH A . 
B 2 HOH 14  158 14 HOH HOH A . 
B 2 HOH 15  159 16 HOH HOH A . 
B 2 HOH 16  160 17 HOH HOH A . 
B 2 HOH 17  161 18 HOH HOH A . 
B 2 HOH 18  162 19 HOH HOH A . 
B 2 HOH 19  163 20 HOH HOH A . 
B 2 HOH 20  164 22 HOH HOH A . 
B 2 HOH 21  165 23 HOH HOH A . 
B 2 HOH 22  166 27 HOH HOH A . 
B 2 HOH 23  167 28 HOH HOH A . 
B 2 HOH 24  168 29 HOH HOH A . 
B 2 HOH 25  169 30 HOH HOH A . 
B 2 HOH 26  170 32 HOH HOH A . 
B 2 HOH 27  171 33 HOH HOH A . 
B 2 HOH 28  172 34 HOH HOH A . 
B 2 HOH 29  173 36 HOH HOH A . 
B 2 HOH 30  174 37 HOH HOH A . 
B 2 HOH 31  175 38 HOH HOH A . 
B 2 HOH 32  176 39 HOH HOH A . 
B 2 HOH 33  177 40 HOH HOH A . 
B 2 HOH 34  178 41 HOH HOH A . 
B 2 HOH 35  179 42 HOH HOH A . 
B 2 HOH 36  180 43 HOH HOH A . 
B 2 HOH 37  181 44 HOH HOH A . 
B 2 HOH 38  182 45 HOH HOH A . 
B 2 HOH 39  183 46 HOH HOH A . 
B 2 HOH 40  184 47 HOH HOH A . 
B 2 HOH 41  185 48 HOH HOH A . 
B 2 HOH 42  186 49 HOH HOH A . 
B 2 HOH 43  187 51 HOH HOH A . 
B 2 HOH 44  188 53 HOH HOH A . 
B 2 HOH 45  189 54 HOH HOH A . 
B 2 HOH 46  190 55 HOH HOH A . 
B 2 HOH 47  191 61 HOH HOH A . 
B 2 HOH 48  192 63 HOH HOH A . 
B 2 HOH 49  193 64 HOH HOH A . 
B 2 HOH 50  194 65 HOH HOH A . 
B 2 HOH 51  195 67 HOH HOH A . 
B 2 HOH 52  196 68 HOH HOH A . 
B 2 HOH 53  197 69 HOH HOH A . 
B 2 HOH 54  198 70 HOH HOH A . 
B 2 HOH 55  199 71 HOH HOH A . 
B 2 HOH 56  200 74 HOH HOH A . 
B 2 HOH 57  201 76 HOH HOH A . 
B 2 HOH 58  202 77 HOH HOH A . 
B 2 HOH 59  203 78 HOH HOH A . 
B 2 HOH 60  204 79 HOH HOH A . 
B 2 HOH 61  205 80 HOH HOH A . 
B 2 HOH 62  206 1  HOH HOH A . 
B 2 HOH 63  207 2  HOH HOH A . 
B 2 HOH 64  208 3  HOH HOH A . 
B 2 HOH 65  209 4  HOH HOH A . 
B 2 HOH 66  210 5  HOH HOH A . 
B 2 HOH 67  211 6  HOH HOH A . 
B 2 HOH 68  212 7  HOH HOH A . 
B 2 HOH 69  213 8  HOH HOH A . 
B 2 HOH 70  214 9  HOH HOH A . 
B 2 HOH 71  215 10 HOH HOH A . 
B 2 HOH 72  216 11 HOH HOH A . 
B 2 HOH 73  217 12 HOH HOH A . 
B 2 HOH 74  218 13 HOH HOH A . 
B 2 HOH 75  219 14 HOH HOH A . 
B 2 HOH 76  220 15 HOH HOH A . 
B 2 HOH 77  221 16 HOH HOH A . 
B 2 HOH 78  222 18 HOH HOH A . 
B 2 HOH 79  223 19 HOH HOH A . 
B 2 HOH 80  224 20 HOH HOH A . 
B 2 HOH 81  225 21 HOH HOH A . 
B 2 HOH 82  226 22 HOH HOH A . 
B 2 HOH 83  227 23 HOH HOH A . 
B 2 HOH 84  228 24 HOH HOH A . 
B 2 HOH 85  229 26 HOH HOH A . 
B 2 HOH 86  230 27 HOH HOH A . 
B 2 HOH 87  231 28 HOH HOH A . 
B 2 HOH 88  232 29 HOH HOH A . 
B 2 HOH 89  233 30 HOH HOH A . 
B 2 HOH 90  234 31 HOH HOH A . 
B 2 HOH 91  235 32 HOH HOH A . 
B 2 HOH 92  236 33 HOH HOH A . 
B 2 HOH 93  237 34 HOH HOH A . 
B 2 HOH 94  238 35 HOH HOH A . 
B 2 HOH 95  239 36 HOH HOH A . 
B 2 HOH 96  240 37 HOH HOH A . 
B 2 HOH 97  241 38 HOH HOH A . 
B 2 HOH 98  242 39 HOH HOH A . 
B 2 HOH 99  243 40 HOH HOH A . 
B 2 HOH 100 244 41 HOH HOH A . 
B 2 HOH 101 245 42 HOH HOH A . 
B 2 HOH 102 246 43 HOH HOH A . 
B 2 HOH 103 247 44 HOH HOH A . 
B 2 HOH 104 248 45 HOH HOH A . 
B 2 HOH 105 249 47 HOH HOH A . 
B 2 HOH 106 250 48 HOH HOH A . 
B 2 HOH 107 251 49 HOH HOH A . 
B 2 HOH 108 252 50 HOH HOH A . 
B 2 HOH 109 253 52 HOH HOH A . 
B 2 HOH 110 254 53 HOH HOH A . 
B 2 HOH 111 255 54 HOH HOH A . 
B 2 HOH 112 256 55 HOH HOH A . 
B 2 HOH 113 257 56 HOH HOH A . 
B 2 HOH 114 258 57 HOH HOH A . 
B 2 HOH 115 259 58 HOH HOH A . 
B 2 HOH 116 260 59 HOH HOH A . 
B 2 HOH 117 261 60 HOH HOH A . 
B 2 HOH 118 262 61 HOH HOH A . 
B 2 HOH 119 263 62 HOH HOH A . 
B 2 HOH 120 264 63 HOH HOH A . 
B 2 HOH 121 265 64 HOH HOH A . 
B 2 HOH 122 266 65 HOH HOH A . 
B 2 HOH 123 267 66 HOH HOH A . 
B 2 HOH 124 268 67 HOH HOH A . 
B 2 HOH 125 269 68 HOH HOH A . 
B 2 HOH 126 270 69 HOH HOH A . 
B 2 HOH 127 271 70 HOH HOH A . 
B 2 HOH 128 272 72 HOH HOH A . 
B 2 HOH 129 273 73 HOH HOH A . 
B 2 HOH 130 274 74 HOH HOH A . 
B 2 HOH 131 275 75 HOH HOH A . 
# 
loop_
_software.name 
_software.classification 
_software.version 
_software.citation_id 
_software.pdbx_ordinal 
SBC-Collect 'data collection' .        ? 1 
HKL-3000    phasing           .        ? 2 
REFMAC      refinement        5.5.0054 ? 3 
HKL-3000    'data reduction'  .        ? 4 
HKL-3000    'data scaling'    .        ? 5 
# 
_cell.entry_id           3FH2 
_cell.length_a           33.231 
_cell.length_b           60.830 
_cell.length_c           68.767 
_cell.angle_alpha        90.00 
_cell.angle_beta         90.00 
_cell.angle_gamma        90.00 
_cell.Z_PDB              4 
_cell.pdbx_unique_axis   ? 
_cell.length_a_esd       ? 
_cell.length_b_esd       ? 
_cell.length_c_esd       ? 
_cell.angle_alpha_esd    ? 
_cell.angle_beta_esd     ? 
_cell.angle_gamma_esd    ? 
# 
_symmetry.entry_id                         3FH2 
_symmetry.space_group_name_H-M             'P 21 21 21' 
_symmetry.pdbx_full_space_group_name_H-M   ? 
_symmetry.cell_setting                     ? 
_symmetry.Int_Tables_number                19 
_symmetry.space_group_name_Hall            ? 
# 
_exptl.entry_id          3FH2 
_exptl.method            'X-RAY DIFFRACTION' 
_exptl.crystals_number   1 
# 
_exptl_crystal.id                    1 
_exptl_crystal.density_meas          ? 
_exptl_crystal.density_Matthews      2.16 
_exptl_crystal.density_percent_sol   42.98 
_exptl_crystal.description           ? 
_exptl_crystal.F_000                 ? 
_exptl_crystal.preparation           ? 
# 
_exptl_crystal_grow.crystal_id      1 
_exptl_crystal_grow.method          'VAPOR DIFFUSION, SITTING DROP' 
_exptl_crystal_grow.temp            289 
_exptl_crystal_grow.temp_details    ? 
_exptl_crystal_grow.pH              5.6 
_exptl_crystal_grow.pdbx_details    
'25.5% PEG4000, 0.085M Na Citrate, 0.17M Ammonium acetate, 15% glycerol, pH 5.6, VAPOR DIFFUSION, SITTING DROP, temperature 289K' 
_exptl_crystal_grow.pdbx_pH_range   ? 
# 
_diffrn.id                     1 
_diffrn.ambient_temp           100 
_diffrn.ambient_temp_details   ? 
_diffrn.crystal_id             1 
# 
_diffrn_detector.diffrn_id              1 
_diffrn_detector.detector               CCD 
_diffrn_detector.type                   'ADSC QUANTUM 315' 
_diffrn_detector.pdbx_collection_date   2008-11-22 
_diffrn_detector.details                mirrors 
# 
_diffrn_radiation.diffrn_id                        1 
_diffrn_radiation.wavelength_id                    1 
_diffrn_radiation.pdbx_monochromatic_or_laue_m_l   M 
_diffrn_radiation.monochromator                    'Si 111 channel' 
_diffrn_radiation.pdbx_diffrn_protocol             'SINGLE WAVELENGTH' 
_diffrn_radiation.pdbx_scattering_type             x-ray 
# 
_diffrn_radiation_wavelength.id           1 
_diffrn_radiation_wavelength.wavelength   0.9794 
_diffrn_radiation_wavelength.wt           1.0 
# 
_diffrn_source.diffrn_id                   1 
_diffrn_source.source                      SYNCHROTRON 
_diffrn_source.type                        'APS BEAMLINE 19-BM' 
_diffrn_source.pdbx_synchrotron_site       APS 
_diffrn_source.pdbx_synchrotron_beamline   19-BM 
_diffrn_source.pdbx_wavelength             ? 
_diffrn_source.pdbx_wavelength_list        0.9794 
# 
_reflns.entry_id                     3FH2 
_reflns.observed_criterion_sigma_I   2 
_reflns.observed_criterion_sigma_F   2 
_reflns.d_resolution_low             34.38 
_reflns.d_resolution_high            1.6 
_reflns.number_obs                   17893 
_reflns.number_all                   18037 
_reflns.percent_possible_obs         99.2 
_reflns.pdbx_Rmerge_I_obs            0.08 
_reflns.pdbx_Rsym_value              ? 
_reflns.pdbx_netI_over_sigmaI        30.1 
_reflns.B_iso_Wilson_estimate        10 
_reflns.pdbx_redundancy              8.7 
_reflns.R_free_details               ? 
_reflns.limit_h_max                  ? 
_reflns.limit_h_min                  ? 
_reflns.limit_k_max                  ? 
_reflns.limit_k_min                  ? 
_reflns.limit_l_max                  ? 
_reflns.limit_l_min                  ? 
_reflns.observed_criterion_F_max     ? 
_reflns.observed_criterion_F_min     ? 
_reflns.pdbx_chi_squared             ? 
_reflns.pdbx_scaling_rejects         ? 
_reflns.pdbx_ordinal                 1 
_reflns.pdbx_diffrn_id               1 
# 
_reflns_shell.d_res_high             1.6 
_reflns_shell.d_res_low              1.642 
_reflns_shell.percent_possible_all   91.63 
_reflns_shell.Rmerge_I_obs           0.317 
_reflns_shell.pdbx_Rsym_value        ? 
_reflns_shell.meanI_over_sigI_obs    2.69 
_reflns_shell.pdbx_redundancy        6.5 
_reflns_shell.percent_possible_obs   ? 
_reflns_shell.number_unique_all      1374 
_reflns_shell.number_measured_all    ? 
_reflns_shell.number_measured_obs    ? 
_reflns_shell.number_unique_obs      ? 
_reflns_shell.pdbx_chi_squared       ? 
_reflns_shell.pdbx_ordinal           1 
_reflns_shell.pdbx_diffrn_id         1 
# 
_refine.entry_id                                 3FH2 
_refine.ls_number_reflns_obs                     17893 
_refine.ls_number_reflns_all                     18037 
_refine.pdbx_ls_sigma_I                          0 
_refine.pdbx_ls_sigma_F                          0 
_refine.pdbx_data_cutoff_high_absF               ? 
_refine.pdbx_data_cutoff_low_absF                ? 
_refine.pdbx_data_cutoff_high_rms_absF           ? 
_refine.ls_d_res_low                             34.38 
_refine.ls_d_res_high                            1.60 
_refine.ls_percent_reflns_obs                    99.20 
_refine.ls_R_factor_obs                          0.19109 
_refine.ls_R_factor_all                          ? 
_refine.ls_R_factor_R_work                       0.18894 
_refine.ls_R_factor_R_free                       0.23105 
_refine.ls_R_factor_R_free_error                 ? 
_refine.ls_R_factor_R_free_error_details         ? 
_refine.ls_percent_reflns_R_free                 5.1 
_refine.ls_number_reflns_R_free                  971 
_refine.ls_number_parameters                     ? 
_refine.ls_number_restraints                     ? 
_refine.occupancy_min                            ? 
_refine.occupancy_max                            ? 
_refine.correlation_coeff_Fo_to_Fc               0.954 
_refine.correlation_coeff_Fo_to_Fc_free          0.935 
_refine.B_iso_mean                               9.507 
_refine.aniso_B[1][1]                            -1.22 
_refine.aniso_B[2][2]                            -1.30 
_refine.aniso_B[3][3]                            2.52 
_refine.aniso_B[1][2]                            0.00 
_refine.aniso_B[1][3]                            0.00 
_refine.aniso_B[2][3]                            0.00 
_refine.solvent_model_details                    MASK 
_refine.solvent_model_param_ksol                 ? 
_refine.solvent_model_param_bsol                 ? 
_refine.pdbx_solvent_vdw_probe_radii             1.20 
_refine.pdbx_solvent_ion_probe_radii             0.80 
_refine.pdbx_solvent_shrinkage_radii             0.80 
_refine.pdbx_ls_cross_valid_method               THROUGHOUT 
_refine.details                                  'HYDROGENS HAVE BEEN ADDED IN THE RIDING POSITIONS' 
_refine.pdbx_starting_model                      ? 
_refine.pdbx_method_to_determine_struct          SAD 
_refine.pdbx_isotropic_thermal_model             ? 
_refine.pdbx_stereochemistry_target_values       'MAXIMUM LIKELIHOOD WITH PHASES' 
_refine.pdbx_stereochem_target_val_spec_case     ? 
_refine.pdbx_R_Free_selection_details            RANDOM 
_refine.pdbx_overall_ESU_R                       0.097 
_refine.pdbx_overall_ESU_R_Free                  0.100 
_refine.overall_SU_ML                            0.057 
_refine.overall_SU_B                             3.558 
_refine.ls_redundancy_reflns_obs                 ? 
_refine.B_iso_min                                ? 
_refine.B_iso_max                                ? 
_refine.overall_SU_R_Cruickshank_DPI             ? 
_refine.overall_SU_R_free                        ? 
_refine.ls_wR_factor_R_free                      ? 
_refine.ls_wR_factor_R_work                      ? 
_refine.overall_FOM_free_R_set                   ? 
_refine.overall_FOM_work_R_set                   ? 
_refine.pdbx_overall_phase_error                 ? 
_refine.pdbx_refine_id                           'X-RAY DIFFRACTION' 
_refine.pdbx_TLS_residual_ADP_flag               'LIKELY RESIDUAL' 
_refine.pdbx_diffrn_id                           1 
_refine.pdbx_overall_SU_R_free_Cruickshank_DPI   ? 
_refine.pdbx_overall_SU_R_Blow_DPI               ? 
_refine.pdbx_overall_SU_R_free_Blow_DPI          ? 
# 
_refine_hist.pdbx_refine_id                   'X-RAY DIFFRACTION' 
_refine_hist.cycle_id                         LAST 
_refine_hist.pdbx_number_atoms_protein        1130 
_refine_hist.pdbx_number_atoms_nucleic_acid   0 
_refine_hist.pdbx_number_atoms_ligand         0 
_refine_hist.number_atoms_solvent             131 
_refine_hist.number_atoms_total               1261 
_refine_hist.d_res_high                       1.60 
_refine_hist.d_res_low                        34.38 
# 
loop_
_refine_ls_restr.type 
_refine_ls_restr.dev_ideal 
_refine_ls_restr.dev_ideal_target 
_refine_ls_restr.weight 
_refine_ls_restr.number 
_refine_ls_restr.pdbx_refine_id 
_refine_ls_restr.pdbx_restraint_function 
r_bond_refined_d       0.020  0.022  ? 1144 'X-RAY DIFFRACTION' ? 
r_bond_other_d         0.002  0.020  ? 794  'X-RAY DIFFRACTION' ? 
r_angle_refined_deg    1.792  1.982  ? 1539 'X-RAY DIFFRACTION' ? 
r_angle_other_deg      1.083  3.000  ? 1935 'X-RAY DIFFRACTION' ? 
r_dihedral_angle_1_deg 6.324  5.000  ? 145  'X-RAY DIFFRACTION' ? 
r_dihedral_angle_2_deg 31.667 23.654 ? 52   'X-RAY DIFFRACTION' ? 
r_dihedral_angle_3_deg 13.030 15.000 ? 215  'X-RAY DIFFRACTION' ? 
r_dihedral_angle_4_deg 17.727 15.000 ? 11   'X-RAY DIFFRACTION' ? 
r_chiral_restr         0.111  0.200  ? 178  'X-RAY DIFFRACTION' ? 
r_gen_planes_refined   0.009  0.020  ? 1268 'X-RAY DIFFRACTION' ? 
r_gen_planes_other     0.001  0.020  ? 223  'X-RAY DIFFRACTION' ? 
r_mcbond_it            1.118  1.500  ? 717  'X-RAY DIFFRACTION' ? 
r_mcbond_other         0.371  1.500  ? 303  'X-RAY DIFFRACTION' ? 
r_mcangle_it           1.803  2.000  ? 1145 'X-RAY DIFFRACTION' ? 
r_scbond_it            3.385  3.000  ? 427  'X-RAY DIFFRACTION' ? 
r_scangle_it           5.399  4.500  ? 394  'X-RAY DIFFRACTION' ? 
# 
_refine_ls_shell.pdbx_total_number_of_bins_used   20 
_refine_ls_shell.d_res_high                       1.601 
_refine_ls_shell.d_res_low                        1.642 
_refine_ls_shell.number_reflns_R_work             1196 
_refine_ls_shell.R_factor_R_work                  0.303 
_refine_ls_shell.percent_reflns_obs               91.63 
_refine_ls_shell.R_factor_R_free                  0.324 
_refine_ls_shell.R_factor_R_free_error            ? 
_refine_ls_shell.percent_reflns_R_free            ? 
_refine_ls_shell.number_reflns_R_free             63 
_refine_ls_shell.number_reflns_all                ? 
_refine_ls_shell.R_factor_all                     ? 
_refine_ls_shell.number_reflns_obs                1259 
_refine_ls_shell.redundancy_reflns_obs            ? 
_refine_ls_shell.pdbx_refine_id                   'X-RAY DIFFRACTION' 
# 
_struct.entry_id                  3FH2 
_struct.title                     
'The crystal structure of the PROBABLE ATP-DEPENDENT PROTEASE (HEAT SHOCK PROTEIN) from Corynebacterium glutamicum' 
_struct.pdbx_model_details        ? 
_struct.pdbx_CASP_flag            ? 
_struct.pdbx_model_type_details   ? 
# 
_struct_keywords.entry_id        3FH2 
_struct_keywords.pdbx_keywords   HYDROLASE 
_struct_keywords.text            
;PROBABLE ATP-DEPENDENT PROTEASE (HEAT SHOCK PROTEIN), Structural genomics, PSI2, MCSG, Protein Structure Initiative, Midwest Center for Structural Genomics, ATP-binding, Chaperone, Hydrolase, Nucleotide-binding, Protease, Stress response
;
# 
loop_
_struct_asym.id 
_struct_asym.pdbx_blank_PDB_chainid_flag 
_struct_asym.pdbx_modified 
_struct_asym.entity_id 
_struct_asym.details 
A N N 1 ? 
B N N 2 ? 
# 
_struct_ref.id                         1 
_struct_ref.db_name                    UNP 
_struct_ref.db_code                    Q8NMA0_CORGL 
_struct_ref.pdbx_db_accession          Q8NMA0 
_struct_ref.entity_id                  1 
_struct_ref.pdbx_seq_one_letter_code   
;MFERFTDRARRVIVLAQEEARMLNHNYIGTEHILLGLIHEGEGVAAKALESMGISLDAVRQEVEEIIGQGSQPTTGHIPF
TPRAKKVLELSLREGLQMGHKYIGTEFLLLGLIREGEGVAAQVLVKLGADLPRVRQQVIQLLS
;
_struct_ref.pdbx_align_begin           1 
_struct_ref.pdbx_db_isoform            ? 
# 
_struct_ref_seq.align_id                      1 
_struct_ref_seq.ref_id                        1 
_struct_ref_seq.pdbx_PDB_id_code              3FH2 
_struct_ref_seq.pdbx_strand_id                A 
_struct_ref_seq.seq_align_beg                 3 
_struct_ref_seq.pdbx_seq_align_beg_ins_code   ? 
_struct_ref_seq.seq_align_end                 145 
_struct_ref_seq.pdbx_seq_align_end_ins_code   ? 
_struct_ref_seq.pdbx_db_accession             Q8NMA0 
_struct_ref_seq.db_align_beg                  1 
_struct_ref_seq.pdbx_db_align_beg_ins_code    ? 
_struct_ref_seq.db_align_end                  143 
_struct_ref_seq.pdbx_db_align_end_ins_code    ? 
_struct_ref_seq.pdbx_auth_seq_align_beg       1 
_struct_ref_seq.pdbx_auth_seq_align_end       143 
# 
loop_
_struct_ref_seq_dif.align_id 
_struct_ref_seq_dif.pdbx_pdb_id_code 
_struct_ref_seq_dif.mon_id 
_struct_ref_seq_dif.pdbx_pdb_strand_id 
_struct_ref_seq_dif.seq_num 
_struct_ref_seq_dif.pdbx_pdb_ins_code 
_struct_ref_seq_dif.pdbx_seq_db_name 
_struct_ref_seq_dif.pdbx_seq_db_accession_code 
_struct_ref_seq_dif.db_mon_id 
_struct_ref_seq_dif.pdbx_seq_db_seq_num 
_struct_ref_seq_dif.details 
_struct_ref_seq_dif.pdbx_auth_seq_num 
_struct_ref_seq_dif.pdbx_ordinal 
1 3FH2 GLN A 1   ? UNP Q8NMA0 ? ? 'expression tag' -1  1 
1 3FH2 ALA A 2   ? UNP Q8NMA0 ? ? 'expression tag' 0   2 
1 3FH2 GLY A 146 ? UNP Q8NMA0 ? ? 'expression tag' 144 3 
# 
_pdbx_struct_assembly.id                   1 
_pdbx_struct_assembly.details              author_and_software_defined_assembly 
_pdbx_struct_assembly.method_details       PISA 
_pdbx_struct_assembly.oligomeric_details   monomeric 
_pdbx_struct_assembly.oligomeric_count     1 
# 
_pdbx_struct_assembly_gen.assembly_id       1 
_pdbx_struct_assembly_gen.oper_expression   1 
_pdbx_struct_assembly_gen.asym_id_list      A,B 
# 
_pdbx_struct_oper_list.id                   1 
_pdbx_struct_oper_list.type                 'identity operation' 
_pdbx_struct_oper_list.name                 1_555 
_pdbx_struct_oper_list.symmetry_operation   x,y,z 
_pdbx_struct_oper_list.matrix[1][1]         1.0000000000 
_pdbx_struct_oper_list.matrix[1][2]         0.0000000000 
_pdbx_struct_oper_list.matrix[1][3]         0.0000000000 
_pdbx_struct_oper_list.vector[1]            0.0000000000 
_pdbx_struct_oper_list.matrix[2][1]         0.0000000000 
_pdbx_struct_oper_list.matrix[2][2]         1.0000000000 
_pdbx_struct_oper_list.matrix[2][3]         0.0000000000 
_pdbx_struct_oper_list.vector[2]            0.0000000000 
_pdbx_struct_oper_list.matrix[3][1]         0.0000000000 
_pdbx_struct_oper_list.matrix[3][2]         0.0000000000 
_pdbx_struct_oper_list.matrix[3][3]         1.0000000000 
_pdbx_struct_oper_list.vector[3]            0.0000000000 
# 
_struct_biol.id   1 
# 
loop_
_struct_conf.conf_type_id 
_struct_conf.id 
_struct_conf.pdbx_PDB_helix_id 
_struct_conf.beg_label_comp_id 
_struct_conf.beg_label_asym_id 
_struct_conf.beg_label_seq_id 
_struct_conf.pdbx_beg_PDB_ins_code 
_struct_conf.end_label_comp_id 
_struct_conf.end_label_asym_id 
_struct_conf.end_label_seq_id 
_struct_conf.pdbx_end_PDB_ins_code 
_struct_conf.beg_auth_comp_id 
_struct_conf.beg_auth_asym_id 
_struct_conf.beg_auth_seq_id 
_struct_conf.end_auth_comp_id 
_struct_conf.end_auth_asym_id 
_struct_conf.end_auth_seq_id 
_struct_conf.pdbx_PDB_helix_class 
_struct_conf.details 
_struct_conf.pdbx_PDB_helix_length 
HELX_P HELX_P1 1 GLN A 1   ? PHE A 7   ? GLN A -1  PHE A 5   5 ? 7  
HELX_P HELX_P2 2 THR A 8   ? LEU A 25  ? THR A 6   LEU A 23  1 ? 18 
HELX_P HELX_P3 3 GLY A 31  ? GLY A 43  ? GLY A 29  GLY A 41  1 ? 13 
HELX_P HELX_P4 4 GLY A 45  ? MET A 54  ? GLY A 43  MET A 52  1 ? 10 
HELX_P HELX_P5 5 SER A 57  ? GLY A 70  ? SER A 55  GLY A 68  1 ? 14 
HELX_P HELX_P6 6 THR A 83  ? MET A 100 ? THR A 81  MET A 98  1 ? 18 
HELX_P HELX_P7 7 GLY A 106 ? GLY A 118 ? GLY A 104 GLY A 116 1 ? 13 
HELX_P HELX_P8 8 GLY A 120 ? GLY A 130 ? GLY A 118 GLY A 128 1 ? 11 
HELX_P HELX_P9 9 ASP A 132 ? SER A 145 ? ASP A 130 SER A 143 1 ? 14 
# 
_struct_conf_type.id          HELX_P 
_struct_conf_type.criteria    ? 
_struct_conf_type.reference   ? 
# 
_struct_mon_prot_cis.pdbx_id                1 
_struct_mon_prot_cis.label_comp_id          SER 
_struct_mon_prot_cis.label_seq_id           145 
_struct_mon_prot_cis.label_asym_id          A 
_struct_mon_prot_cis.label_alt_id           . 
_struct_mon_prot_cis.pdbx_PDB_ins_code      ? 
_struct_mon_prot_cis.auth_comp_id           SER 
_struct_mon_prot_cis.auth_seq_id            143 
_struct_mon_prot_cis.auth_asym_id           A 
_struct_mon_prot_cis.pdbx_label_comp_id_2   GLY 
_struct_mon_prot_cis.pdbx_label_seq_id_2    146 
_struct_mon_prot_cis.pdbx_label_asym_id_2   A 
_struct_mon_prot_cis.pdbx_PDB_ins_code_2    ? 
_struct_mon_prot_cis.pdbx_auth_comp_id_2    GLY 
_struct_mon_prot_cis.pdbx_auth_seq_id_2     144 
_struct_mon_prot_cis.pdbx_auth_asym_id_2    A 
_struct_mon_prot_cis.pdbx_PDB_model_num     1 
_struct_mon_prot_cis.pdbx_omega_angle       -17.69 
# 
loop_
_pdbx_validate_rmsd_angle.id 
_pdbx_validate_rmsd_angle.PDB_model_num 
_pdbx_validate_rmsd_angle.auth_atom_id_1 
_pdbx_validate_rmsd_angle.auth_asym_id_1 
_pdbx_validate_rmsd_angle.auth_comp_id_1 
_pdbx_validate_rmsd_angle.auth_seq_id_1 
_pdbx_validate_rmsd_angle.PDB_ins_code_1 
_pdbx_validate_rmsd_angle.label_alt_id_1 
_pdbx_validate_rmsd_angle.auth_atom_id_2 
_pdbx_validate_rmsd_angle.auth_asym_id_2 
_pdbx_validate_rmsd_angle.auth_comp_id_2 
_pdbx_validate_rmsd_angle.auth_seq_id_2 
_pdbx_validate_rmsd_angle.PDB_ins_code_2 
_pdbx_validate_rmsd_angle.label_alt_id_2 
_pdbx_validate_rmsd_angle.auth_atom_id_3 
_pdbx_validate_rmsd_angle.auth_asym_id_3 
_pdbx_validate_rmsd_angle.auth_comp_id_3 
_pdbx_validate_rmsd_angle.auth_seq_id_3 
_pdbx_validate_rmsd_angle.PDB_ins_code_3 
_pdbx_validate_rmsd_angle.label_alt_id_3 
_pdbx_validate_rmsd_angle.angle_value 
_pdbx_validate_rmsd_angle.angle_target_value 
_pdbx_validate_rmsd_angle.angle_deviation 
_pdbx_validate_rmsd_angle.angle_standard_deviation 
_pdbx_validate_rmsd_angle.linker_flag 
1 1 NE A ARG 10 ? ? CZ A ARG 10 ? ? NH1 A ARG 10 ? ? 125.09 120.30 4.79  0.50 N 
2 1 NE A ARG 10 ? ? CZ A ARG 10 ? ? NH2 A ARG 10 ? ? 116.66 120.30 -3.64 0.50 N 
# 
_pdbx_validate_peptide_omega.id               1 
_pdbx_validate_peptide_omega.PDB_model_num    1 
_pdbx_validate_peptide_omega.auth_comp_id_1   GLN 
_pdbx_validate_peptide_omega.auth_asym_id_1   A 
_pdbx_validate_peptide_omega.auth_seq_id_1    -1 
_pdbx_validate_peptide_omega.PDB_ins_code_1   ? 
_pdbx_validate_peptide_omega.label_alt_id_1   ? 
_pdbx_validate_peptide_omega.auth_comp_id_2   ALA 
_pdbx_validate_peptide_omega.auth_asym_id_2   A 
_pdbx_validate_peptide_omega.auth_seq_id_2    0 
_pdbx_validate_peptide_omega.PDB_ins_code_2   ? 
_pdbx_validate_peptide_omega.label_alt_id_2   ? 
_pdbx_validate_peptide_omega.omega            148.65 
# 
_pdbx_SG_project.id                    1 
_pdbx_SG_project.project_name          'PSI, Protein Structure Initiative' 
_pdbx_SG_project.full_name_of_center   'Midwest Center for Structural Genomics' 
_pdbx_SG_project.initial_of_center     MCSG 
# 
_pdbx_refine_tls.pdbx_refine_id   'X-RAY DIFFRACTION' 
_pdbx_refine_tls.id               1 
_pdbx_refine_tls.details          ? 
_pdbx_refine_tls.method           refined 
_pdbx_refine_tls.origin_x         -0.4637 
_pdbx_refine_tls.origin_y         -0.0226 
_pdbx_refine_tls.origin_z         -0.2580 
_pdbx_refine_tls.T[1][1]          0.0355 
_pdbx_refine_tls.T[2][2]          0.0689 
_pdbx_refine_tls.T[3][3]          0.0943 
_pdbx_refine_tls.T[1][2]          -0.0372 
_pdbx_refine_tls.T[1][3]          0.0318 
_pdbx_refine_tls.T[2][3]          0.0027 
_pdbx_refine_tls.L[1][1]          0.8367 
_pdbx_refine_tls.L[2][2]          1.8101 
_pdbx_refine_tls.L[3][3]          1.2750 
_pdbx_refine_tls.L[1][2]          -0.7971 
_pdbx_refine_tls.L[1][3]          0.3494 
_pdbx_refine_tls.L[2][3]          -0.6932 
_pdbx_refine_tls.S[1][1]          -0.0210 
_pdbx_refine_tls.S[2][2]          0.0414 
_pdbx_refine_tls.S[3][3]          -0.0205 
_pdbx_refine_tls.S[1][2]          -0.0406 
_pdbx_refine_tls.S[1][3]          0.0134 
_pdbx_refine_tls.S[2][3]          0.0131 
_pdbx_refine_tls.S[2][1]          0.0479 
_pdbx_refine_tls.S[3][1]          -0.0120 
_pdbx_refine_tls.S[3][2]          -0.0045 
# 
loop_
_pdbx_refine_tls_group.pdbx_refine_id 
_pdbx_refine_tls_group.id 
_pdbx_refine_tls_group.refine_tls_id 
_pdbx_refine_tls_group.beg_auth_asym_id 
_pdbx_refine_tls_group.beg_auth_seq_id 
_pdbx_refine_tls_group.end_auth_asym_id 
_pdbx_refine_tls_group.end_auth_seq_id 
_pdbx_refine_tls_group.selection_details 
_pdbx_refine_tls_group.beg_label_asym_id 
_pdbx_refine_tls_group.beg_label_seq_id 
_pdbx_refine_tls_group.end_label_asym_id 
_pdbx_refine_tls_group.end_label_seq_id 
_pdbx_refine_tls_group.selection 
'X-RAY DIFFRACTION' 1 1 A -1  A 30  ? . . . . ? 
'X-RAY DIFFRACTION' 2 1 A 31  A 60  ? . . . . ? 
'X-RAY DIFFRACTION' 3 1 A 61  A 90  ? . . . . ? 
'X-RAY DIFFRACTION' 4 1 A 91  A 120 ? . . . . ? 
'X-RAY DIFFRACTION' 5 1 A 121 A 144 ? . . . . ? 
# 
loop_
_chem_comp_atom.comp_id 
_chem_comp_atom.atom_id 
_chem_comp_atom.type_symbol 
_chem_comp_atom.pdbx_aromatic_flag 
_chem_comp_atom.pdbx_stereo_config 
_chem_comp_atom.pdbx_ordinal 
ALA N    N N N 1   
ALA CA   C N S 2   
ALA C    C N N 3   
ALA O    O N N 4   
ALA CB   C N N 5   
ALA OXT  O N N 6   
ALA H    H N N 7   
ALA H2   H N N 8   
ALA HA   H N N 9   
ALA HB1  H N N 10  
ALA HB2  H N N 11  
ALA HB3  H N N 12  
ALA HXT  H N N 13  
ARG N    N N N 14  
ARG CA   C N S 15  
ARG C    C N N 16  
ARG O    O N N 17  
ARG CB   C N N 18  
ARG CG   C N N 19  
ARG CD   C N N 20  
ARG NE   N N N 21  
ARG CZ   C N N 22  
ARG NH1  N N N 23  
ARG NH2  N N N 24  
ARG OXT  O N N 25  
ARG H    H N N 26  
ARG H2   H N N 27  
ARG HA   H N N 28  
ARG HB2  H N N 29  
ARG HB3  H N N 30  
ARG HG2  H N N 31  
ARG HG3  H N N 32  
ARG HD2  H N N 33  
ARG HD3  H N N 34  
ARG HE   H N N 35  
ARG HH11 H N N 36  
ARG HH12 H N N 37  
ARG HH21 H N N 38  
ARG HH22 H N N 39  
ARG HXT  H N N 40  
ASN N    N N N 41  
ASN CA   C N S 42  
ASN C    C N N 43  
ASN O    O N N 44  
ASN CB   C N N 45  
ASN CG   C N N 46  
ASN OD1  O N N 47  
ASN ND2  N N N 48  
ASN OXT  O N N 49  
ASN H    H N N 50  
ASN H2   H N N 51  
ASN HA   H N N 52  
ASN HB2  H N N 53  
ASN HB3  H N N 54  
ASN HD21 H N N 55  
ASN HD22 H N N 56  
ASN HXT  H N N 57  
ASP N    N N N 58  
ASP CA   C N S 59  
ASP C    C N N 60  
ASP O    O N N 61  
ASP CB   C N N 62  
ASP CG   C N N 63  
ASP OD1  O N N 64  
ASP OD2  O N N 65  
ASP OXT  O N N 66  
ASP H    H N N 67  
ASP H2   H N N 68  
ASP HA   H N N 69  
ASP HB2  H N N 70  
ASP HB3  H N N 71  
ASP HD2  H N N 72  
ASP HXT  H N N 73  
GLN N    N N N 74  
GLN CA   C N S 75  
GLN C    C N N 76  
GLN O    O N N 77  
GLN CB   C N N 78  
GLN CG   C N N 79  
GLN CD   C N N 80  
GLN OE1  O N N 81  
GLN NE2  N N N 82  
GLN OXT  O N N 83  
GLN H    H N N 84  
GLN H2   H N N 85  
GLN HA   H N N 86  
GLN HB2  H N N 87  
GLN HB3  H N N 88  
GLN HG2  H N N 89  
GLN HG3  H N N 90  
GLN HE21 H N N 91  
GLN HE22 H N N 92  
GLN HXT  H N N 93  
GLU N    N N N 94  
GLU CA   C N S 95  
GLU C    C N N 96  
GLU O    O N N 97  
GLU CB   C N N 98  
GLU CG   C N N 99  
GLU CD   C N N 100 
GLU OE1  O N N 101 
GLU OE2  O N N 102 
GLU OXT  O N N 103 
GLU H    H N N 104 
GLU H2   H N N 105 
GLU HA   H N N 106 
GLU HB2  H N N 107 
GLU HB3  H N N 108 
GLU HG2  H N N 109 
GLU HG3  H N N 110 
GLU HE2  H N N 111 
GLU HXT  H N N 112 
GLY N    N N N 113 
GLY CA   C N N 114 
GLY C    C N N 115 
GLY O    O N N 116 
GLY OXT  O N N 117 
GLY H    H N N 118 
GLY H2   H N N 119 
GLY HA2  H N N 120 
GLY HA3  H N N 121 
GLY HXT  H N N 122 
HIS N    N N N 123 
HIS CA   C N S 124 
HIS C    C N N 125 
HIS O    O N N 126 
HIS CB   C N N 127 
HIS CG   C Y N 128 
HIS ND1  N Y N 129 
HIS CD2  C Y N 130 
HIS CE1  C Y N 131 
HIS NE2  N Y N 132 
HIS OXT  O N N 133 
HIS H    H N N 134 
HIS H2   H N N 135 
HIS HA   H N N 136 
HIS HB2  H N N 137 
HIS HB3  H N N 138 
HIS HD1  H N N 139 
HIS HD2  H N N 140 
HIS HE1  H N N 141 
HIS HE2  H N N 142 
HIS HXT  H N N 143 
HOH O    O N N 144 
HOH H1   H N N 145 
HOH H2   H N N 146 
ILE N    N N N 147 
ILE CA   C N S 148 
ILE C    C N N 149 
ILE O    O N N 150 
ILE CB   C N S 151 
ILE CG1  C N N 152 
ILE CG2  C N N 153 
ILE CD1  C N N 154 
ILE OXT  O N N 155 
ILE H    H N N 156 
ILE H2   H N N 157 
ILE HA   H N N 158 
ILE HB   H N N 159 
ILE HG12 H N N 160 
ILE HG13 H N N 161 
ILE HG21 H N N 162 
ILE HG22 H N N 163 
ILE HG23 H N N 164 
ILE HD11 H N N 165 
ILE HD12 H N N 166 
ILE HD13 H N N 167 
ILE HXT  H N N 168 
LEU N    N N N 169 
LEU CA   C N S 170 
LEU C    C N N 171 
LEU O    O N N 172 
LEU CB   C N N 173 
LEU CG   C N N 174 
LEU CD1  C N N 175 
LEU CD2  C N N 176 
LEU OXT  O N N 177 
LEU H    H N N 178 
LEU H2   H N N 179 
LEU HA   H N N 180 
LEU HB2  H N N 181 
LEU HB3  H N N 182 
LEU HG   H N N 183 
LEU HD11 H N N 184 
LEU HD12 H N N 185 
LEU HD13 H N N 186 
LEU HD21 H N N 187 
LEU HD22 H N N 188 
LEU HD23 H N N 189 
LEU HXT  H N N 190 
LYS N    N N N 191 
LYS CA   C N S 192 
LYS C    C N N 193 
LYS O    O N N 194 
LYS CB   C N N 195 
LYS CG   C N N 196 
LYS CD   C N N 197 
LYS CE   C N N 198 
LYS NZ   N N N 199 
LYS OXT  O N N 200 
LYS H    H N N 201 
LYS H2   H N N 202 
LYS HA   H N N 203 
LYS HB2  H N N 204 
LYS HB3  H N N 205 
LYS HG2  H N N 206 
LYS HG3  H N N 207 
LYS HD2  H N N 208 
LYS HD3  H N N 209 
LYS HE2  H N N 210 
LYS HE3  H N N 211 
LYS HZ1  H N N 212 
LYS HZ2  H N N 213 
LYS HZ3  H N N 214 
LYS HXT  H N N 215 
MET N    N N N 216 
MET CA   C N S 217 
MET C    C N N 218 
MET O    O N N 219 
MET CB   C N N 220 
MET CG   C N N 221 
MET SD   S N N 222 
MET CE   C N N 223 
MET OXT  O N N 224 
MET H    H N N 225 
MET H2   H N N 226 
MET HA   H N N 227 
MET HB2  H N N 228 
MET HB3  H N N 229 
MET HG2  H N N 230 
MET HG3  H N N 231 
MET HE1  H N N 232 
MET HE2  H N N 233 
MET HE3  H N N 234 
MET HXT  H N N 235 
PHE N    N N N 236 
PHE CA   C N S 237 
PHE C    C N N 238 
PHE O    O N N 239 
PHE CB   C N N 240 
PHE CG   C Y N 241 
PHE CD1  C Y N 242 
PHE CD2  C Y N 243 
PHE CE1  C Y N 244 
PHE CE2  C Y N 245 
PHE CZ   C Y N 246 
PHE OXT  O N N 247 
PHE H    H N N 248 
PHE H2   H N N 249 
PHE HA   H N N 250 
PHE HB2  H N N 251 
PHE HB3  H N N 252 
PHE HD1  H N N 253 
PHE HD2  H N N 254 
PHE HE1  H N N 255 
PHE HE2  H N N 256 
PHE HZ   H N N 257 
PHE HXT  H N N 258 
PRO N    N N N 259 
PRO CA   C N S 260 
PRO C    C N N 261 
PRO O    O N N 262 
PRO CB   C N N 263 
PRO CG   C N N 264 
PRO CD   C N N 265 
PRO OXT  O N N 266 
PRO H    H N N 267 
PRO HA   H N N 268 
PRO HB2  H N N 269 
PRO HB3  H N N 270 
PRO HG2  H N N 271 
PRO HG3  H N N 272 
PRO HD2  H N N 273 
PRO HD3  H N N 274 
PRO HXT  H N N 275 
SER N    N N N 276 
SER CA   C N S 277 
SER C    C N N 278 
SER O    O N N 279 
SER CB   C N N 280 
SER OG   O N N 281 
SER OXT  O N N 282 
SER H    H N N 283 
SER H2   H N N 284 
SER HA   H N N 285 
SER HB2  H N N 286 
SER HB3  H N N 287 
SER HG   H N N 288 
SER HXT  H N N 289 
THR N    N N N 290 
THR CA   C N S 291 
THR C    C N N 292 
THR O    O N N 293 
THR CB   C N R 294 
THR OG1  O N N 295 
THR CG2  C N N 296 
THR OXT  O N N 297 
THR H    H N N 298 
THR H2   H N N 299 
THR HA   H N N 300 
THR HB   H N N 301 
THR HG1  H N N 302 
THR HG21 H N N 303 
THR HG22 H N N 304 
THR HG23 H N N 305 
THR HXT  H N N 306 
TYR N    N N N 307 
TYR CA   C N S 308 
TYR C    C N N 309 
TYR O    O N N 310 
TYR CB   C N N 311 
TYR CG   C Y N 312 
TYR CD1  C Y N 313 
TYR CD2  C Y N 314 
TYR CE1  C Y N 315 
TYR CE2  C Y N 316 
TYR CZ   C Y N 317 
TYR OH   O N N 318 
TYR OXT  O N N 319 
TYR H    H N N 320 
TYR H2   H N N 321 
TYR HA   H N N 322 
TYR HB2  H N N 323 
TYR HB3  H N N 324 
TYR HD1  H N N 325 
TYR HD2  H N N 326 
TYR HE1  H N N 327 
TYR HE2  H N N 328 
TYR HH   H N N 329 
TYR HXT  H N N 330 
VAL N    N N N 331 
VAL CA   C N S 332 
VAL C    C N N 333 
VAL O    O N N 334 
VAL CB   C N N 335 
VAL CG1  C N N 336 
VAL CG2  C N N 337 
VAL OXT  O N N 338 
VAL H    H N N 339 
VAL H2   H N N 340 
VAL HA   H N N 341 
VAL HB   H N N 342 
VAL HG11 H N N 343 
VAL HG12 H N N 344 
VAL HG13 H N N 345 
VAL HG21 H N N 346 
VAL HG22 H N N 347 
VAL HG23 H N N 348 
VAL HXT  H N N 349 
# 
loop_
_chem_comp_bond.comp_id 
_chem_comp_bond.atom_id_1 
_chem_comp_bond.atom_id_2 
_chem_comp_bond.value_order 
_chem_comp_bond.pdbx_aromatic_flag 
_chem_comp_bond.pdbx_stereo_config 
_chem_comp_bond.pdbx_ordinal 
ALA N   CA   sing N N 1   
ALA N   H    sing N N 2   
ALA N   H2   sing N N 3   
ALA CA  C    sing N N 4   
ALA CA  CB   sing N N 5   
ALA CA  HA   sing N N 6   
ALA C   O    doub N N 7   
ALA C   OXT  sing N N 8   
ALA CB  HB1  sing N N 9   
ALA CB  HB2  sing N N 10  
ALA CB  HB3  sing N N 11  
ALA OXT HXT  sing N N 12  
ARG N   CA   sing N N 13  
ARG N   H    sing N N 14  
ARG N   H2   sing N N 15  
ARG CA  C    sing N N 16  
ARG CA  CB   sing N N 17  
ARG CA  HA   sing N N 18  
ARG C   O    doub N N 19  
ARG C   OXT  sing N N 20  
ARG CB  CG   sing N N 21  
ARG CB  HB2  sing N N 22  
ARG CB  HB3  sing N N 23  
ARG CG  CD   sing N N 24  
ARG CG  HG2  sing N N 25  
ARG CG  HG3  sing N N 26  
ARG CD  NE   sing N N 27  
ARG CD  HD2  sing N N 28  
ARG CD  HD3  sing N N 29  
ARG NE  CZ   sing N N 30  
ARG NE  HE   sing N N 31  
ARG CZ  NH1  sing N N 32  
ARG CZ  NH2  doub N N 33  
ARG NH1 HH11 sing N N 34  
ARG NH1 HH12 sing N N 35  
ARG NH2 HH21 sing N N 36  
ARG NH2 HH22 sing N N 37  
ARG OXT HXT  sing N N 38  
ASN N   CA   sing N N 39  
ASN N   H    sing N N 40  
ASN N   H2   sing N N 41  
ASN CA  C    sing N N 42  
ASN CA  CB   sing N N 43  
ASN CA  HA   sing N N 44  
ASN C   O    doub N N 45  
ASN C   OXT  sing N N 46  
ASN CB  CG   sing N N 47  
ASN CB  HB2  sing N N 48  
ASN CB  HB3  sing N N 49  
ASN CG  OD1  doub N N 50  
ASN CG  ND2  sing N N 51  
ASN ND2 HD21 sing N N 52  
ASN ND2 HD22 sing N N 53  
ASN OXT HXT  sing N N 54  
ASP N   CA   sing N N 55  
ASP N   H    sing N N 56  
ASP N   H2   sing N N 57  
ASP CA  C    sing N N 58  
ASP CA  CB   sing N N 59  
ASP CA  HA   sing N N 60  
ASP C   O    doub N N 61  
ASP C   OXT  sing N N 62  
ASP CB  CG   sing N N 63  
ASP CB  HB2  sing N N 64  
ASP CB  HB3  sing N N 65  
ASP CG  OD1  doub N N 66  
ASP CG  OD2  sing N N 67  
ASP OD2 HD2  sing N N 68  
ASP OXT HXT  sing N N 69  
GLN N   CA   sing N N 70  
GLN N   H    sing N N 71  
GLN N   H2   sing N N 72  
GLN CA  C    sing N N 73  
GLN CA  CB   sing N N 74  
GLN CA  HA   sing N N 75  
GLN C   O    doub N N 76  
GLN C   OXT  sing N N 77  
GLN CB  CG   sing N N 78  
GLN CB  HB2  sing N N 79  
GLN CB  HB3  sing N N 80  
GLN CG  CD   sing N N 81  
GLN CG  HG2  sing N N 82  
GLN CG  HG3  sing N N 83  
GLN CD  OE1  doub N N 84  
GLN CD  NE2  sing N N 85  
GLN NE2 HE21 sing N N 86  
GLN NE2 HE22 sing N N 87  
GLN OXT HXT  sing N N 88  
GLU N   CA   sing N N 89  
GLU N   H    sing N N 90  
GLU N   H2   sing N N 91  
GLU CA  C    sing N N 92  
GLU CA  CB   sing N N 93  
GLU CA  HA   sing N N 94  
GLU C   O    doub N N 95  
GLU C   OXT  sing N N 96  
GLU CB  CG   sing N N 97  
GLU CB  HB2  sing N N 98  
GLU CB  HB3  sing N N 99  
GLU CG  CD   sing N N 100 
GLU CG  HG2  sing N N 101 
GLU CG  HG3  sing N N 102 
GLU CD  OE1  doub N N 103 
GLU CD  OE2  sing N N 104 
GLU OE2 HE2  sing N N 105 
GLU OXT HXT  sing N N 106 
GLY N   CA   sing N N 107 
GLY N   H    sing N N 108 
GLY N   H2   sing N N 109 
GLY CA  C    sing N N 110 
GLY CA  HA2  sing N N 111 
GLY CA  HA3  sing N N 112 
GLY C   O    doub N N 113 
GLY C   OXT  sing N N 114 
GLY OXT HXT  sing N N 115 
HIS N   CA   sing N N 116 
HIS N   H    sing N N 117 
HIS N   H2   sing N N 118 
HIS CA  C    sing N N 119 
HIS CA  CB   sing N N 120 
HIS CA  HA   sing N N 121 
HIS C   O    doub N N 122 
HIS C   OXT  sing N N 123 
HIS CB  CG   sing N N 124 
HIS CB  HB2  sing N N 125 
HIS CB  HB3  sing N N 126 
HIS CG  ND1  sing Y N 127 
HIS CG  CD2  doub Y N 128 
HIS ND1 CE1  doub Y N 129 
HIS ND1 HD1  sing N N 130 
HIS CD2 NE2  sing Y N 131 
HIS CD2 HD2  sing N N 132 
HIS CE1 NE2  sing Y N 133 
HIS CE1 HE1  sing N N 134 
HIS NE2 HE2  sing N N 135 
HIS OXT HXT  sing N N 136 
HOH O   H1   sing N N 137 
HOH O   H2   sing N N 138 
ILE N   CA   sing N N 139 
ILE N   H    sing N N 140 
ILE N   H2   sing N N 141 
ILE CA  C    sing N N 142 
ILE CA  CB   sing N N 143 
ILE CA  HA   sing N N 144 
ILE C   O    doub N N 145 
ILE C   OXT  sing N N 146 
ILE CB  CG1  sing N N 147 
ILE CB  CG2  sing N N 148 
ILE CB  HB   sing N N 149 
ILE CG1 CD1  sing N N 150 
ILE CG1 HG12 sing N N 151 
ILE CG1 HG13 sing N N 152 
ILE CG2 HG21 sing N N 153 
ILE CG2 HG22 sing N N 154 
ILE CG2 HG23 sing N N 155 
ILE CD1 HD11 sing N N 156 
ILE CD1 HD12 sing N N 157 
ILE CD1 HD13 sing N N 158 
ILE OXT HXT  sing N N 159 
LEU N   CA   sing N N 160 
LEU N   H    sing N N 161 
LEU N   H2   sing N N 162 
LEU CA  C    sing N N 163 
LEU CA  CB   sing N N 164 
LEU CA  HA   sing N N 165 
LEU C   O    doub N N 166 
LEU C   OXT  sing N N 167 
LEU CB  CG   sing N N 168 
LEU CB  HB2  sing N N 169 
LEU CB  HB3  sing N N 170 
LEU CG  CD1  sing N N 171 
LEU CG  CD2  sing N N 172 
LEU CG  HG   sing N N 173 
LEU CD1 HD11 sing N N 174 
LEU CD1 HD12 sing N N 175 
LEU CD1 HD13 sing N N 176 
LEU CD2 HD21 sing N N 177 
LEU CD2 HD22 sing N N 178 
LEU CD2 HD23 sing N N 179 
LEU OXT HXT  sing N N 180 
LYS N   CA   sing N N 181 
LYS N   H    sing N N 182 
LYS N   H2   sing N N 183 
LYS CA  C    sing N N 184 
LYS CA  CB   sing N N 185 
LYS CA  HA   sing N N 186 
LYS C   O    doub N N 187 
LYS C   OXT  sing N N 188 
LYS CB  CG   sing N N 189 
LYS CB  HB2  sing N N 190 
LYS CB  HB3  sing N N 191 
LYS CG  CD   sing N N 192 
LYS CG  HG2  sing N N 193 
LYS CG  HG3  sing N N 194 
LYS CD  CE   sing N N 195 
LYS CD  HD2  sing N N 196 
LYS CD  HD3  sing N N 197 
LYS CE  NZ   sing N N 198 
LYS CE  HE2  sing N N 199 
LYS CE  HE3  sing N N 200 
LYS NZ  HZ1  sing N N 201 
LYS NZ  HZ2  sing N N 202 
LYS NZ  HZ3  sing N N 203 
LYS OXT HXT  sing N N 204 
MET N   CA   sing N N 205 
MET N   H    sing N N 206 
MET N   H2   sing N N 207 
MET CA  C    sing N N 208 
MET CA  CB   sing N N 209 
MET CA  HA   sing N N 210 
MET C   O    doub N N 211 
MET C   OXT  sing N N 212 
MET CB  CG   sing N N 213 
MET CB  HB2  sing N N 214 
MET CB  HB3  sing N N 215 
MET CG  SD   sing N N 216 
MET CG  HG2  sing N N 217 
MET CG  HG3  sing N N 218 
MET SD  CE   sing N N 219 
MET CE  HE1  sing N N 220 
MET CE  HE2  sing N N 221 
MET CE  HE3  sing N N 222 
MET OXT HXT  sing N N 223 
PHE N   CA   sing N N 224 
PHE N   H    sing N N 225 
PHE N   H2   sing N N 226 
PHE CA  C    sing N N 227 
PHE CA  CB   sing N N 228 
PHE CA  HA   sing N N 229 
PHE C   O    doub N N 230 
PHE C   OXT  sing N N 231 
PHE CB  CG   sing N N 232 
PHE CB  HB2  sing N N 233 
PHE CB  HB3  sing N N 234 
PHE CG  CD1  doub Y N 235 
PHE CG  CD2  sing Y N 236 
PHE CD1 CE1  sing Y N 237 
PHE CD1 HD1  sing N N 238 
PHE CD2 CE2  doub Y N 239 
PHE CD2 HD2  sing N N 240 
PHE CE1 CZ   doub Y N 241 
PHE CE1 HE1  sing N N 242 
PHE CE2 CZ   sing Y N 243 
PHE CE2 HE2  sing N N 244 
PHE CZ  HZ   sing N N 245 
PHE OXT HXT  sing N N 246 
PRO N   CA   sing N N 247 
PRO N   CD   sing N N 248 
PRO N   H    sing N N 249 
PRO CA  C    sing N N 250 
PRO CA  CB   sing N N 251 
PRO CA  HA   sing N N 252 
PRO C   O    doub N N 253 
PRO C   OXT  sing N N 254 
PRO CB  CG   sing N N 255 
PRO CB  HB2  sing N N 256 
PRO CB  HB3  sing N N 257 
PRO CG  CD   sing N N 258 
PRO CG  HG2  sing N N 259 
PRO CG  HG3  sing N N 260 
PRO CD  HD2  sing N N 261 
PRO CD  HD3  sing N N 262 
PRO OXT HXT  sing N N 263 
SER N   CA   sing N N 264 
SER N   H    sing N N 265 
SER N   H2   sing N N 266 
SER CA  C    sing N N 267 
SER CA  CB   sing N N 268 
SER CA  HA   sing N N 269 
SER C   O    doub N N 270 
SER C   OXT  sing N N 271 
SER CB  OG   sing N N 272 
SER CB  HB2  sing N N 273 
SER CB  HB3  sing N N 274 
SER OG  HG   sing N N 275 
SER OXT HXT  sing N N 276 
THR N   CA   sing N N 277 
THR N   H    sing N N 278 
THR N   H2   sing N N 279 
THR CA  C    sing N N 280 
THR CA  CB   sing N N 281 
THR CA  HA   sing N N 282 
THR C   O    doub N N 283 
THR C   OXT  sing N N 284 
THR CB  OG1  sing N N 285 
THR CB  CG2  sing N N 286 
THR CB  HB   sing N N 287 
THR OG1 HG1  sing N N 288 
THR CG2 HG21 sing N N 289 
THR CG2 HG22 sing N N 290 
THR CG2 HG23 sing N N 291 
THR OXT HXT  sing N N 292 
TYR N   CA   sing N N 293 
TYR N   H    sing N N 294 
TYR N   H2   sing N N 295 
TYR CA  C    sing N N 296 
TYR CA  CB   sing N N 297 
TYR CA  HA   sing N N 298 
TYR C   O    doub N N 299 
TYR C   OXT  sing N N 300 
TYR CB  CG   sing N N 301 
TYR CB  HB2  sing N N 302 
TYR CB  HB3  sing N N 303 
TYR CG  CD1  doub Y N 304 
TYR CG  CD2  sing Y N 305 
TYR CD1 CE1  sing Y N 306 
TYR CD1 HD1  sing N N 307 
TYR CD2 CE2  doub Y N 308 
TYR CD2 HD2  sing N N 309 
TYR CE1 CZ   doub Y N 310 
TYR CE1 HE1  sing N N 311 
TYR CE2 CZ   sing Y N 312 
TYR CE2 HE2  sing N N 313 
TYR CZ  OH   sing N N 314 
TYR OH  HH   sing N N 315 
TYR OXT HXT  sing N N 316 
VAL N   CA   sing N N 317 
VAL N   H    sing N N 318 
VAL N   H2   sing N N 319 
VAL CA  C    sing N N 320 
VAL CA  CB   sing N N 321 
VAL CA  HA   sing N N 322 
VAL C   O    doub N N 323 
VAL C   OXT  sing N N 324 
VAL CB  CG1  sing N N 325 
VAL CB  CG2  sing N N 326 
VAL CB  HB   sing N N 327 
VAL CG1 HG11 sing N N 328 
VAL CG1 HG12 sing N N 329 
VAL CG1 HG13 sing N N 330 
VAL CG2 HG21 sing N N 331 
VAL CG2 HG22 sing N N 332 
VAL CG2 HG23 sing N N 333 
VAL OXT HXT  sing N N 334 
# 
_atom_sites.entry_id                    3FH2 
_atom_sites.fract_transf_matrix[1][1]   -0.00417253 
_atom_sites.fract_transf_matrix[1][2]   -0.00522329 
_atom_sites.fract_transf_matrix[1][3]   -0.02934000 
_atom_sites.fract_transf_matrix[2][1]   0.00929080 
_atom_sites.fract_transf_matrix[2][2]   -0.01351828 
_atom_sites.fract_transf_matrix[2][3]   0.00108534 
_atom_sites.fract_transf_matrix[3][1]   -0.01182613 
_atom_sites.fract_transf_matrix[3][2]   -0.00788017 
_atom_sites.fract_transf_matrix[3][3]   0.00308471 
_atom_sites.fract_transf_vector[1]      0.917573 
_atom_sites.fract_transf_vector[2]      0.063118 
_atom_sites.fract_transf_vector[3]      0.208509 
# 
loop_
_atom_type.symbol 
C 
N 
O 
S 
# 
loop_
_atom_site.group_PDB 
_atom_site.id 
_atom_site.type_symbol 
_atom_site.label_atom_id 
_atom_site.label_alt_id 
_atom_site.label_comp_id 
_atom_site.label_asym_id 
_atom_site.label_entity_id 
_atom_site.label_seq_id 
_atom_site.pdbx_PDB_ins_code 
_atom_site.Cartn_x 
_atom_site.Cartn_y 
_atom_site.Cartn_z 
_atom_site.occupancy 
_atom_site.B_iso_or_equiv 
_atom_site.pdbx_formal_charge 
_atom_site.auth_seq_id 
_atom_site.auth_comp_id 
_atom_site.auth_asym_id 
_atom_site.auth_atom_id 
_atom_site.pdbx_PDB_model_num 
ATOM   1    N N   . GLN A 1 1   ? -13.888 -6.019  -6.211  1.00 26.69 ? -1  GLN A N   1 
ATOM   2    C CA  . GLN A 1 1   ? -13.246 -7.338  -6.640  1.00 26.73 ? -1  GLN A CA  1 
ATOM   3    C C   . GLN A 1 1   ? -13.340 -7.496  -8.147  1.00 24.53 ? -1  GLN A C   1 
ATOM   4    O O   . GLN A 1 1   ? -12.442 -8.059  -8.799  1.00 22.88 ? -1  GLN A O   1 
ATOM   5    C CB  . GLN A 1 1   ? -13.937 -8.527  -6.023  1.00 26.59 ? -1  GLN A CB  1 
ATOM   6    C CG  . GLN A 1 1   ? -13.085 -9.821  -5.985  1.00 28.52 ? -1  GLN A CG  1 
ATOM   7    C CD  . GLN A 1 1   ? -13.351 -10.852 -7.106  1.00 30.45 ? -1  GLN A CD  1 
ATOM   8    O OE1 . GLN A 1 1   ? -12.947 -12.009 -6.973  1.00 33.02 ? -1  GLN A OE1 1 
ATOM   9    N NE2 . GLN A 1 1   ? -14.012 -10.452 -8.185  1.00 30.00 ? -1  GLN A NE2 1 
ATOM   10   N N   . ALA A 1 2   ? -14.454 -7.005  -8.680  1.00 22.27 ? 0   ALA A N   1 
ATOM   11   C CA  . ALA A 1 2   ? -14.438 -6.461  -10.023 1.00 21.22 ? 0   ALA A CA  1 
ATOM   12   C C   . ALA A 1 2   ? -13.248 -5.470  -10.057 1.00 20.94 ? 0   ALA A C   1 
ATOM   13   O O   . ALA A 1 2   ? -12.553 -5.344  -11.065 1.00 19.73 ? 0   ALA A O   1 
ATOM   14   C CB  . ALA A 1 2   ? -15.790 -5.779  -10.334 1.00 21.42 ? 0   ALA A CB  1 
ATOM   15   N N   . MET A 1 3   ? -12.995 -4.819  -8.920  1.00 20.18 ? 1   MET A N   1 
ATOM   16   C CA  . MET A 1 3   ? -11.852 -3.883  -8.769  1.00 20.02 ? 1   MET A CA  1 
ATOM   17   C C   . MET A 1 3   ? -10.530 -4.476  -9.230  1.00 20.00 ? 1   MET A C   1 
ATOM   18   O O   . MET A 1 3   ? -9.673  -3.773  -9.808  1.00 19.19 ? 1   MET A O   1 
ATOM   19   C CB  . MET A 1 3   ? -11.703 -3.424  -7.308  1.00 20.80 ? 1   MET A CB  1 
ATOM   20   C CG  . MET A 1 3   ? -12.834 -2.510  -6.744  1.00 21.70 ? 1   MET A CG  1 
ATOM   21   S SD  . MET A 1 3   ? -12.598 -2.085  -4.940  1.00 22.50 ? 1   MET A SD  1 
ATOM   22   C CE  . MET A 1 3   ? -11.213 -0.967  -5.225  1.00 24.25 ? 1   MET A CE  1 
ATOM   23   N N   . PHE A 1 4   ? -10.320 -5.764  -8.969  1.00 19.27 ? 2   PHE A N   1 
ATOM   24   C CA  . PHE A 1 4   ? -9.006  -6.324  -9.237  1.00 17.63 ? 2   PHE A CA  1 
ATOM   25   C C   . PHE A 1 4   ? -8.777  -6.543  -10.717 1.00 17.61 ? 2   PHE A C   1 
ATOM   26   O O   . PHE A 1 4   ? -7.645  -6.758  -11.096 1.00 18.39 ? 2   PHE A O   1 
ATOM   27   C CB  . PHE A 1 4   ? -8.737  -7.598  -8.431  1.00 17.97 ? 2   PHE A CB  1 
ATOM   28   C CG  . PHE A 1 4   ? -8.783  -7.386  -6.944  1.00 16.65 ? 2   PHE A CG  1 
ATOM   29   C CD1 . PHE A 1 4   ? -7.971  -6.446  -6.330  1.00 18.58 ? 2   PHE A CD1 1 
ATOM   30   C CD2 . PHE A 1 4   ? -9.674  -8.102  -6.154  1.00 20.89 ? 2   PHE A CD2 1 
ATOM   31   C CE1 . PHE A 1 4   ? -8.018  -6.242  -4.988  1.00 16.64 ? 2   PHE A CE1 1 
ATOM   32   C CE2 . PHE A 1 4   ? -9.732  -7.877  -4.776  1.00 21.67 ? 2   PHE A CE2 1 
ATOM   33   C CZ  . PHE A 1 4   ? -8.867  -6.963  -4.195  1.00 20.47 ? 2   PHE A CZ  1 
ATOM   34   N N   . GLU A 1 5   ? -9.837  -6.478  -11.549 1.00 17.21 ? 3   GLU A N   1 
ATOM   35   C CA  . GLU A 1 5   ? -9.698  -6.503  -12.999 1.00 17.22 ? 3   GLU A CA  1 
ATOM   36   C C   . GLU A 1 5   ? -8.923  -5.267  -13.509 1.00 16.39 ? 3   GLU A C   1 
ATOM   37   O O   . GLU A 1 5   ? -8.358  -5.293  -14.604 1.00 18.24 ? 3   GLU A O   1 
ATOM   38   C CB  . GLU A 1 5   ? -11.062 -6.529  -13.687 1.00 18.35 ? 3   GLU A CB  1 
ATOM   39   C CG  . GLU A 1 5   ? -11.882 -7.782  -13.460 1.00 22.17 ? 3   GLU A CG  1 
ATOM   40   C CD  . GLU A 1 5   ? -13.122 -7.821  -14.344 1.00 26.01 ? 3   GLU A CD  1 
ATOM   41   O OE1 . GLU A 1 5   ? -13.452 -6.795  -14.988 1.00 26.51 ? 3   GLU A OE1 1 
ATOM   42   O OE2 . GLU A 1 5   ? -13.781 -8.881  -14.392 1.00 30.08 ? 3   GLU A OE2 1 
ATOM   43   N N   . ARG A 1 6   ? -8.910  -4.184  -12.723 1.00 12.04 ? 4   ARG A N   1 
ATOM   44   C CA  . ARG A 1 6   ? -8.197  -2.980  -13.090 1.00 11.14 ? 4   ARG A CA  1 
ATOM   45   C C   . ARG A 1 6   ? -6.856  -2.869  -12.386 1.00 9.71  ? 4   ARG A C   1 
ATOM   46   O O   . ARG A 1 6   ? -6.155  -1.864  -12.545 1.00 11.94 ? 4   ARG A O   1 
ATOM   47   C CB  . ARG A 1 6   ? -9.066  -1.753  -12.857 1.00 9.48  ? 4   ARG A CB  1 
ATOM   48   C CG  . ARG A 1 6   ? -10.047 -1.530  -13.993 1.00 10.34 ? 4   ARG A CG  1 
ATOM   49   C CD  . ARG A 1 6   ? -11.073 -0.568  -13.622 1.00 12.03 ? 4   ARG A CD  1 
ATOM   50   N NE  . ARG A 1 6   ? -10.532 0.730   -13.276 1.00 13.28 ? 4   ARG A NE  1 
ATOM   51   C CZ  . ARG A 1 6   ? -11.206 1.626   -12.556 1.00 16.83 ? 4   ARG A CZ  1 
ATOM   52   N NH1 . ARG A 1 6   ? -12.437 1.338   -12.088 1.00 16.86 ? 4   ARG A NH1 1 
ATOM   53   N NH2 . ARG A 1 6   ? -10.659 2.782   -12.285 1.00 16.05 ? 4   ARG A NH2 1 
ATOM   54   N N   . PHE A 1 7   ? -6.483  -3.861  -11.581 1.00 9.68  ? 5   PHE A N   1 
ATOM   55   C CA  . PHE A 1 7   ? -5.154  -3.912  -10.990 1.00 8.65  ? 5   PHE A CA  1 
ATOM   56   C C   . PHE A 1 7   ? -4.219  -4.706  -11.929 1.00 8.29  ? 5   PHE A C   1 
ATOM   57   O O   . PHE A 1 7   ? -4.579  -5.769  -12.462 1.00 8.52  ? 5   PHE A O   1 
ATOM   58   C CB  . PHE A 1 7   ? -5.157  -4.663  -9.638  1.00 7.78  ? 5   PHE A CB  1 
ATOM   59   C CG  . PHE A 1 7   ? -5.684  -3.898  -8.449  1.00 9.55  ? 5   PHE A CG  1 
ATOM   60   C CD1 . PHE A 1 7   ? -6.730  -2.997  -8.554  1.00 12.46 ? 5   PHE A CD1 1 
ATOM   61   C CD2 . PHE A 1 7   ? -5.200  -4.192  -7.192  1.00 12.96 ? 5   PHE A CD2 1 
ATOM   62   C CE1 . PHE A 1 7   ? -7.238  -2.329  -7.429  1.00 13.28 ? 5   PHE A CE1 1 
ATOM   63   C CE2 . PHE A 1 7   ? -5.703  -3.529  -6.051  1.00 12.14 ? 5   PHE A CE2 1 
ATOM   64   C CZ  . PHE A 1 7   ? -6.737  -2.631  -6.176  1.00 14.09 ? 5   PHE A CZ  1 
ATOM   65   N N   . THR A 1 8   ? -3.000  -4.226  -12.087 1.00 7.41  ? 6   THR A N   1 
ATOM   66   C CA  . THR A 1 8   ? -1.975  -4.966  -12.803 1.00 6.53  ? 6   THR A CA  1 
ATOM   67   C C   . THR A 1 8   ? -1.558  -6.219  -12.026 1.00 7.20  ? 6   THR A C   1 
ATOM   68   O O   . THR A 1 8   ? -1.877  -6.359  -10.828 1.00 6.28  ? 6   THR A O   1 
ATOM   69   C CB  . THR A 1 8   ? -0.690  -4.107  -13.026 1.00 6.05  ? 6   THR A CB  1 
ATOM   70   O OG1 . THR A 1 8   ? -0.111  -3.823  -11.753 1.00 6.23  ? 6   THR A OG1 1 
ATOM   71   C CG2 . THR A 1 8   ? -0.992  -2.790  -13.733 1.00 6.42  ? 6   THR A CG2 1 
ATOM   72   N N   . ASP A 1 9   ? -0.745  -7.070  -12.678 1.00 8.12  ? 7   ASP A N   1 
ATOM   73   C CA  . ASP A 1 9   ? -0.225  -8.262  -12.019 1.00 7.63  ? 7   ASP A CA  1 
ATOM   74   C C   . ASP A 1 9   ? 0.497   -7.911  -10.711 1.00 7.77  ? 7   ASP A C   1 
ATOM   75   O O   . ASP A 1 9   ? 0.256   -8.540  -9.675  1.00 6.49  ? 7   ASP A O   1 
ATOM   76   C CB  . ASP A 1 9   ? 0.679   -9.063  -12.951 1.00 8.96  ? 7   ASP A CB  1 
ATOM   77   C CG  . ASP A 1 9   ? 1.141   -10.341 -12.360 1.00 12.11 ? 7   ASP A CG  1 
ATOM   78   O OD1 . ASP A 1 9   ? 0.316   -11.244 -12.139 1.00 16.04 ? 7   ASP A OD1 1 
ATOM   79   O OD2 . ASP A 1 9   ? 2.335   -10.420 -12.081 1.00 20.29 ? 7   ASP A OD2 1 
ATOM   80   N N   . ARG A 1 10  ? 1.440   -6.965  -10.754 1.00 5.47  ? 8   ARG A N   1 
ATOM   81   C CA  . ARG A 1 10  ? 2.163   -6.622  -9.565  1.00 5.13  ? 8   ARG A CA  1 
ATOM   82   C C   . ARG A 1 10  ? 1.244   -6.085  -8.476  1.00 6.90  ? 8   ARG A C   1 
ATOM   83   O O   . ARG A 1 10  ? 1.444   -6.385  -7.308  1.00 6.67  ? 8   ARG A O   1 
ATOM   84   C CB  . ARG A 1 10  ? 3.316   -5.610  -9.864  1.00 5.63  ? 8   ARG A CB  1 
ATOM   85   C CG  . ARG A 1 10  ? 4.271   -5.463  -8.725  1.00 7.89  ? 8   ARG A CG  1 
ATOM   86   C CD  . ARG A 1 10  ? 5.435   -4.502  -9.067  1.00 14.07 ? 8   ARG A CD  1 
ATOM   87   N NE  . ARG A 1 10  ? 6.403   -5.074  -9.974  1.00 19.67 ? 8   ARG A NE  1 
ATOM   88   C CZ  . ARG A 1 10  ? 6.468   -4.816  -11.262 1.00 21.13 ? 8   ARG A CZ  1 
ATOM   89   N NH1 . ARG A 1 10  ? 5.619   -3.966  -11.818 1.00 25.56 ? 8   ARG A NH1 1 
ATOM   90   N NH2 . ARG A 1 10  ? 7.418   -5.384  -12.003 1.00 21.16 ? 8   ARG A NH2 1 
ATOM   91   N N   . ALA A 1 11  ? 0.246   -5.278  -8.818  1.00 5.27  ? 9   ALA A N   1 
ATOM   92   C CA  . ALA A 1 11  ? -0.608  -4.740  -7.783  1.00 5.07  ? 9   ALA A CA  1 
ATOM   93   C C   . ALA A 1 11  ? -1.459  -5.881  -7.160  1.00 4.86  ? 9   ALA A C   1 
ATOM   94   O O   . ALA A 1 11  ? -1.652  -5.905  -5.937  1.00 5.77  ? 9   ALA A O   1 
ATOM   95   C CB  . ALA A 1 11  ? -1.531  -3.677  -8.339  1.00 6.14  ? 9   ALA A CB  1 
ATOM   96   N N   . ARG A 1 12  ? -1.873  -6.845  -7.978  1.00 6.38  ? 10  ARG A N   1 
ATOM   97   C CA  . ARG A 1 12  ? -2.598  -8.033  -7.480  1.00 6.79  ? 10  ARG A CA  1 
ATOM   98   C C   . ARG A 1 12  ? -1.665  -8.848  -6.555  1.00 6.53  ? 10  ARG A C   1 
ATOM   99   O O   . ARG A 1 12  ? -2.096  -9.326  -5.458  1.00 7.69  ? 10  ARG A O   1 
ATOM   100  C CB  . ARG A 1 12  ? -3.173  -8.872  -8.661  1.00 7.42  ? 10  ARG A CB  1 
ATOM   101  C CG  . ARG A 1 12  ? -4.320  -8.128  -9.310  1.00 11.02 ? 10  ARG A CG  1 
ATOM   102  C CD  . ARG A 1 12  ? -5.014  -8.736  -10.470 1.00 19.88 ? 10  ARG A CD  1 
ATOM   103  N NE  . ARG A 1 12  ? -4.216  -9.673  -11.223 1.00 24.94 ? 10  ARG A NE  1 
ATOM   104  C CZ  . ARG A 1 12  ? -3.819  -9.561  -12.502 1.00 30.16 ? 10  ARG A CZ  1 
ATOM   105  N NH1 . ARG A 1 12  ? -4.070  -8.506  -13.301 1.00 25.69 ? 10  ARG A NH1 1 
ATOM   106  N NH2 . ARG A 1 12  ? -3.125  -10.570 -12.998 1.00 31.93 ? 10  ARG A NH2 1 
ATOM   107  N N   . ARG A 1 13  ? -0.387  -8.923  -6.927  1.00 7.49  ? 11  ARG A N   1 
ATOM   108  C CA  . ARG A 1 13  ? 0.556   -9.699  -6.143  1.00 6.94  ? 11  ARG A CA  1 
ATOM   109  C C   . ARG A 1 13  ? 0.761   -8.998  -4.796  1.00 5.77  ? 11  ARG A C   1 
ATOM   110  O O   . ARG A 1 13  ? 0.935   -9.666  -3.750  1.00 6.61  ? 11  ARG A O   1 
ATOM   111  C CB  . ARG A 1 13  ? 1.885   -9.923  -6.886  1.00 8.59  ? 11  ARG A CB  1 
ATOM   112  C CG  . ARG A 1 13  ? 1.842   -10.882 -8.044  1.00 13.32 ? 11  ARG A CG  1 
ATOM   113  C CD  . ARG A 1 13  ? 3.103   -10.657 -9.035  1.00 20.88 ? 11  ARG A CD  1 
ATOM   114  N NE  . ARG A 1 13  ? 4.340   -10.249 -8.370  1.00 26.21 ? 11  ARG A NE  1 
ATOM   115  C CZ  . ARG A 1 13  ? 5.238   -9.390  -8.870  1.00 30.10 ? 11  ARG A CZ  1 
ATOM   116  N NH1 . ARG A 1 13  ? 5.075   -8.821  -10.046 1.00 29.06 ? 11  ARG A NH1 1 
ATOM   117  N NH2 . ARG A 1 13  ? 6.341   -9.099  -8.177  1.00 34.86 ? 11  ARG A NH2 1 
ATOM   118  N N   . VAL A 1 14  ? 0.742   -7.664  -4.759  1.00 6.06  ? 12  VAL A N   1 
ATOM   119  C CA  . VAL A 1 14  ? 0.887   -6.898  -3.494  1.00 5.52  ? 12  VAL A CA  1 
ATOM   120  C C   . VAL A 1 14  ? -0.250  -7.293  -2.539  1.00 5.38  ? 12  VAL A C   1 
ATOM   121  O O   . VAL A 1 14  ? -0.025  -7.408  -1.293  1.00 5.47  ? 12  VAL A O   1 
ATOM   122  C CB  . VAL A 1 14  ? 0.980   -5.382  -3.713  1.00 5.67  ? 12  VAL A CB  1 
ATOM   123  C CG1 . VAL A 1 14  ? 0.709   -4.629  -2.402  1.00 5.93  ? 12  VAL A CG1 1 
ATOM   124  C CG2 . VAL A 1 14  ? 2.368   -5.000  -4.323  1.00 8.36  ? 12  VAL A CG2 1 
ATOM   125  N N   . ILE A 1 15  ? -1.451  -7.439  -3.068  1.00 5.33  ? 13  ILE A N   1 
ATOM   126  C CA  . ILE A 1 15  ? -2.588  -7.818  -2.256  1.00 6.21  ? 13  ILE A CA  1 
ATOM   127  C C   . ILE A 1 15  ? -2.454  -9.253  -1.732  1.00 7.22  ? 13  ILE A C   1 
ATOM   128  O O   . ILE A 1 15  ? -2.764  -9.481  -0.559  1.00 6.24  ? 13  ILE A O   1 
ATOM   129  C CB  . ILE A 1 15  ? -3.924  -7.609  -2.980  1.00 6.70  ? 13  ILE A CB  1 
ATOM   130  C CG1 . ILE A 1 15  ? -4.071  -6.152  -3.419  1.00 9.46  ? 13  ILE A CG1 1 
ATOM   131  C CG2 . ILE A 1 15  ? -5.088  -8.152  -2.110  1.00 9.24  ? 13  ILE A CG2 1 
ATOM   132  C CD1 . ILE A 1 15  ? -3.924  -5.164  -2.299  1.00 10.87 ? 13  ILE A CD1 1 
ATOM   133  N N   . VAL A 1 16  ? -1.911  -10.162 -2.530  1.00 5.48  ? 14  VAL A N   1 
ATOM   134  C CA  . VAL A 1 16  ? -1.629  -11.520 -2.044  1.00 6.57  ? 14  VAL A CA  1 
ATOM   135  C C   . VAL A 1 16  ? -0.609  -11.451 -0.923  1.00 5.52  ? 14  VAL A C   1 
ATOM   136  O O   . VAL A 1 16  ? -0.760  -12.122 0.122   1.00 6.31  ? 14  VAL A O   1 
ATOM   137  C CB  . VAL A 1 16  ? -1.133  -12.411 -3.179  1.00 4.97  ? 14  VAL A CB  1 
ATOM   138  C CG1 . VAL A 1 16  ? -0.567  -13.761 -2.647  1.00 7.55  ? 14  VAL A CG1 1 
ATOM   139  C CG2 . VAL A 1 16  ? -2.229  -12.594 -4.230  1.00 8.23  ? 14  VAL A CG2 1 
ATOM   140  N N   . LEU A 1 17  ? 0.464   -10.649 -1.117  1.00 3.87  ? 15  LEU A N   1 
ATOM   141  C CA  . LEU A 1 17  ? 1.528   -10.521 -0.115  1.00 4.17  ? 15  LEU A CA  1 
ATOM   142  C C   . LEU A 1 17  ? 1.007   -9.880  1.147   1.00 5.06  ? 15  LEU A C   1 
ATOM   143  O O   . LEU A 1 17  ? 1.428   -10.257 2.242   1.00 5.71  ? 15  LEU A O   1 
ATOM   144  C CB  . LEU A 1 17  ? 2.750   -9.709  -0.648  1.00 4.20  ? 15  LEU A CB  1 
ATOM   145  C CG  . LEU A 1 17  ? 3.413   -10.406 -1.804  1.00 4.88  ? 15  LEU A CG  1 
ATOM   146  C CD1 . LEU A 1 17  ? 4.402   -9.379  -2.464  1.00 5.32  ? 15  LEU A CD1 1 
ATOM   147  C CD2 . LEU A 1 17  ? 4.226   -11.656 -1.390  1.00 4.61  ? 15  LEU A CD2 1 
ATOM   148  N N   . ALA A 1 18  ? -0.003  -8.996  1.036   1.00 5.84  ? 16  ALA A N   1 
ATOM   149  C CA  . ALA A 1 18  ? -0.594  -8.395  2.227   1.00 4.74  ? 16  ALA A CA  1 
ATOM   150  C C   . ALA A 1 18  ? -1.244  -9.382  3.138   1.00 4.84  ? 16  ALA A C   1 
ATOM   151  O O   . ALA A 1 18  ? -1.172  -9.308  4.395   1.00 5.70  ? 16  ALA A O   1 
ATOM   152  C CB  . ALA A 1 18  ? -1.629  -7.314  1.826   1.00 4.79  ? 16  ALA A CB  1 
ATOM   153  N N   . GLN A 1 19  ? -1.903  -10.343 2.513   1.00 5.33  ? 17  GLN A N   1 
ATOM   154  C CA  . GLN A 1 19  ? -2.583  -11.400 3.267   1.00 5.30  ? 17  GLN A CA  1 
ATOM   155  C C   . GLN A 1 19  ? -1.506  -12.259 3.996   1.00 5.69  ? 17  GLN A C   1 
ATOM   156  O O   . GLN A 1 19  ? -1.644  -12.581 5.168   1.00 5.36  ? 17  GLN A O   1 
ATOM   157  C CB  . GLN A 1 19  ? -3.433  -12.215 2.369   1.00 7.21  ? 17  GLN A CB  1 
ATOM   158  C CG  . GLN A 1 19  ? -4.253  -13.210 3.115   1.00 10.08 ? 17  GLN A CG  1 
ATOM   159  C CD  . GLN A 1 19  ? -5.242  -13.919 2.200   1.00 17.76 ? 17  GLN A CD  1 
ATOM   160  O OE1 . GLN A 1 19  ? -5.360  -13.578 1.016   1.00 24.58 ? 17  GLN A OE1 1 
ATOM   161  N NE2 . GLN A 1 19  ? -5.972  -14.873 2.742   1.00 25.58 ? 17  GLN A NE2 1 
ATOM   162  N N   . GLU A 1 20  ? -0.414  -12.566 3.306   1.00 4.04  ? 18  GLU A N   1 
ATOM   163  C CA  . GLU A 1 20  ? 0.705   -13.299 3.961   1.00 4.70  ? 18  GLU A CA  1 
ATOM   164  C C   . GLU A 1 20  ? 1.236   -12.511 5.159   1.00 4.64  ? 18  GLU A C   1 
ATOM   165  O O   . GLU A 1 20  ? 1.543   -13.074 6.230   1.00 3.88  ? 18  GLU A O   1 
ATOM   166  C CB  . GLU A 1 20  ? 1.820   -13.621 2.978   1.00 5.30  ? 18  GLU A CB  1 
ATOM   167  C CG  . GLU A 1 20  ? 1.466   -14.552 1.798   1.00 4.81  ? 18  GLU A CG  1 
ATOM   168  C CD  . GLU A 1 20  ? 2.580   -14.692 0.756   1.00 10.17 ? 18  GLU A CD  1 
ATOM   169  O OE1 . GLU A 1 20  ? 3.623   -14.010 0.865   1.00 8.29  ? 18  GLU A OE1 1 
ATOM   170  O OE2 . GLU A 1 20  ? 2.390   -15.500 -0.195  1.00 15.92 ? 18  GLU A OE2 1 
ATOM   171  N N   . GLU A 1 21  ? 1.388   -11.197 5.005   1.00 5.17  ? 19  GLU A N   1 
ATOM   172  C CA  . GLU A 1 21  ? 1.881   -10.354 6.093   1.00 6.36  ? 19  GLU A CA  1 
ATOM   173  C C   . GLU A 1 21  ? 0.984   -10.370 7.286   1.00 5.23  ? 19  GLU A C   1 
ATOM   174  O O   . GLU A 1 21  ? 1.463   -10.378 8.445   1.00 4.92  ? 19  GLU A O   1 
ATOM   175  C CB  . GLU A 1 21  ? 2.068   -8.925  5.625   1.00 6.29  ? 19  GLU A CB  1 
ATOM   176  C CG  . GLU A 1 21  ? 3.089   -8.771  4.482   1.00 5.50  ? 19  GLU A CG  1 
ATOM   177  C CD  . GLU A 1 21  ? 4.597   -8.776  4.904   1.00 7.59  ? 19  GLU A CD  1 
ATOM   178  O OE1 . GLU A 1 21  ? 4.924   -8.490  6.101   1.00 7.33  ? 19  GLU A OE1 1 
ATOM   179  O OE2 . GLU A 1 21  ? 5.417   -9.068  3.994   1.00 11.08 ? 19  GLU A OE2 1 
ATOM   180  N N   . ALA A 1 22  ? -0.322  -10.399 7.038   1.00 5.51  ? 20  ALA A N   1 
ATOM   181  C CA  . ALA A 1 22  ? -1.256  -10.525 8.130   1.00 5.53  ? 20  ALA A CA  1 
ATOM   182  C C   . ALA A 1 22  ? -1.110  -11.831 8.852   1.00 6.37  ? 20  ALA A C   1 
ATOM   183  O O   . ALA A 1 22  ? -1.062  -11.885 10.110  1.00 5.54  ? 20  ALA A O   1 
ATOM   184  C CB  . ALA A 1 22  ? -2.712  -10.266 7.635   1.00 4.44  ? 20  ALA A CB  1 
ATOM   185  N N   . ARG A 1 23  ? -0.977  -12.926 8.104   1.00 6.18  ? 21  ARG A N   1 
ATOM   186  C CA  . ARG A 1 23  ? -0.808  -14.246 8.731   1.00 6.25  ? 21  ARG A CA  1 
ATOM   187  C C   . ARG A 1 23  ? 0.459   -14.335 9.560   1.00 6.45  ? 21  ARG A C   1 
ATOM   188  O O   . ARG A 1 23  ? 0.480   -14.956 10.619  1.00 6.41  ? 21  ARG A O   1 
ATOM   189  C CB  . ARG A 1 23  ? -0.697  -15.335 7.662   1.00 7.67  ? 21  ARG A CB  1 
ATOM   190  C CG  . ARG A 1 23  ? -1.987  -15.558 6.920   1.00 11.67 ? 21  ARG A CG  1 
ATOM   191  C CD  . ARG A 1 23  ? -2.051  -16.887 6.198   1.00 13.35 ? 21  ARG A CD  1 
ATOM   192  N NE  . ARG A 1 23  ? -3.148  -16.806 5.268   1.00 18.04 ? 21  ARG A NE  1 
ATOM   193  C CZ  . ARG A 1 23  ? -4.450  -16.908 5.612   1.00 22.03 ? 21  ARG A CZ  1 
ATOM   194  N NH1 . ARG A 1 23  ? -4.854  -17.098 6.868   1.00 20.17 ? 21  ARG A NH1 1 
ATOM   195  N NH2 . ARG A 1 23  ? -5.366  -16.772 4.681   1.00 24.08 ? 21  ARG A NH2 1 
ATOM   196  N N   . MET A 1 24  ? 1.498   -13.689 9.070   1.00 5.52  ? 22  MET A N   1 
ATOM   197  C CA  . MET A 1 24  ? 2.824   -13.712 9.691   1.00 5.46  ? 22  MET A CA  1 
ATOM   198  C C   . MET A 1 24  ? 2.749   -13.064 11.068  1.00 6.57  ? 22  MET A C   1 
ATOM   199  O O   . MET A 1 24  ? 3.527   -13.412 11.951  1.00 8.74  ? 22  MET A O   1 
ATOM   200  C CB  . MET A 1 24  ? 3.850   -13.025 8.799   1.00 6.09  ? 22  MET A CB  1 
ATOM   201  C CG  . MET A 1 24  ? 4.156   -13.795 7.489   1.00 7.15  ? 22  MET A CG  1 
ATOM   202  S SD  . MET A 1 24  ? 5.039   -12.804 6.140   1.00 4.30  ? 22  MET A SD  1 
ATOM   203  C CE  . MET A 1 24  ? 6.289   -12.035 7.185   1.00 19.09 ? 22  MET A CE  1 
ATOM   204  N N   . LEU A 1 25  ? 1.806   -12.129 11.233  1.00 5.79  ? 23  LEU A N   1 
ATOM   205  C CA  . LEU A 1 25  ? 1.645   -11.387 12.494  1.00 4.57  ? 23  LEU A CA  1 
ATOM   206  C C   . LEU A 1 25  ? 0.446   -11.854 13.298  1.00 6.47  ? 23  LEU A C   1 
ATOM   207  O O   . LEU A 1 25  ? 0.169   -11.274 14.368  1.00 7.98  ? 23  LEU A O   1 
ATOM   208  C CB  . LEU A 1 25  ? 1.515   -9.921  12.209  1.00 7.61  ? 23  LEU A CB  1 
ATOM   209  C CG  . LEU A 1 25  ? 2.785   -9.332  11.656  1.00 7.73  ? 23  LEU A CG  1 
ATOM   210  C CD1 . LEU A 1 25  ? 2.682   -7.819  11.271  1.00 11.37 ? 23  LEU A CD1 1 
ATOM   211  C CD2 . LEU A 1 25  ? 4.056   -9.479  12.592  1.00 15.69 ? 23  LEU A CD2 1 
ATOM   212  N N   . ASN A 1 26  ? -0.177  -12.952 12.898  1.00 7.86  ? 24  ASN A N   1 
ATOM   213  C CA  . ASN A 1 26  ? -1.413  -13.424 13.529  1.00 7.70  ? 24  ASN A CA  1 
ATOM   214  C C   . ASN A 1 26  ? -2.465  -12.329 13.689  1.00 7.99  ? 24  ASN A C   1 
ATOM   215  O O   . ASN A 1 26  ? -3.156  -12.226 14.710  1.00 7.26  ? 24  ASN A O   1 
ATOM   216  C CB  . ASN A 1 26  ? -1.130  -14.099 14.887  1.00 7.95  ? 24  ASN A CB  1 
ATOM   217  C CG  . ASN A 1 26  ? -0.260  -15.300 14.750  1.00 11.54 ? 24  ASN A CG  1 
ATOM   218  O OD1 . ASN A 1 26  ? -0.379  -16.052 13.792  1.00 13.34 ? 24  ASN A OD1 1 
ATOM   219  N ND2 . ASN A 1 26  ? 0.602   -15.519 15.740  1.00 19.03 ? 24  ASN A ND2 1 
ATOM   220  N N   . HIS A 1 27  ? -2.620  -11.548 12.610  1.00 8.46  ? 25  HIS A N   1 
ATOM   221  C CA  . HIS A 1 27  ? -3.711  -10.595 12.477  1.00 7.97  ? 25  HIS A CA  1 
ATOM   222  C C   . HIS A 1 27  ? -4.782  -11.229 11.653  1.00 8.73  ? 25  HIS A C   1 
ATOM   223  O O   . HIS A 1 27  ? -4.516  -11.859 10.614  1.00 8.32  ? 25  HIS A O   1 
ATOM   224  C CB  . HIS A 1 27  ? -3.235  -9.287  11.828  1.00 8.06  ? 25  HIS A CB  1 
ATOM   225  C CG  . HIS A 1 27  ? -2.377  -8.455  12.717  1.00 8.46  ? 25  HIS A CG  1 
ATOM   226  N ND1 . HIS A 1 27  ? -1.235  -7.829  12.271  1.00 7.32  ? 25  HIS A ND1 1 
ATOM   227  C CD2 . HIS A 1 27  ? -2.472  -8.171  14.043  1.00 10.88 ? 25  HIS A CD2 1 
ATOM   228  C CE1 . HIS A 1 27  ? -0.673  -7.185  13.280  1.00 7.19  ? 25  HIS A CE1 1 
ATOM   229  N NE2 . HIS A 1 27  ? -1.401  -7.379  14.361  1.00 10.99 ? 25  HIS A NE2 1 
ATOM   230  N N   . ASN A 1 28  ? -6.018  -11.102 12.114  1.00 9.11  ? 26  ASN A N   1 
ATOM   231  C CA  . ASN A 1 28  ? -7.113  -11.743 11.401  1.00 9.94  ? 26  ASN A CA  1 
ATOM   232  C C   . ASN A 1 28  ? -7.899  -10.783 10.502  1.00 9.12  ? 26  ASN A C   1 
ATOM   233  O O   . ASN A 1 28  ? -9.053  -11.004 10.162  1.00 7.73  ? 26  ASN A O   1 
ATOM   234  C CB  . ASN A 1 28  ? -8.026  -12.480 12.376  1.00 10.76 ? 26  ASN A CB  1 
ATOM   235  C CG  . ASN A 1 28  ? -8.732  -11.579 13.296  1.00 14.65 ? 26  ASN A CG  1 
ATOM   236  O OD1 . ASN A 1 28  ? -8.339  -10.417 13.464  1.00 16.23 ? 26  ASN A OD1 1 
ATOM   237  N ND2 . ASN A 1 28  ? -9.811  -12.108 13.953  1.00 16.87 ? 26  ASN A ND2 1 
ATOM   238  N N   . TYR A 1 29  ? -7.226  -9.753  9.981   1.00 9.41  ? 27  TYR A N   1 
ATOM   239  C CA  . TYR A 1 29  ? -7.807  -8.816  9.081   1.00 8.52  ? 27  TYR A CA  1 
ATOM   240  C C   . TYR A 1 29  ? -6.615  -8.324  8.252   1.00 9.35  ? 27  TYR A C   1 
ATOM   241  O O   . TYR A 1 29  ? -5.436  -8.431  8.677   1.00 11.83 ? 27  TYR A O   1 
ATOM   242  C CB  . TYR A 1 29  ? -8.360  -7.582  9.792   1.00 10.44 ? 27  TYR A CB  1 
ATOM   243  C CG  . TYR A 1 29  ? -7.390  -7.070  10.827  1.00 11.82 ? 27  TYR A CG  1 
ATOM   244  C CD1 . TYR A 1 29  ? -6.446  -6.096  10.500  1.00 13.87 ? 27  TYR A CD1 1 
ATOM   245  C CD2 . TYR A 1 29  ? -7.354  -7.635  12.105  1.00 16.89 ? 27  TYR A CD2 1 
ATOM   246  C CE1 . TYR A 1 29  ? -5.527  -5.697  11.417  1.00 15.57 ? 27  TYR A CE1 1 
ATOM   247  C CE2 . TYR A 1 29  ? -6.469  -7.230  13.028  1.00 20.57 ? 27  TYR A CE2 1 
ATOM   248  C CZ  . TYR A 1 29  ? -5.549  -6.244  12.678  1.00 16.42 ? 27  TYR A CZ  1 
ATOM   249  O OH  . TYR A 1 29  ? -4.646  -5.830  13.649  1.00 25.15 ? 27  TYR A OH  1 
ATOM   250  N N   . ILE A 1 30  ? -6.925  -7.832  7.076   1.00 7.30  ? 28  ILE A N   1 
ATOM   251  C CA  . ILE A 1 30  ? -5.916  -7.161  6.258   1.00 7.30  ? 28  ILE A CA  1 
ATOM   252  C C   . ILE A 1 30  ? -6.148  -5.672  6.359   1.00 7.10  ? 28  ILE A C   1 
ATOM   253  O O   . ILE A 1 30  ? -7.159  -5.160  5.863   1.00 8.52  ? 28  ILE A O   1 
ATOM   254  C CB  . ILE A 1 30  ? -5.972  -7.559  4.796   1.00 7.46  ? 28  ILE A CB  1 
ATOM   255  C CG1 . ILE A 1 30  ? -5.699  -9.059  4.659   1.00 6.87  ? 28  ILE A CG1 1 
ATOM   256  C CG2 . ILE A 1 30  ? -4.857  -6.837  4.019   1.00 9.91  ? 28  ILE A CG2 1 
ATOM   257  C CD1 . ILE A 1 30  ? -5.877  -9.537  3.254   1.00 10.09 ? 28  ILE A CD1 1 
ATOM   258  N N   . GLY A 1 31  ? -5.301  -4.973  7.086   1.00 8.17  ? 29  GLY A N   1 
ATOM   259  C CA  . GLY A 1 31  ? -5.421  -3.514  7.284   1.00 6.33  ? 29  GLY A CA  1 
ATOM   260  C C   . GLY A 1 31  ? -4.485  -2.713  6.381   1.00 6.51  ? 29  GLY A C   1 
ATOM   261  O O   . GLY A 1 31  ? -3.728  -3.264  5.572   1.00 5.39  ? 29  GLY A O   1 
ATOM   262  N N   . THR A 1 32  ? -4.662  -1.405  6.423   1.00 5.10  ? 30  THR A N   1 
ATOM   263  C CA  . THR A 1 32  ? -3.750  -0.547  5.617   1.00 5.33  ? 30  THR A CA  1 
ATOM   264  C C   . THR A 1 32  ? -2.307  -0.955  5.821   1.00 5.74  ? 30  THR A C   1 
ATOM   265  O O   . THR A 1 32  ? -1.499  -0.866  4.897   1.00 5.64  ? 30  THR A O   1 
ATOM   266  C CB  . THR A 1 32  ? -3.943  0.995   5.876   1.00 6.31  ? 30  THR A CB  1 
ATOM   267  O OG1 . THR A 1 32  ? -3.395  1.404   7.147   1.00 6.35  ? 30  THR A OG1 1 
ATOM   268  C CG2 . THR A 1 32  ? -5.452  1.392   5.817   1.00 6.50  ? 30  THR A CG2 1 
ATOM   269  N N   . GLU A 1 33  ? -1.946  -1.291  7.073   1.00 3.95  ? 31  GLU A N   1 
ATOM   270  C CA  . GLU A 1 33  ? -0.612  -1.655  7.412   1.00 4.51  ? 31  GLU A CA  1 
ATOM   271  C C   . GLU A 1 33  ? -0.104  -2.837  6.577   1.00 4.64  ? 31  GLU A C   1 
ATOM   272  O O   . GLU A 1 33  ? 1.035   -2.857  6.170   1.00 5.53  ? 31  GLU A O   1 
ATOM   273  C CB  . GLU A 1 33  ? -0.451  -1.973  8.887   1.00 5.29  ? 31  GLU A CB  1 
ATOM   274  C CG  . GLU A 1 33  ? -1.547  -2.959  9.501   1.00 4.87  ? 31  GLU A CG  1 
ATOM   275  C CD  . GLU A 1 33  ? -2.789  -2.227  10.065  1.00 7.09  ? 31  GLU A CD  1 
ATOM   276  O OE1 . GLU A 1 33  ? -3.216  -1.174  9.485   1.00 8.60  ? 31  GLU A OE1 1 
ATOM   277  O OE2 . GLU A 1 33  ? -3.361  -2.742  11.093  1.00 9.42  ? 31  GLU A OE2 1 
ATOM   278  N N   . HIS A 1 34  ? -0.986  -3.825  6.365   1.00 4.51  ? 32  HIS A N   1 
ATOM   279  C CA  . HIS A 1 34  ? -0.571  -5.042  5.647   1.00 4.99  ? 32  HIS A CA  1 
ATOM   280  C C   . HIS A 1 34  ? -0.389  -4.769  4.134   1.00 5.40  ? 32  HIS A C   1 
ATOM   281  O O   . HIS A 1 34  ? 0.464   -5.366  3.499   1.00 5.06  ? 32  HIS A O   1 
ATOM   282  C CB  . HIS A 1 34  ? -1.467  -6.242  5.946   1.00 6.62  ? 32  HIS A CB  1 
ATOM   283  C CG  . HIS A 1 34  ? -1.733  -6.431  7.400   1.00 5.20  ? 32  HIS A CG  1 
ATOM   284  N ND1 . HIS A 1 34  ? -0.871  -7.064  8.280   1.00 10.44 ? 32  HIS A ND1 1 
ATOM   285  C CD2 . HIS A 1 34  ? -2.788  -6.040  8.123   1.00 3.03  ? 32  HIS A CD2 1 
ATOM   286  C CE1 . HIS A 1 34  ? -1.410  -7.018  9.497   1.00 3.30  ? 32  HIS A CE1 1 
ATOM   287  N NE2 . HIS A 1 34  ? -2.568  -6.398  9.420   1.00 9.01  ? 32  HIS A NE2 1 
ATOM   288  N N   . ILE A 1 35  ? -1.213  -3.872  3.583   1.00 6.06  ? 33  ILE A N   1 
ATOM   289  C CA  . ILE A 1 35  ? -1.095  -3.508  2.191   1.00 5.33  ? 33  ILE A CA  1 
ATOM   290  C C   . ILE A 1 35  ? 0.234   -2.801  2.008   1.00 4.96  ? 33  ILE A C   1 
ATOM   291  O O   . ILE A 1 35  ? 0.942   -3.099  1.081   1.00 5.67  ? 33  ILE A O   1 
ATOM   292  C CB  . ILE A 1 35  ? -2.259  -2.601  1.738   1.00 5.39  ? 33  ILE A CB  1 
ATOM   293  C CG1 . ILE A 1 35  ? -3.554  -3.383  1.831   1.00 6.74  ? 33  ILE A CG1 1 
ATOM   294  C CG2 . ILE A 1 35  ? -2.013  -2.115  0.314   1.00 6.69  ? 33  ILE A CG2 1 
ATOM   295  C CD1 . ILE A 1 35  ? -4.818  -2.617  1.427   1.00 8.93  ? 33  ILE A CD1 1 
ATOM   296  N N   . LEU A 1 36  ? 0.589   -1.925  2.945   1.00 4.51  ? 34  LEU A N   1 
ATOM   297  C CA  . LEU A 1 36  ? 1.884   -1.233  2.850   1.00 5.30  ? 34  LEU A CA  1 
ATOM   298  C C   . LEU A 1 36  ? 3.049   -2.254  2.975   1.00 5.44  ? 34  LEU A C   1 
ATOM   299  O O   . LEU A 1 36  ? 4.078   -2.116  2.263   1.00 4.89  ? 34  LEU A O   1 
ATOM   300  C CB  . LEU A 1 36  ? 1.953   -0.143  3.921   1.00 6.18  ? 34  LEU A CB  1 
ATOM   301  C CG  . LEU A 1 36  ? 3.267   0.698   3.888   1.00 4.94  ? 34  LEU A CG  1 
ATOM   302  C CD1 . LEU A 1 36  ? 3.753   1.236   2.491   1.00 7.81  ? 34  LEU A CD1 1 
ATOM   303  C CD2 . LEU A 1 36  ? 3.183   1.818   4.898   1.00 7.23  ? 34  LEU A CD2 1 
ATOM   304  N N   . LEU A 1 37  ? 2.957   -3.190  3.940   1.00 5.37  ? 35  LEU A N   1 
ATOM   305  C CA  . LEU A 1 37  ? 3.988   -4.220  4.093   1.00 4.49  ? 35  LEU A CA  1 
ATOM   306  C C   . LEU A 1 37  ? 4.144   -5.011  2.808   1.00 6.00  ? 35  LEU A C   1 
ATOM   307  O O   . LEU A 1 37  ? 5.223   -5.271  2.350   1.00 6.14  ? 35  LEU A O   1 
ATOM   308  C CB  . LEU A 1 37  ? 3.786   -5.143  5.291   1.00 6.15  ? 35  LEU A CB  1 
ATOM   309  C CG  . LEU A 1 37  ? 3.919   -4.470  6.668   1.00 6.33  ? 35  LEU A CG  1 
ATOM   310  C CD1 . LEU A 1 37  ? 3.467   -5.377  7.729   1.00 8.41  ? 35  LEU A CD1 1 
ATOM   311  C CD2 . LEU A 1 37  ? 5.357   -4.003  6.901   1.00 5.74  ? 35  LEU A CD2 1 
ATOM   312  N N   . GLY A 1 38  ? 3.020   -5.413  2.234   1.00 5.86  ? 36  GLY A N   1 
ATOM   313  C CA  . GLY A 1 38  ? 3.065   -6.101  0.919   1.00 7.59  ? 36  GLY A CA  1 
ATOM   314  C C   . GLY A 1 38  ? 3.720   -5.313  -0.164  1.00 6.89  ? 36  GLY A C   1 
ATOM   315  O O   . GLY A 1 38  ? 4.503   -5.845  -0.966  1.00 7.53  ? 36  GLY A O   1 
ATOM   316  N N   . LEU A 1 39  ? 3.368   -4.032  -0.204  1.00 6.81  ? 37  LEU A N   1 
ATOM   317  C CA  . LEU A 1 39  ? 3.915   -3.134  -1.201  1.00 7.12  ? 37  LEU A CA  1 
ATOM   318  C C   . LEU A 1 39  ? 5.446   -3.034  -1.131  1.00 7.30  ? 37  LEU A C   1 
ATOM   319  O O   . LEU A 1 39  ? 6.166   -3.156  -2.141  1.00 9.07  ? 37  LEU A O   1 
ATOM   320  C CB  . LEU A 1 39  ? 3.230   -1.772  -1.095  1.00 7.93  ? 37  LEU A CB  1 
ATOM   321  C CG  . LEU A 1 39  ? 3.638   -0.735  -2.094  1.00 12.66 ? 37  LEU A CG  1 
ATOM   322  C CD1 . LEU A 1 39  ? 3.114   -1.161  -3.409  1.00 22.37 ? 37  LEU A CD1 1 
ATOM   323  C CD2 . LEU A 1 39  ? 3.067   0.689   -1.745  1.00 20.96 ? 37  LEU A CD2 1 
ATOM   324  N N   . ILE A 1 40  ? 5.971   -2.862  0.087   1.00 5.67  ? 38  ILE A N   1 
ATOM   325  C CA  . ILE A 1 40  ? 7.408   -2.711  0.269   1.00 6.36  ? 38  ILE A CA  1 
ATOM   326  C C   . ILE A 1 40  ? 8.139   -4.072  0.093   1.00 7.13  ? 38  ILE A C   1 
ATOM   327  O O   . ILE A 1 40  ? 9.305   -4.114  -0.326  1.00 8.94  ? 38  ILE A O   1 
ATOM   328  C CB  . ILE A 1 40  ? 7.773   -1.991  1.570   1.00 7.03  ? 38  ILE A CB  1 
ATOM   329  C CG1 . ILE A 1 40  ? 7.370   -2.793  2.766   1.00 10.29 ? 38  ILE A CG1 1 
ATOM   330  C CG2 . ILE A 1 40  ? 7.229   -0.535  1.538   1.00 6.71  ? 38  ILE A CG2 1 
ATOM   331  C CD1 . ILE A 1 40  ? 7.615   -2.044  4.097   1.00 15.58 ? 38  ILE A CD1 1 
ATOM   332  N N   . HIS A 1 41  ? 7.394   -5.139  0.358   1.00 8.06  ? 39  HIS A N   1 
ATOM   333  C CA  . HIS A 1 41  ? 7.970   -6.464  0.228   1.00 8.24  ? 39  HIS A CA  1 
ATOM   334  C C   . HIS A 1 41  ? 8.202   -6.778  -1.234  1.00 10.67 ? 39  HIS A C   1 
ATOM   335  O O   . HIS A 1 41  ? 9.210   -7.339  -1.620  1.00 11.38 ? 39  HIS A O   1 
ATOM   336  C CB  . HIS A 1 41  ? 7.114   -7.606  0.826   1.00 7.80  ? 39  HIS A CB  1 
ATOM   337  C CG  . HIS A 1 41  ? 7.822   -8.914  0.784   1.00 7.97  ? 39  HIS A CG  1 
ATOM   338  N ND1 . HIS A 1 41  ? 7.389   -9.983  0.042   1.00 9.56  ? 39  HIS A ND1 1 
ATOM   339  C CD2 . HIS A 1 41  ? 8.997   -9.286  1.315   1.00 8.61  ? 39  HIS A CD2 1 
ATOM   340  C CE1 . HIS A 1 41  ? 8.248   -10.973 0.158   1.00 12.81 ? 39  HIS A CE1 1 
ATOM   341  N NE2 . HIS A 1 41  ? 9.229   -10.571 0.919   1.00 10.42 ? 39  HIS A NE2 1 
ATOM   342  N N   . GLU A 1 42  ? 7.210   -6.449  -2.026  1.00 12.46 ? 40  GLU A N   1 
ATOM   343  C CA  . GLU A 1 42  ? 7.264   -6.729  -3.453  1.00 14.69 ? 40  GLU A CA  1 
ATOM   344  C C   . GLU A 1 42  ? 8.442   -5.943  -4.019  1.00 14.29 ? 40  GLU A C   1 
ATOM   345  O O   . GLU A 1 42  ? 9.334   -6.495  -4.695  1.00 16.23 ? 40  GLU A O   1 
ATOM   346  C CB  . GLU A 1 42  ? 5.948   -6.379  -4.064  1.00 15.01 ? 40  GLU A CB  1 
ATOM   347  C CG  . GLU A 1 42  ? 5.774   -6.946  -5.451  1.00 18.50 ? 40  GLU A CG  1 
ATOM   348  C CD  . GLU A 1 42  ? 6.640   -6.223  -6.461  1.00 18.72 ? 40  GLU A CD  1 
ATOM   349  O OE1 . GLU A 1 42  ? 6.880   -4.992  -6.274  1.00 20.45 ? 40  GLU A OE1 1 
ATOM   350  O OE2 . GLU A 1 42  ? 7.074   -6.900  -7.443  1.00 18.64 ? 40  GLU A OE2 1 
ATOM   351  N N   . GLY A 1 43  ? 8.493   -4.681  -3.637  1.00 15.08 ? 41  GLY A N   1 
ATOM   352  C CA  . GLY A 1 43  ? 9.708   -3.882  -3.724  1.00 16.52 ? 41  GLY A CA  1 
ATOM   353  C C   . GLY A 1 43  ? 10.272  -3.569  -5.075  1.00 17.83 ? 41  GLY A C   1 
ATOM   354  O O   . GLY A 1 43  ? 11.359  -2.995  -5.151  1.00 17.49 ? 41  GLY A O   1 
ATOM   355  N N   . GLU A 1 44  ? 9.565   -3.874  -6.149  1.00 18.18 ? 42  GLU A N   1 
ATOM   356  C CA  . GLU A 1 44  ? 10.173  -3.756  -7.484  1.00 19.41 ? 42  GLU A CA  1 
ATOM   357  C C   . GLU A 1 44  ? 9.332   -2.946  -8.474  1.00 19.01 ? 42  GLU A C   1 
ATOM   358  O O   . GLU A 1 44  ? 9.676   -2.872  -9.657  1.00 20.55 ? 42  GLU A O   1 
ATOM   359  C CB  . GLU A 1 44  ? 10.437  -5.132  -8.080  1.00 20.20 ? 42  GLU A CB  1 
ATOM   360  C CG  . GLU A 1 44  ? 11.547  -5.895  -7.385  1.00 24.05 ? 42  GLU A CG  1 
ATOM   361  C CD  . GLU A 1 44  ? 12.932  -5.336  -7.718  1.00 31.40 ? 42  GLU A CD  1 
ATOM   362  O OE1 . GLU A 1 44  ? 13.033  -4.411  -8.573  1.00 34.45 ? 42  GLU A OE1 1 
ATOM   363  O OE2 . GLU A 1 44  ? 13.927  -5.823  -7.120  1.00 38.67 ? 42  GLU A OE2 1 
ATOM   364  N N   . GLY A 1 45  ? 8.230   -2.370  -8.021  1.00 17.13 ? 43  GLY A N   1 
ATOM   365  C CA  . GLY A 1 45  ? 7.392   -1.555  -8.898  1.00 17.70 ? 43  GLY A CA  1 
ATOM   366  C C   . GLY A 1 45  ? 7.606   -0.053  -8.800  1.00 17.08 ? 43  GLY A C   1 
ATOM   367  O O   . GLY A 1 45  ? 8.607   0.431   -8.219  1.00 16.70 ? 43  GLY A O   1 
ATOM   368  N N   . VAL A 1 46  ? 6.661   0.712   -9.354  1.00 14.48 ? 44  VAL A N   1 
ATOM   369  C CA  . VAL A 1 46  ? 6.847   2.135   -9.442  1.00 13.41 ? 44  VAL A CA  1 
ATOM   370  C C   . VAL A 1 46  ? 6.742   2.716   -8.022  1.00 12.44 ? 44  VAL A C   1 
ATOM   371  O O   . VAL A 1 46  ? 7.421   3.659   -7.682  1.00 11.37 ? 44  VAL A O   1 
ATOM   372  C CB  . VAL A 1 46  ? 5.815   2.769   -10.375 1.00 12.93 ? 44  VAL A CB  1 
ATOM   373  C CG1 . VAL A 1 46  ? 5.935   4.256   -10.391 1.00 13.65 ? 44  VAL A CG1 1 
ATOM   374  C CG2 . VAL A 1 46  ? 5.947   2.157   -11.806 1.00 12.79 ? 44  VAL A CG2 1 
ATOM   375  N N   . ALA A 1 47  ? 5.853   2.183   -7.217  1.00 11.23 ? 45  ALA A N   1 
ATOM   376  C CA  . ALA A 1 47  ? 5.774   2.654   -5.796  1.00 12.30 ? 45  ALA A CA  1 
ATOM   377  C C   . ALA A 1 47  ? 7.102   2.551   -5.070  1.00 12.89 ? 45  ALA A C   1 
ATOM   378  O O   . ALA A 1 47  ? 7.523   3.457   -4.332  1.00 11.29 ? 45  ALA A O   1 
ATOM   379  C CB  . ALA A 1 47  ? 4.739   1.898   -5.048  1.00 11.15 ? 45  ALA A CB  1 
ATOM   380  N N   . ALA A 1 48  ? 7.758   1.414   -5.223  1.00 13.69 ? 46  ALA A N   1 
ATOM   381  C CA  . ALA A 1 48  ? 9.065   1.246   -4.561  1.00 16.48 ? 46  ALA A CA  1 
ATOM   382  C C   . ALA A 1 48  ? 10.072  2.270   -5.083  1.00 16.68 ? 46  ALA A C   1 
ATOM   383  O O   . ALA A 1 48  ? 10.872  2.840   -4.308  1.00 16.64 ? 46  ALA A O   1 
ATOM   384  C CB  . ALA A 1 48  ? 9.567   -0.205  -4.723  1.00 17.25 ? 46  ALA A CB  1 
ATOM   385  N N   . LYS A 1 49  ? 10.082  2.516   -6.398  1.00 17.25 ? 47  LYS A N   1 
ATOM   386  C CA  . LYS A 1 49  ? 10.991  3.482   -7.016  1.00 16.54 ? 47  LYS A CA  1 
ATOM   387  C C   . LYS A 1 49  ? 10.660  4.875   -6.534  1.00 15.68 ? 47  LYS A C   1 
ATOM   388  O O   . LYS A 1 49  ? 11.554  5.665   -6.290  1.00 14.39 ? 47  LYS A O   1 
ATOM   389  C CB  . LYS A 1 49  ? 10.905  3.410   -8.538  1.00 18.80 ? 47  LYS A CB  1 
ATOM   390  C CG  . LYS A 1 49  ? 11.506  2.071   -9.042  1.00 22.03 ? 47  LYS A CG  1 
ATOM   391  C CD  . LYS A 1 49  ? 11.114  1.658   -10.450 1.00 26.34 ? 47  LYS A CD  1 
ATOM   392  C CE  . LYS A 1 49  ? 11.602  0.200   -10.708 1.00 28.73 ? 47  LYS A CE  1 
ATOM   393  N NZ  . LYS A 1 49  ? 11.562  -0.181  -12.156 1.00 32.12 ? 47  LYS A NZ  1 
ATOM   394  N N   . ALA A 1 50  ? 9.367   5.138   -6.290  1.00 12.17 ? 48  ALA A N   1 
ATOM   395  C CA  . ALA A 1 50  ? 8.965   6.459   -5.795  1.00 10.97 ? 48  ALA A CA  1 
ATOM   396  C C   . ALA A 1 50  ? 9.526   6.716   -4.397  1.00 11.37 ? 48  ALA A C   1 
ATOM   397  O O   . ALA A 1 50  ? 10.074  7.804   -4.113  1.00 10.86 ? 48  ALA A O   1 
ATOM   398  C CB  . ALA A 1 50  ? 7.456   6.652   -5.821  1.00 11.72 ? 48  ALA A CB  1 
ATOM   399  N N   . LEU A 1 51  ? 9.399   5.728   -3.516  1.00 11.84 ? 49  LEU A N   1 
ATOM   400  C CA  . LEU A 1 51  ? 9.933   5.852   -2.122  1.00 10.61 ? 49  LEU A CA  1 
ATOM   401  C C   . LEU A 1 51  ? 11.456  6.030   -2.141  1.00 12.12 ? 49  LEU A C   1 
ATOM   402  O O   . LEU A 1 51  ? 11.995  6.925   -1.494  1.00 9.99  ? 49  LEU A O   1 
ATOM   403  C CB  . LEU A 1 51  ? 9.479   4.666   -1.271  1.00 10.93 ? 49  LEU A CB  1 
ATOM   404  C CG  . LEU A 1 51  ? 7.986   4.639   -0.978  1.00 10.47 ? 49  LEU A CG  1 
ATOM   405  C CD1 . LEU A 1 51  ? 7.727   3.253   -0.432  1.00 12.66 ? 49  LEU A CD1 1 
ATOM   406  C CD2 . LEU A 1 51  ? 7.481   5.807   -0.076  1.00 11.73 ? 49  LEU A CD2 1 
ATOM   407  N N   . GLU A 1 52  ? 12.146  5.212   -2.926  1.00 12.23 ? 50  GLU A N   1 
ATOM   408  C CA  . GLU A 1 52  ? 13.621  5.264   -2.963  1.00 14.93 ? 50  GLU A CA  1 
ATOM   409  C C   . GLU A 1 52  ? 14.053  6.590   -3.526  1.00 14.01 ? 50  GLU A C   1 
ATOM   410  O O   . GLU A 1 52  ? 14.998  7.186   -3.006  1.00 14.90 ? 50  GLU A O   1 
ATOM   411  C CB  . GLU A 1 52  ? 14.174  3.994   -3.620  1.00 15.98 ? 50  GLU A CB  1 
ATOM   412  C CG  . GLU A 1 52  ? 13.890  2.788   -2.648  1.00 20.52 ? 50  GLU A CG  1 
ATOM   413  C CD  . GLU A 1 52  ? 14.318  1.376   -3.121  1.00 27.05 ? 50  GLU A CD  1 
ATOM   414  O OE1 . GLU A 1 52  ? 14.165  1.044   -4.320  1.00 31.39 ? 50  GLU A OE1 1 
ATOM   415  O OE2 . GLU A 1 52  ? 14.764  0.571   -2.256  1.00 26.40 ? 50  GLU A OE2 1 
ATOM   416  N N   . SER A 1 53  ? 13.338  7.095   -4.534  1.00 14.01 ? 51  SER A N   1 
ATOM   417  C CA  . SER A 1 53  ? 13.564  8.416   -5.100  1.00 14.13 ? 51  SER A CA  1 
ATOM   418  C C   . SER A 1 53  ? 13.462  9.574   -4.108  1.00 12.62 ? 51  SER A C   1 
ATOM   419  O O   . SER A 1 53  ? 14.220  10.551  -4.199  1.00 11.22 ? 51  SER A O   1 
ATOM   420  C CB  . SER A 1 53  ? 12.646  8.665   -6.287  1.00 14.29 ? 51  SER A CB  1 
ATOM   421  O OG  . SER A 1 53  ? 13.147  7.971   -7.422  1.00 19.93 ? 51  SER A OG  1 
ATOM   422  N N   . MET A 1 54  ? 12.589  9.421   -3.143  1.00 10.88 ? 52  MET A N   1 
ATOM   423  C CA  . MET A 1 54  ? 12.388  10.361  -2.058  1.00 10.84 ? 52  MET A CA  1 
ATOM   424  C C   . MET A 1 54  ? 13.400  10.182  -0.871  1.00 10.66 ? 52  MET A C   1 
ATOM   425  O O   . MET A 1 54  ? 13.306  10.896  0.141   1.00 11.51 ? 52  MET A O   1 
ATOM   426  C CB  . MET A 1 54  ? 10.917  10.296  -1.576  1.00 11.55 ? 52  MET A CB  1 
ATOM   427  C CG  . MET A 1 54  ? 9.944   10.792  -2.628  1.00 10.80 ? 52  MET A CG  1 
ATOM   428  S SD  . MET A 1 54  ? 8.161   10.428  -2.262  1.00 9.47  ? 52  MET A SD  1 
ATOM   429  C CE  . MET A 1 54  ? 7.954   11.620  -1.068  1.00 9.77  ? 52  MET A CE  1 
ATOM   430  N N   . GLY A 1 55  ? 14.315  9.216   -0.962  1.00 10.46 ? 53  GLY A N   1 
ATOM   431  C CA  . GLY A 1 55  ? 15.193  8.857   0.163   1.00 9.51  ? 53  GLY A CA  1 
ATOM   432  C C   . GLY A 1 55  ? 14.549  8.148   1.334   1.00 10.87 ? 53  GLY A C   1 
ATOM   433  O O   . GLY A 1 55  ? 15.086  8.126   2.481   1.00 11.32 ? 53  GLY A O   1 
ATOM   434  N N   . ILE A 1 56  ? 13.420  7.511   1.071   1.00 10.32 ? 54  ILE A N   1 
ATOM   435  C CA  . ILE A 1 56  ? 12.790  6.737   2.109   1.00 10.41 ? 54  ILE A CA  1 
ATOM   436  C C   . ILE A 1 56  ? 13.174  5.278   1.888   1.00 11.18 ? 54  ILE A C   1 
ATOM   437  O O   . ILE A 1 56  ? 12.782  4.684   0.894   1.00 14.08 ? 54  ILE A O   1 
ATOM   438  C CB  . ILE A 1 56  ? 11.272  6.852   2.084   1.00 11.36 ? 54  ILE A CB  1 
ATOM   439  C CG1 . ILE A 1 56  ? 10.828  8.277   2.402   1.00 13.02 ? 54  ILE A CG1 1 
ATOM   440  C CG2 . ILE A 1 56  ? 10.625  5.844   3.089   1.00 9.49  ? 54  ILE A CG2 1 
ATOM   441  C CD1 . ILE A 1 56  ? 9.394   8.599   1.986   1.00 11.33 ? 54  ILE A CD1 1 
ATOM   442  N N   . SER A 1 57  ? 13.818  4.701   2.887   1.00 11.12 ? 55  SER A N   1 
ATOM   443  C CA  . SER A 1 57  ? 14.136  3.291   2.955   1.00 11.90 ? 55  SER A CA  1 
ATOM   444  C C   . SER A 1 57  ? 12.935  2.377   3.055   1.00 12.23 ? 55  SER A C   1 
ATOM   445  O O   . SER A 1 57  ? 12.129  2.558   3.935   1.00 11.87 ? 55  SER A O   1 
ATOM   446  C CB  . SER A 1 57  ? 15.003  3.105   4.204   1.00 11.94 ? 55  SER A CB  1 
ATOM   447  O OG  . SER A 1 57  ? 15.218  1.787   4.478   1.00 12.73 ? 55  SER A OG  1 
ATOM   448  N N   . LEU A 1 58  ? 12.881  1.337   2.230   1.00 11.87 ? 56  LEU A N   1 
ATOM   449  C CA  . LEU A 1 58  ? 11.833  0.311   2.396   1.00 12.50 ? 56  LEU A CA  1 
ATOM   450  C C   . LEU A 1 58  ? 11.962  -0.384  3.768   1.00 13.07 ? 56  LEU A C   1 
ATOM   451  O O   . LEU A 1 58  ? 10.943  -0.709  4.420   1.00 9.96  ? 56  LEU A O   1 
ATOM   452  C CB  . LEU A 1 58  ? 11.922  -0.714  1.289   1.00 13.80 ? 56  LEU A CB  1 
ATOM   453  C CG  . LEU A 1 58  ? 11.755  -0.235  -0.159  1.00 14.17 ? 56  LEU A CG  1 
ATOM   454  C CD1 . LEU A 1 58  ? 11.776  -1.382  -1.121  1.00 18.14 ? 56  LEU A CD1 1 
ATOM   455  C CD2 . LEU A 1 58  ? 10.497  0.571   -0.304  1.00 12.89 ? 56  LEU A CD2 1 
ATOM   456  N N   . ASP A 1 59  ? 13.200  -0.634  4.194   1.00 12.72 ? 57  ASP A N   1 
ATOM   457  C CA  . ASP A 1 59  ? 13.467  -1.278  5.483   1.00 13.73 ? 57  ASP A CA  1 
ATOM   458  C C   . ASP A 1 59  ? 12.940  -0.394  6.610   1.00 13.16 ? 57  ASP A C   1 
ATOM   459  O O   . ASP A 1 59  ? 12.298  -0.890  7.546   1.00 12.97 ? 57  ASP A O   1 
ATOM   460  C CB  . ASP A 1 59  ? 14.971  -1.534  5.716   1.00 14.67 ? 57  ASP A CB  1 
ATOM   461  C CG  . ASP A 1 59  ? 15.548  -2.657  4.866   1.00 18.98 ? 57  ASP A CG  1 
ATOM   462  O OD1 . ASP A 1 59  ? 14.866  -3.655  4.604   1.00 24.90 ? 57  ASP A OD1 1 
ATOM   463  O OD2 . ASP A 1 59  ? 16.764  -2.536  4.492   1.00 24.83 ? 57  ASP A OD2 1 
ATOM   464  N N   . ALA A 1 60  ? 13.173  0.906   6.483   1.00 12.12 ? 58  ALA A N   1 
ATOM   465  C CA  . ALA A 1 60  ? 12.623  1.873   7.445   1.00 11.52 ? 58  ALA A CA  1 
ATOM   466  C C   . ALA A 1 60  ? 11.131  1.860   7.504   1.00 10.26 ? 58  ALA A C   1 
ATOM   467  O O   . ALA A 1 60  ? 10.562  1.915   8.589   1.00 11.02 ? 58  ALA A O   1 
ATOM   468  C CB  . ALA A 1 60  ? 13.087  3.251   7.162   1.00 11.36 ? 58  ALA A CB  1 
ATOM   469  N N   . VAL A 1 61  ? 10.473  1.839   6.344   1.00 8.67  ? 59  VAL A N   1 
ATOM   470  C CA  . VAL A 1 61  ? 9.012   1.682   6.351   1.00 8.68  ? 59  VAL A CA  1 
ATOM   471  C C   . VAL A 1 61  ? 8.547   0.428   7.089   1.00 9.02  ? 59  VAL A C   1 
ATOM   472  O O   . VAL A 1 61  ? 7.608   0.471   7.892   1.00 8.54  ? 59  VAL A O   1 
ATOM   473  C CB  . VAL A 1 61  ? 8.450   1.707   4.904   1.00 8.43  ? 59  VAL A CB  1 
ATOM   474  C CG1 . VAL A 1 61  ? 6.922   1.522   4.936   1.00 5.96  ? 59  VAL A CG1 1 
ATOM   475  C CG2 . VAL A 1 61  ? 8.751   3.001   4.255   1.00 9.56  ? 59  VAL A CG2 1 
ATOM   476  N N   . ARG A 1 62  ? 9.135   -0.734  6.798   1.00 8.25  ? 60  ARG A N   1 
ATOM   477  C CA  . ARG A 1 62  ? 8.727   -1.965  7.507   1.00 7.52  ? 60  ARG A CA  1 
ATOM   478  C C   . ARG A 1 62  ? 8.909   -1.803  9.018   1.00 7.97  ? 60  ARG A C   1 
ATOM   479  O O   . ARG A 1 62  ? 8.020   -2.190  9.781   1.00 8.41  ? 60  ARG A O   1 
ATOM   480  C CB  . ARG A 1 62  ? 9.510   -3.200  7.062   1.00 8.67  ? 60  ARG A CB  1 
ATOM   481  C CG  . ARG A 1 62  ? 9.121   -4.455  7.808   1.00 7.93  ? 60  ARG A CG  1 
ATOM   482  C CD  . ARG A 1 62  ? 9.747   -5.734  7.270   1.00 10.40 ? 60  ARG A CD  1 
ATOM   483  N NE  . ARG A 1 62  ? 9.197   -6.188  5.975   1.00 9.46  ? 60  ARG A NE  1 
ATOM   484  C CZ  . ARG A 1 62  ? 8.104   -6.903  5.765   1.00 12.12 ? 60  ARG A CZ  1 
ATOM   485  N NH1 . ARG A 1 62  ? 7.277   -7.205  6.720   1.00 8.44  ? 60  ARG A NH1 1 
ATOM   486  N NH2 . ARG A 1 62  ? 7.785   -7.227  4.514   1.00 12.43 ? 60  ARG A NH2 1 
ATOM   487  N N   . GLN A 1 63  ? 10.068  -1.290  9.411   1.00 9.80  ? 61  GLN A N   1 
ATOM   488  C CA  . GLN A 1 63  ? 10.353  -1.173  10.868  1.00 10.32 ? 61  GLN A CA  1 
ATOM   489  C C   . GLN A 1 63  ? 9.284   -0.286  11.529  1.00 9.79  ? 61  GLN A C   1 
ATOM   490  O O   . GLN A 1 63  ? 8.813   -0.594  12.642  1.00 10.47 ? 61  GLN A O   1 
ATOM   491  C CB  . GLN A 1 63  ? 11.788  -0.698  11.180  1.00 11.61 ? 61  GLN A CB  1 
ATOM   492  C CG  . GLN A 1 63  ? 12.392  0.486   10.432  1.00 17.42 ? 61  GLN A CG  1 
ATOM   493  C CD  . GLN A 1 63  ? 13.948  0.622   10.576  1.00 24.65 ? 61  GLN A CD  1 
ATOM   494  O OE1 . GLN A 1 63  ? 14.697  -0.363  10.437  1.00 30.69 ? 61  GLN A OE1 1 
ATOM   495  N NE2 . GLN A 1 63  ? 14.423  1.866   10.815  1.00 27.21 ? 61  GLN A NE2 1 
ATOM   496  N N   . GLU A 1 64  ? 8.905   0.819   10.878  1.00 8.85  ? 62  GLU A N   1 
ATOM   497  C CA  . GLU A 1 64  ? 7.940   1.765   11.483  1.00 7.55  ? 62  GLU A CA  1 
ATOM   498  C C   . GLU A 1 64  ? 6.542   1.100   11.588  1.00 6.85  ? 62  GLU A C   1 
ATOM   499  O O   . GLU A 1 64  ? 5.883   1.226   12.578  1.00 7.64  ? 62  GLU A O   1 
ATOM   500  C CB  . GLU A 1 64  ? 7.863   3.074   10.717  1.00 7.90  ? 62  GLU A CB  1 
ATOM   501  C CG  . GLU A 1 64  ? 9.132   3.903   10.758  1.00 10.97 ? 62  GLU A CG  1 
ATOM   502  C CD  . GLU A 1 64  ? 9.307   4.660   12.051  1.00 18.05 ? 62  GLU A CD  1 
ATOM   503  O OE1 . GLU A 1 64  ? 8.430   4.585   12.952  1.00 15.90 ? 62  GLU A OE1 1 
ATOM   504  O OE2 . GLU A 1 64  ? 10.350  5.333   12.150  1.00 21.25 ? 62  GLU A OE2 1 
ATOM   505  N N   . VAL A 1 65  ? 6.106   0.429   10.522  1.00 4.78  ? 63  VAL A N   1 
ATOM   506  C CA  . VAL A 1 65  ? 4.825   -0.264  10.524  1.00 5.31  ? 63  VAL A CA  1 
ATOM   507  C C   . VAL A 1 65  ? 4.822   -1.393  11.551  1.00 6.31  ? 63  VAL A C   1 
ATOM   508  O O   . VAL A 1 65  ? 3.884   -1.488  12.372  1.00 6.90  ? 63  VAL A O   1 
ATOM   509  C CB  . VAL A 1 65  ? 4.514   -0.836  9.129   1.00 4.22  ? 63  VAL A CB  1 
ATOM   510  C CG1 . VAL A 1 65  ? 3.195   -1.688  9.254   1.00 5.79  ? 63  VAL A CG1 1 
ATOM   511  C CG2 . VAL A 1 65  ? 4.353   0.263   8.145   1.00 7.79  ? 63  VAL A CG2 1 
ATOM   512  N N   . GLU A 1 66  ? 5.882   -2.208  11.567  1.00 7.79  ? 64  GLU A N   1 
ATOM   513  C CA  . GLU A 1 66  ? 5.942   -3.338  12.490  1.00 8.00  ? 64  GLU A CA  1 
ATOM   514  C C   . GLU A 1 66  ? 5.979   -2.868  13.965  1.00 7.72  ? 64  GLU A C   1 
ATOM   515  O O   . GLU A 1 66  ? 5.351   -3.488  14.846  1.00 8.97  ? 64  GLU A O   1 
ATOM   516  C CB  . GLU A 1 66  ? 7.086   -4.252  12.136  1.00 8.31  ? 64  GLU A CB  1 
ATOM   517  C CG  . GLU A 1 66  ? 6.813   -5.094  10.927  1.00 11.66 ? 64  GLU A CG  1 
ATOM   518  C CD  . GLU A 1 66  ? 7.918   -6.072  10.586  1.00 15.30 ? 64  GLU A CD  1 
ATOM   519  O OE1 . GLU A 1 66  ? 8.991   -6.021  11.227  1.00 16.69 ? 64  GLU A OE1 1 
ATOM   520  O OE2 . GLU A 1 66  ? 7.717   -6.890  9.635   1.00 12.06 ? 64  GLU A OE2 1 
ATOM   521  N N   . GLU A 1 67  ? 6.661   -1.769  14.204  1.00 6.16  ? 65  GLU A N   1 
ATOM   522  C CA  . GLU A 1 67  ? 6.663   -1.183  15.563  1.00 6.84  ? 65  GLU A CA  1 
ATOM   523  C C   . GLU A 1 67  ? 5.284   -0.735  16.044  1.00 5.69  ? 65  GLU A C   1 
ATOM   524  O O   . GLU A 1 67  ? 4.963   -0.856  17.239  1.00 6.55  ? 65  GLU A O   1 
ATOM   525  C CB  . GLU A 1 67  ? 7.668   -0.029  15.711  1.00 7.42  ? 65  GLU A CB  1 
ATOM   526  C CG  . GLU A 1 67  ? 7.593   0.672   17.059  1.00 9.14  ? 65  GLU A CG  1 
ATOM   527  C CD  . GLU A 1 67  ? 7.738   -0.255  18.277  1.00 8.98  ? 65  GLU A CD  1 
ATOM   528  O OE1 . GLU A 1 67  ? 8.445   -1.294  18.217  1.00 14.97 ? 65  GLU A OE1 1 
ATOM   529  O OE2 . GLU A 1 67  ? 7.167   0.092   19.310  1.00 3.55  ? 65  GLU A OE2 1 
ATOM   530  N N   . ILE A 1 68  ? 4.508   -0.105  15.180  1.00 4.86  ? 66  ILE A N   1 
ATOM   531  C CA  . ILE A 1 68  ? 3.188   0.300   15.547  1.00 5.53  ? 66  ILE A CA  1 
ATOM   532  C C   . ILE A 1 68  ? 2.273   -0.898  15.780  1.00 5.63  ? 66  ILE A C   1 
ATOM   533  O O   . ILE A 1 68  ? 1.529   -0.953  16.762  1.00 6.24  ? 66  ILE A O   1 
ATOM   534  C CB  . ILE A 1 68  ? 2.550   1.255   14.501  1.00 4.57  ? 66  ILE A CB  1 
ATOM   535  C CG1 . ILE A 1 68  ? 3.310   2.614   14.567  1.00 6.38  ? 66  ILE A CG1 1 
ATOM   536  C CG2 . ILE A 1 68  ? 1.050   1.371   14.777  1.00 6.42  ? 66  ILE A CG2 1 
ATOM   537  C CD1 . ILE A 1 68  ? 2.951   3.558   13.406  1.00 9.80  ? 66  ILE A CD1 1 
ATOM   538  N N   . ILE A 1 69  ? 2.292   -1.875  14.864  1.00 5.67  ? 67  ILE A N   1 
ATOM   539  C CA  . ILE A 1 69  ? 1.197   -2.882  14.898  1.00 6.89  ? 67  ILE A CA  1 
ATOM   540  C C   . ILE A 1 69  ? 1.517   -4.111  15.753  1.00 8.85  ? 67  ILE A C   1 
ATOM   541  O O   . ILE A 1 69  ? 0.608   -4.796  16.187  1.00 8.91  ? 67  ILE A O   1 
ATOM   542  C CB  . ILE A 1 69  ? 0.762   -3.283  13.460  1.00 7.12  ? 67  ILE A CB  1 
ATOM   543  C CG1 . ILE A 1 69  ? 1.865   -4.076  12.734  1.00 7.61  ? 67  ILE A CG1 1 
ATOM   544  C CG2 . ILE A 1 69  ? 0.335   -2.002  12.682  1.00 8.05  ? 67  ILE A CG2 1 
ATOM   545  C CD1 . ILE A 1 69  ? 1.526   -4.421  11.280  1.00 8.57  ? 67  ILE A CD1 1 
ATOM   546  N N   . GLY A 1 70  ? 2.803   -4.362  15.973  1.00 9.08  ? 68  GLY A N   1 
ATOM   547  C CA  . GLY A 1 70  ? 3.273   -5.510  16.737  1.00 11.61 ? 68  GLY A CA  1 
ATOM   548  C C   . GLY A 1 70  ? 2.637   -6.811  16.247  1.00 13.55 ? 68  GLY A C   1 
ATOM   549  O O   . GLY A 1 70  ? 2.457   -7.029  15.014  1.00 10.53 ? 68  GLY A O   1 
ATOM   550  N N   . GLN A 1 71  ? 2.287   -7.656  17.209  1.00 17.13 ? 69  GLN A N   1 
ATOM   551  C CA  . GLN A 1 71  ? 1.906   -9.020  16.945  1.00 19.69 ? 69  GLN A CA  1 
ATOM   552  C C   . GLN A 1 71  ? 0.485   -9.166  17.374  1.00 20.65 ? 69  GLN A C   1 
ATOM   553  O O   . GLN A 1 71  ? 0.116   -8.729  18.472  1.00 21.07 ? 69  GLN A O   1 
ATOM   554  C CB  . GLN A 1 71  ? 2.719   -9.967  17.840  1.00 21.48 ? 69  GLN A CB  1 
ATOM   555  C CG  . GLN A 1 71  ? 4.190   -9.973  17.529  1.00 26.99 ? 69  GLN A CG  1 
ATOM   556  C CD  . GLN A 1 71  ? 4.461   -10.408 16.104  1.00 31.35 ? 69  GLN A CD  1 
ATOM   557  O OE1 . GLN A 1 71  ? 3.809   -11.334 15.590  1.00 35.68 ? 69  GLN A OE1 1 
ATOM   558  N NE2 . GLN A 1 71  ? 5.418   -9.746  15.451  1.00 33.69 ? 69  GLN A NE2 1 
ATOM   559  N N   . GLY A 1 72  ? -0.283  -9.884  16.590  1.00 20.54 ? 70  GLY A N   1 
ATOM   560  C CA  . GLY A 1 72  ? -1.612  -10.196 16.964  1.00 21.12 ? 70  GLY A CA  1 
ATOM   561  C C   . GLY A 1 72  ? -1.693  -11.433 17.808  1.00 21.66 ? 70  GLY A C   1 
ATOM   562  O O   . GLY A 1 72  ? -0.689  -12.111 18.126  1.00 19.62 ? 70  GLY A O   1 
ATOM   563  N N   . SER A 1 73  ? -2.926  -11.733 18.173  1.00 23.46 ? 71  SER A N   1 
ATOM   564  C CA  . SER A 1 73  ? -3.237  -12.912 18.903  1.00 24.69 ? 71  SER A CA  1 
ATOM   565  C C   . SER A 1 73  ? -4.377  -13.678 18.223  1.00 25.35 ? 71  SER A C   1 
ATOM   566  O O   . SER A 1 73  ? -5.089  -14.446 18.884  1.00 24.36 ? 71  SER A O   1 
ATOM   567  C CB  . SER A 1 73  ? -3.663  -12.515 20.321  1.00 25.09 ? 71  SER A CB  1 
ATOM   568  O OG  . SER A 1 73  ? -4.334  -13.590 20.941  1.00 28.79 ? 71  SER A OG  1 
ATOM   569  N N   . GLN A 1 74  ? -4.539  -13.483 16.908  1.00 25.00 ? 72  GLN A N   1 
ATOM   570  C CA  . GLN A 1 74  ? -5.543  -14.224 16.154  1.00 25.57 ? 72  GLN A CA  1 
ATOM   571  C C   . GLN A 1 74  ? -4.917  -14.964 14.992  1.00 25.98 ? 72  GLN A C   1 
ATOM   572  O O   . GLN A 1 74  ? -5.095  -14.561 13.830  1.00 24.90 ? 72  GLN A O   1 
ATOM   573  C CB  . GLN A 1 74  ? -6.650  -13.294 15.641  1.00 26.32 ? 72  GLN A CB  1 
ATOM   574  C CG  . GLN A 1 74  ? -7.404  -12.589 16.737  1.00 26.13 ? 72  GLN A CG  1 
ATOM   575  C CD  . GLN A 1 74  ? -8.192  -13.539 17.632  1.00 27.57 ? 72  GLN A CD  1 
ATOM   576  O OE1 . GLN A 1 74  ? -8.355  -14.733 17.325  1.00 28.68 ? 72  GLN A OE1 1 
ATOM   577  N NE2 . GLN A 1 74  ? -8.683  -13.012 18.744  1.00 27.02 ? 72  GLN A NE2 1 
ATOM   578  N N   . PRO A 1 75  ? -4.187  -16.061 15.298  1.00 26.04 ? 73  PRO A N   1 
ATOM   579  C CA  . PRO A 1 75  ? -3.736  -16.918 14.213  1.00 25.96 ? 73  PRO A CA  1 
ATOM   580  C C   . PRO A 1 75  ? -4.950  -17.422 13.439  1.00 26.07 ? 73  PRO A C   1 
ATOM   581  O O   . PRO A 1 75  ? -5.984  -17.805 14.039  1.00 25.41 ? 73  PRO A O   1 
ATOM   582  C CB  . PRO A 1 75  ? -3.053  -18.093 14.942  1.00 26.57 ? 73  PRO A CB  1 
ATOM   583  C CG  . PRO A 1 75  ? -2.853  -17.616 16.365  1.00 26.28 ? 73  PRO A CG  1 
ATOM   584  C CD  . PRO A 1 75  ? -3.962  -16.680 16.621  1.00 26.40 ? 73  PRO A CD  1 
ATOM   585  N N   . THR A 1 76  ? -4.858  -17.402 12.120  1.00 25.29 ? 74  THR A N   1 
ATOM   586  C CA  . THR A 1 76  ? -5.873  -18.069 11.359  1.00 25.71 ? 74  THR A CA  1 
ATOM   587  C C   . THR A 1 76  ? -5.305  -18.660 10.090  1.00 25.51 ? 74  THR A C   1 
ATOM   588  O O   . THR A 1 76  ? -4.197  -18.339 9.663   1.00 24.16 ? 74  THR A O   1 
ATOM   589  C CB  . THR A 1 76  ? -7.075  -17.151 11.062  1.00 26.18 ? 74  THR A CB  1 
ATOM   590  O OG1 . THR A 1 76  ? -8.262  -17.960 10.935  1.00 27.95 ? 74  THR A OG1 1 
ATOM   591  C CG2 . THR A 1 76  ? -6.842  -16.309 9.816   1.00 26.54 ? 74  THR A CG2 1 
ATOM   592  N N   . THR A 1 77  ? -6.089  -19.576 9.541   1.00 25.92 ? 75  THR A N   1 
ATOM   593  C CA  . THR A 1 77  ? -5.825  -20.198 8.267   1.00 26.52 ? 75  THR A CA  1 
ATOM   594  C C   . THR A 1 77  ? -6.881  -19.794 7.227   1.00 25.87 ? 75  THR A C   1 
ATOM   595  O O   . THR A 1 77  ? -6.672  -19.956 6.026   1.00 26.57 ? 75  THR A O   1 
ATOM   596  C CB  . THR A 1 77  ? -5.831  -21.720 8.433   1.00 26.50 ? 75  THR A CB  1 
ATOM   597  O OG1 . THR A 1 77  ? -7.139  -22.145 8.848   1.00 28.27 ? 75  THR A OG1 1 
ATOM   598  C CG2 . THR A 1 77  ? -4.810  -22.144 9.498   1.00 27.29 ? 75  THR A CG2 1 
ATOM   599  N N   . GLY A 1 78  ? -8.012  -19.251 7.663   1.00 25.66 ? 76  GLY A N   1 
ATOM   600  C CA  . GLY A 1 78  ? -9.046  -18.869 6.716   1.00 25.34 ? 76  GLY A CA  1 
ATOM   601  C C   . GLY A 1 78  ? -8.719  -17.776 5.705   1.00 25.38 ? 76  GLY A C   1 
ATOM   602  O O   . GLY A 1 78  ? -7.571  -17.342 5.521   1.00 26.35 ? 76  GLY A O   1 
ATOM   603  N N   . HIS A 1 79  ? -9.764  -17.352 5.003   1.00 24.65 ? 77  HIS A N   1 
ATOM   604  C CA  . HIS A 1 79  ? -9.717  -16.112 4.263   1.00 23.28 ? 77  HIS A CA  1 
ATOM   605  C C   . HIS A 1 79  ? -9.562  -15.067 5.352   1.00 20.79 ? 77  HIS A C   1 
ATOM   606  O O   . HIS A 1 79  ? -10.094 -15.236 6.444   1.00 21.05 ? 77  HIS A O   1 
ATOM   607  C CB  . HIS A 1 79  ? -11.007 -15.980 3.439   1.00 24.17 ? 77  HIS A CB  1 
ATOM   608  C CG  . HIS A 1 79  ? -11.401 -14.586 3.063   1.00 26.01 ? 77  HIS A CG  1 
ATOM   609  N ND1 . HIS A 1 79  ? -10.858 -13.919 1.987   1.00 31.01 ? 77  HIS A ND1 1 
ATOM   610  C CD2 . HIS A 1 79  ? -12.375 -13.779 3.553   1.00 28.33 ? 77  HIS A CD2 1 
ATOM   611  C CE1 . HIS A 1 79  ? -11.434 -12.733 1.869   1.00 31.14 ? 77  HIS A CE1 1 
ATOM   612  N NE2 . HIS A 1 79  ? -12.360 -12.625 2.806   1.00 30.75 ? 77  HIS A NE2 1 
ATOM   613  N N   . ILE A 1 80  ? -8.736  -14.053 5.086   1.00 18.18 ? 78  ILE A N   1 
ATOM   614  C CA  . ILE A 1 80  ? -8.614  -12.919 5.970   1.00 15.16 ? 78  ILE A CA  1 
ATOM   615  C C   . ILE A 1 80  ? -9.276  -11.733 5.281   1.00 12.57 ? 78  ILE A C   1 
ATOM   616  O O   . ILE A 1 80  ? -8.837  -11.294 4.198   1.00 10.10 ? 78  ILE A O   1 
ATOM   617  C CB  . ILE A 1 80  ? -7.132  -12.512 6.226   1.00 14.88 ? 78  ILE A CB  1 
ATOM   618  C CG1 . ILE A 1 80  ? -6.289  -13.700 6.682   1.00 17.96 ? 78  ILE A CG1 1 
ATOM   619  C CG2 . ILE A 1 80  ? -7.115  -11.443 7.265   1.00 14.88 ? 78  ILE A CG2 1 
ATOM   620  C CD1 . ILE A 1 80  ? -4.833  -13.259 6.995   1.00 18.56 ? 78  ILE A CD1 1 
ATOM   621  N N   . PRO A 1 81  ? -10.330 -11.188 5.904   1.00 9.88  ? 79  PRO A N   1 
ATOM   622  C CA  . PRO A 1 81  ? -11.014 -10.076 5.250   1.00 10.08 ? 79  PRO A CA  1 
ATOM   623  C C   . PRO A 1 81  ? -10.241 -8.777  5.355   1.00 10.03 ? 79  PRO A C   1 
ATOM   624  O O   . PRO A 1 81  ? -9.464  -8.619  6.281   1.00 10.01 ? 79  PRO A O   1 
ATOM   625  C CB  . PRO A 1 81  ? -12.301 -9.917  6.082   1.00 10.21 ? 79  PRO A CB  1 
ATOM   626  C CG  . PRO A 1 81  ? -11.856 -10.309 7.436   1.00 10.53 ? 79  PRO A CG  1 
ATOM   627  C CD  . PRO A 1 81  ? -10.952 -11.503 7.205   1.00 11.81 ? 79  PRO A CD  1 
ATOM   628  N N   . PHE A 1 82  ? -10.512 -7.849  4.444   1.00 10.36 ? 80  PHE A N   1 
ATOM   629  C CA  . PHE A 1 82  ? -10.047 -6.477  4.571   1.00 9.58  ? 80  PHE A CA  1 
ATOM   630  C C   . PHE A 1 82  ? -10.828 -5.723  5.663   1.00 8.50  ? 80  PHE A C   1 
ATOM   631  O O   . PHE A 1 82  ? -12.041 -5.937  5.874   1.00 9.45  ? 80  PHE A O   1 
ATOM   632  C CB  . PHE A 1 82  ? -10.242 -5.676  3.280   1.00 11.06 ? 80  PHE A CB  1 
ATOM   633  C CG  . PHE A 1 82  ? -9.391  -6.145  2.105   1.00 11.59 ? 80  PHE A CG  1 
ATOM   634  C CD1 . PHE A 1 82  ? -8.037  -5.977  2.087   1.00 15.37 ? 80  PHE A CD1 1 
ATOM   635  C CD2 . PHE A 1 82  ? -10.019 -6.737  1.018   1.00 14.92 ? 80  PHE A CD2 1 
ATOM   636  C CE1 . PHE A 1 82  ? -7.305  -6.413  0.966   1.00 15.30 ? 80  PHE A CE1 1 
ATOM   637  C CE2 . PHE A 1 82  ? -9.349  -7.198  -0.051  1.00 15.95 ? 80  PHE A CE2 1 
ATOM   638  C CZ  . PHE A 1 82  ? -7.947  -7.034  -0.092  1.00 11.94 ? 80  PHE A CZ  1 
ATOM   639  N N   . THR A 1 83  ? -10.123 -4.902  6.417   1.00 8.44  ? 81  THR A N   1 
ATOM   640  C CA  . THR A 1 83  ? -10.777 -3.882  7.258   1.00 7.48  ? 81  THR A CA  1 
ATOM   641  C C   . THR A 1 83  ? -11.552 -2.882  6.362   1.00 9.43  ? 81  THR A C   1 
ATOM   642  O O   . THR A 1 83  ? -11.207 -2.651  5.184   1.00 7.18  ? 81  THR A O   1 
ATOM   643  C CB  . THR A 1 83  ? -9.797  -3.074  8.102   1.00 6.80  ? 81  THR A CB  1 
ATOM   644  O OG1 . THR A 1 83  ? -9.008  -2.250  7.242   1.00 6.45  ? 81  THR A OG1 1 
ATOM   645  C CG2 . THR A 1 83  ? -8.875  -3.977  8.939   1.00 7.29  ? 81  THR A CG2 1 
ATOM   646  N N   . PRO A 1 84  ? -12.538 -2.196  6.940   1.00 7.00  ? 82  PRO A N   1 
ATOM   647  C CA  . PRO A 1 84  ? -13.201 -1.162  6.147   1.00 7.99  ? 82  PRO A CA  1 
ATOM   648  C C   . PRO A 1 84  ? -12.249 -0.101  5.548   1.00 7.67  ? 82  PRO A C   1 
ATOM   649  O O   . PRO A 1 84  ? -12.418 0.306   4.370   1.00 7.94  ? 82  PRO A O   1 
ATOM   650  C CB  . PRO A 1 84  ? -14.188 -0.580  7.149   1.00 7.99  ? 82  PRO A CB  1 
ATOM   651  C CG  . PRO A 1 84  ? -14.565 -1.801  8.012   1.00 7.76  ? 82  PRO A CG  1 
ATOM   652  C CD  . PRO A 1 84  ? -13.273 -2.509  8.190   1.00 10.32 ? 82  PRO A CD  1 
ATOM   653  N N   . ARG A 1 85  ? -11.249 0.355   6.303   1.00 7.34  ? 83  ARG A N   1 
ATOM   654  C CA  . ARG A 1 85  ? -10.324 1.320   5.746   1.00 8.21  ? 83  ARG A CA  1 
ATOM   655  C C   . ARG A 1 85  ? -9.449  0.706   4.668   1.00 7.03  ? 83  ARG A C   1 
ATOM   656  O O   . ARG A 1 85  ? -9.050  1.418   3.749   1.00 9.65  ? 83  ARG A O   1 
ATOM   657  C CB  . ARG A 1 85  ? -9.551  2.095   6.819   1.00 8.64  ? 83  ARG A CB  1 
ATOM   658  C CG  . ARG A 1 85  ? -10.487 2.955   7.732   1.00 12.26 ? 83  ARG A CG  1 
ATOM   659  C CD  . ARG A 1 85  ? -11.378 3.944   6.926   1.00 14.52 ? 83  ARG A CD  1 
ATOM   660  N NE  . ARG A 1 85  ? -10.630 5.046   6.340   1.00 13.57 ? 83  ARG A NE  1 
ATOM   661  C CZ  . ARG A 1 85  ? -11.184 6.130   5.777   1.00 14.50 ? 83  ARG A CZ  1 
ATOM   662  N NH1 . ARG A 1 85  ? -10.397 7.105   5.303   1.00 15.49 ? 83  ARG A NH1 1 
ATOM   663  N NH2 . ARG A 1 85  ? -12.514 6.240   5.672   1.00 20.31 ? 83  ARG A NH2 1 
ATOM   664  N N   . ALA A 1 86  ? -9.063  -0.576  4.791   1.00 7.09  ? 84  ALA A N   1 
ATOM   665  C CA  . ALA A 1 86  ? -8.291  -1.229  3.719   1.00 7.36  ? 84  ALA A CA  1 
ATOM   666  C C   . ALA A 1 86  ? -9.120  -1.293  2.431   1.00 5.45  ? 84  ALA A C   1 
ATOM   667  O O   . ALA A 1 86  ? -8.572  -1.046  1.343   1.00 5.50  ? 84  ALA A O   1 
ATOM   668  C CB  . ALA A 1 86  ? -7.801  -2.633  4.155   1.00 7.82  ? 84  ALA A CB  1 
ATOM   669  N N   . LYS A 1 87  ? -10.408 -1.649  2.524   1.00 6.04  ? 85  LYS A N   1 
ATOM   670  C CA  . LYS A 1 87  ? -11.261 -1.570  1.375   1.00 5.80  ? 85  LYS A CA  1 
ATOM   671  C C   . LYS A 1 87  ? -11.313 -0.162  0.781   1.00 5.91  ? 85  LYS A C   1 
ATOM   672  O O   . LYS A 1 87  ? -11.223 -0.005  -0.459  1.00 7.62  ? 85  LYS A O   1 
ATOM   673  C CB  . LYS A 1 87  ? -12.694 -2.068  1.725   1.00 7.32  ? 85  LYS A CB  1 
ATOM   674  C CG  . LYS A 1 87  ? -12.743 -3.455  2.151   1.00 12.24 ? 85  LYS A CG  1 
ATOM   675  C CD  . LYS A 1 87  ? -14.204 -3.927  2.392   1.00 16.62 ? 85  LYS A CD  1 
ATOM   676  C CE  . LYS A 1 87  ? -14.347 -5.129  3.334   1.00 17.45 ? 85  LYS A CE  1 
ATOM   677  N NZ  . LYS A 1 87  ? -15.855 -5.490  3.501   1.00 19.79 ? 85  LYS A NZ  1 
ATOM   678  N N   . LYS A 1 88  ? -11.376 0.843   1.633   1.00 5.65  ? 86  LYS A N   1 
ATOM   679  C CA  . LYS A 1 88  ? -11.342 2.234   1.132   1.00 9.25  ? 86  LYS A CA  1 
ATOM   680  C C   . LYS A 1 88  ? -10.037 2.524   0.403   1.00 9.06  ? 86  LYS A C   1 
ATOM   681  O O   . LYS A 1 88  ? -10.049 3.190   -0.650  1.00 9.02  ? 86  LYS A O   1 
ATOM   682  C CB  . LYS A 1 88  ? -11.523 3.239   2.273   1.00 8.86  ? 86  LYS A CB  1 
ATOM   683  C CG  . LYS A 1 88  ? -11.572 4.689   1.836   1.00 15.25 ? 86  LYS A CG  1 
ATOM   684  C CD  . LYS A 1 88  ? -11.798 5.665   2.968   1.00 22.46 ? 86  LYS A CD  1 
ATOM   685  C CE  . LYS A 1 88  ? -11.828 7.170   2.534   1.00 25.06 ? 86  LYS A CE  1 
ATOM   686  N NZ  . LYS A 1 88  ? -12.054 8.169   3.663   1.00 31.49 ? 86  LYS A NZ  1 
ATOM   687  N N   . VAL A 1 89  ? -8.894  2.020   0.891   1.00 9.29  ? 87  VAL A N   1 
ATOM   688  C CA  . VAL A 1 89  ? -7.606  2.227   0.187   1.00 7.05  ? 87  VAL A CA  1 
ATOM   689  C C   . VAL A 1 89  ? -7.707  1.728   -1.244  1.00 7.72  ? 87  VAL A C   1 
ATOM   690  O O   . VAL A 1 89  ? -7.198  2.348   -2.203  1.00 6.87  ? 87  VAL A O   1 
ATOM   691  C CB  . VAL A 1 89  ? -6.448  1.458   0.881   1.00 7.50  ? 87  VAL A CB  1 
ATOM   692  C CG1 . VAL A 1 89  ? -5.194  1.439   0.024   1.00 7.61  ? 87  VAL A CG1 1 
ATOM   693  C CG2 . VAL A 1 89  ? -6.137  2.083   2.231   1.00 11.21 ? 87  VAL A CG2 1 
ATOM   694  N N   . LEU A 1 90  ? -8.303  0.547   -1.420  1.00 6.35  ? 88  LEU A N   1 
ATOM   695  C CA  . LEU A 1 90  ? -8.434  -0.006  -2.783  1.00 7.43  ? 88  LEU A CA  1 
ATOM   696  C C   . LEU A 1 90  ? -9.271  0.908   -3.710  1.00 7.36  ? 88  LEU A C   1 
ATOM   697  O O   . LEU A 1 90  ? -8.869  1.156   -4.848  1.00 6.47  ? 88  LEU A O   1 
ATOM   698  C CB  . LEU A 1 90  ? -8.990  -1.418  -2.732  1.00 8.23  ? 88  LEU A CB  1 
ATOM   699  C CG  . LEU A 1 90  ? -8.150  -2.339  -1.850  1.00 8.16  ? 88  LEU A CG  1 
ATOM   700  C CD1 . LEU A 1 90  ? -8.978  -3.635  -1.755  1.00 14.80 ? 88  LEU A CD1 1 
ATOM   701  C CD2 . LEU A 1 90  ? -6.730  -2.617  -2.208  1.00 12.60 ? 88  LEU A CD2 1 
ATOM   702  N N   . GLU A 1 91  ? -10.419 1.390   -3.212  1.00 6.59  ? 89  GLU A N   1 
ATOM   703  C CA  . GLU A 1 91  ? -11.260 2.310   -3.949  1.00 6.87  ? 89  GLU A CA  1 
ATOM   704  C C   . GLU A 1 91  ? -10.480 3.564   -4.300  1.00 7.04  ? 89  GLU A C   1 
ATOM   705  O O   . GLU A 1 91  ? -10.510 4.034   -5.418  1.00 5.99  ? 89  GLU A O   1 
ATOM   706  C CB  . GLU A 1 91  ? -12.467 2.682   -3.126  1.00 7.27  ? 89  GLU A CB  1 
ATOM   707  C CG  . GLU A 1 91  ? -13.315 1.455   -2.863  1.00 11.09 ? 89  GLU A CG  1 
ATOM   708  C CD  . GLU A 1 91  ? -14.450 1.681   -1.894  1.00 15.97 ? 89  GLU A CD  1 
ATOM   709  O OE1 . GLU A 1 91  ? -14.428 2.670   -1.133  1.00 18.37 ? 89  GLU A OE1 1 
ATOM   710  O OE2 . GLU A 1 91  ? -15.382 0.812   -1.836  1.00 20.83 ? 89  GLU A OE2 1 
ATOM   711  N N   . LEU A 1 92  ? -9.810  4.124   -3.300  1.00 6.01  ? 90  LEU A N   1 
ATOM   712  C CA  . LEU A 1 92  ? -9.049  5.351   -3.486  1.00 6.52  ? 90  LEU A CA  1 
ATOM   713  C C   . LEU A 1 92  ? -7.911  5.230   -4.495  1.00 6.62  ? 90  LEU A C   1 
ATOM   714  O O   . LEU A 1 92  ? -7.628  6.143   -5.251  1.00 6.31  ? 90  LEU A O   1 
ATOM   715  C CB  . LEU A 1 92  ? -8.525  5.887   -2.144  1.00 6.16  ? 90  LEU A CB  1 
ATOM   716  C CG  . LEU A 1 92  ? -9.559  6.395   -1.156  1.00 5.33  ? 90  LEU A CG  1 
ATOM   717  C CD1 . LEU A 1 92  ? -8.945  6.614   0.238   1.00 6.99  ? 90  LEU A CD1 1 
ATOM   718  C CD2 . LEU A 1 92  ? -10.344 7.626   -1.612  1.00 4.77  ? 90  LEU A CD2 1 
ATOM   719  N N   . SER A 1 93  ? -7.258  4.070   -4.526  1.00 5.40  ? 91  SER A N   1 
ATOM   720  C CA  . SER A 1 93  ? -6.208  3.757   -5.393  1.00 6.19  ? 91  SER A CA  1 
ATOM   721  C C   . SER A 1 93  ? -6.691  3.853   -6.839  1.00 5.36  ? 91  SER A C   1 
ATOM   722  O O   . SER A 1 93  ? -6.013  4.422   -7.642  1.00 5.78  ? 91  SER A O   1 
ATOM   723  C CB  . SER A 1 93  ? -5.667  2.347   -5.111  1.00 5.73  ? 91  SER A CB  1 
ATOM   724  O OG  . SER A 1 93  ? -5.150  2.246   -3.793  1.00 7.69  ? 91  SER A OG  1 
ATOM   725  N N   . LEU A 1 94  ? -7.826  3.250   -7.129  1.00 5.09  ? 92  LEU A N   1 
ATOM   726  C CA  . LEU A 1 94  ? -8.425  3.340   -8.471  1.00 5.51  ? 92  LEU A CA  1 
ATOM   727  C C   . LEU A 1 94  ? -8.665  4.813   -8.855  1.00 5.62  ? 92  LEU A C   1 
ATOM   728  O O   . LEU A 1 94  ? -8.340  5.227   -9.961  1.00 5.26  ? 92  LEU A O   1 
ATOM   729  C CB  . LEU A 1 94  ? -9.691  2.494   -8.575  1.00 7.43  ? 92  LEU A CB  1 
ATOM   730  C CG  . LEU A 1 94  ? -9.463  0.988   -8.481  1.00 5.47  ? 92  LEU A CG  1 
ATOM   731  C CD1 . LEU A 1 94  ? -10.815 0.223   -8.266  1.00 8.90  ? 92  LEU A CD1 1 
ATOM   732  C CD2 . LEU A 1 94  ? -8.768  0.500   -9.754  1.00 9.77  ? 92  LEU A CD2 1 
ATOM   733  N N   . ARG A 1 95  ? -9.149  5.647   -7.939  1.00 6.02  ? 93  ARG A N   1 
ATOM   734  C CA  . ARG A 1 95  ? -9.424  7.032   -8.257  1.00 6.39  ? 93  ARG A CA  1 
ATOM   735  C C   . ARG A 1 95  ? -8.120  7.833   -8.427  1.00 5.49  ? 93  ARG A C   1 
ATOM   736  O O   . ARG A 1 95  ? -8.073  8.710   -9.247  1.00 4.27  ? 93  ARG A O   1 
ATOM   737  C CB  . ARG A 1 95  ? -10.260 7.573   -7.121  1.00 7.68  ? 93  ARG A CB  1 
ATOM   738  C CG  . ARG A 1 95  ? -10.805 8.953   -7.268  1.00 11.75 ? 93  ARG A CG  1 
ATOM   739  C CD  . ARG A 1 95  ? -11.990 9.163   -6.273  1.00 9.93  ? 93  ARG A CD  1 
ATOM   740  N NE  . ARG A 1 95  ? -12.399 10.523  -6.333  1.00 12.62 ? 93  ARG A NE  1 
ATOM   741  C CZ  . ARG A 1 95  ? -13.400 10.980  -7.061  1.00 5.05  ? 93  ARG A CZ  1 
ATOM   742  N NH1 . ARG A 1 95  ? -14.198 10.131  -7.774  1.00 5.78  ? 93  ARG A NH1 1 
ATOM   743  N NH2 . ARG A 1 95  ? -13.674 12.233  -6.971  1.00 7.95  ? 93  ARG A NH2 1 
ATOM   744  N N   . GLU A 1 96  ? -7.063  7.515   -7.680  1.00 4.11  ? 94  GLU A N   1 
ATOM   745  C CA  . GLU A 1 96  ? -5.738  8.142   -7.890  1.00 4.68  ? 94  GLU A CA  1 
ATOM   746  C C   . GLU A 1 96  ? -5.261  7.832   -9.296  1.00 6.09  ? 94  GLU A C   1 
ATOM   747  O O   . GLU A 1 96  ? -4.764  8.696   -9.981  1.00 4.52  ? 94  GLU A O   1 
ATOM   748  C CB  . GLU A 1 96  ? -4.758  7.676   -6.819  1.00 4.98  ? 94  GLU A CB  1 
ATOM   749  C CG  . GLU A 1 96  ? -5.088  8.231   -5.392  1.00 6.24  ? 94  GLU A CG  1 
ATOM   750  C CD  . GLU A 1 96  ? -4.946  9.728   -5.307  1.00 6.78  ? 94  GLU A CD  1 
ATOM   751  O OE1 . GLU A 1 96  ? -3.915  10.275  -5.780  1.00 5.50  ? 94  GLU A OE1 1 
ATOM   752  O OE2 . GLU A 1 96  ? -5.917  10.355  -4.836  1.00 9.46  ? 94  GLU A OE2 1 
ATOM   753  N N   . GLY A 1 97  ? -5.431  6.586   -9.718  1.00 6.15  ? 95  GLY A N   1 
ATOM   754  C CA  . GLY A 1 97  ? -5.127  6.180   -11.082 1.00 5.68  ? 95  GLY A CA  1 
ATOM   755  C C   . GLY A 1 97  ? -5.863  6.998   -12.126 1.00 5.86  ? 95  GLY A C   1 
ATOM   756  O O   . GLY A 1 97  ? -5.279  7.545   -13.026 1.00 6.36  ? 95  GLY A O   1 
ATOM   757  N N   . LEU A 1 98  ? -7.180  7.060   -12.020 1.00 5.64  ? 96  LEU A N   1 
ATOM   758  C CA  . LEU A 1 98  ? -7.975  7.787   -13.011 1.00 5.92  ? 96  LEU A CA  1 
ATOM   759  C C   . LEU A 1 98  ? -7.627  9.274   -13.083 1.00 6.04  ? 96  LEU A C   1 
ATOM   760  O O   . LEU A 1 98  ? -7.721  9.871   -14.162 1.00 6.99  ? 96  LEU A O   1 
ATOM   761  C CB  . LEU A 1 98  ? -9.477  7.653   -12.744 1.00 5.76  ? 96  LEU A CB  1 
ATOM   762  C CG  . LEU A 1 98  ? -10.200 6.317   -12.792 1.00 8.01  ? 96  LEU A CG  1 
ATOM   763  C CD1 . LEU A 1 98  ? -11.698 6.439   -12.515 1.00 13.16 ? 96  LEU A CD1 1 
ATOM   764  C CD2 . LEU A 1 98  ? -10.004 5.770   -14.185 1.00 9.00  ? 96  LEU A CD2 1 
ATOM   765  N N   . GLN A 1 99  ? -7.255  9.893   -11.949 1.00 5.35  ? 97  GLN A N   1 
ATOM   766  C CA  . GLN A 1 99  ? -6.819  11.278  -11.962 1.00 6.00  ? 97  GLN A CA  1 
ATOM   767  C C   . GLN A 1 99  ? -5.583  11.517  -12.826 1.00 5.51  ? 97  GLN A C   1 
ATOM   768  O O   . GLN A 1 99  ? -5.393  12.620  -13.335 1.00 7.06  ? 97  GLN A O   1 
ATOM   769  C CB  . GLN A 1 99  ? -6.488  11.739  -10.549 1.00 6.12  ? 97  GLN A CB  1 
ATOM   770  C CG  . GLN A 1 99  ? -7.689  12.029  -9.684  1.00 5.00  ? 97  GLN A CG  1 
ATOM   771  C CD  . GLN A 1 99  ? -7.269  12.335  -8.281  1.00 7.21  ? 97  GLN A CD  1 
ATOM   772  O OE1 . GLN A 1 99  ? -6.661  13.393  -8.049  1.00 7.26  ? 97  GLN A OE1 1 
ATOM   773  N NE2 . GLN A 1 99  ? -7.585  11.441  -7.356  1.00 6.94  ? 97  GLN A NE2 1 
ATOM   774  N N   . MET A 1 100 ? -4.779  10.466  -13.017 1.00 6.13  ? 98  MET A N   1 
ATOM   775  C CA  . MET A 1 100 ? -3.587  10.523  -13.870 1.00 6.59  ? 98  MET A CA  1 
ATOM   776  C C   . MET A 1 100 ? -3.745  9.767   -15.198 1.00 7.48  ? 98  MET A C   1 
ATOM   777  O O   . MET A 1 100 ? -2.758  9.498   -15.910 1.00 9.23  ? 98  MET A O   1 
ATOM   778  C CB  . MET A 1 100 ? -2.398  9.969   -13.055 1.00 6.68  ? 98  MET A CB  1 
ATOM   779  C CG  . MET A 1 100 ? -2.001  10.852  -11.929 1.00 7.72  ? 98  MET A CG  1 
ATOM   780  S SD  . MET A 1 100 ? -0.287  10.454  -11.252 1.00 4.23  ? 98  MET A SD  1 
ATOM   781  C CE  . MET A 1 100 ? -0.355  11.459  -9.786  1.00 10.08 ? 98  MET A CE  1 
ATOM   782  N N   . GLY A 1 101 ? -4.970  9.385   -15.532 1.00 6.53  ? 99  GLY A N   1 
ATOM   783  C CA  . GLY A 1 101 ? -5.312  8.801   -16.842 1.00 7.61  ? 99  GLY A CA  1 
ATOM   784  C C   . GLY A 1 101 ? -5.026  7.325   -16.937 1.00 8.14  ? 99  GLY A C   1 
ATOM   785  O O   . GLY A 1 101 ? -4.859  6.803   -18.053 1.00 9.46  ? 99  GLY A O   1 
ATOM   786  N N   . HIS A 1 102 ? -4.959  6.636   -15.800 1.00 7.22  ? 100 HIS A N   1 
ATOM   787  C CA  . HIS A 1 102 ? -4.701  5.219   -15.737 1.00 7.61  ? 100 HIS A CA  1 
ATOM   788  C C   . HIS A 1 102 ? -5.934  4.474   -15.239 1.00 7.77  ? 100 HIS A C   1 
ATOM   789  O O   . HIS A 1 102 ? -6.283  4.567   -14.077 1.00 8.62  ? 100 HIS A O   1 
ATOM   790  C CB  . HIS A 1 102 ? -3.541  4.910   -14.819 1.00 7.63  ? 100 HIS A CB  1 
ATOM   791  C CG  . HIS A 1 102 ? -2.241  5.437   -15.325 1.00 9.38  ? 100 HIS A CG  1 
ATOM   792  N ND1 . HIS A 1 102 ? -1.848  6.744   -15.123 1.00 19.11 ? 100 HIS A ND1 1 
ATOM   793  C CD2 . HIS A 1 102 ? -1.249  4.845   -16.001 1.00 12.21 ? 100 HIS A CD2 1 
ATOM   794  C CE1 . HIS A 1 102 ? -0.635  6.909   -15.622 1.00 18.66 ? 100 HIS A CE1 1 
ATOM   795  N NE2 . HIS A 1 102 ? -0.261  5.777   -16.177 1.00 15.96 ? 100 HIS A NE2 1 
ATOM   796  N N   . LYS A 1 103 ? -6.573  3.761   -16.133 1.00 6.26  ? 101 LYS A N   1 
ATOM   797  C CA  . LYS A 1 103 ? -7.694  2.856   -15.825 1.00 6.02  ? 101 LYS A CA  1 
ATOM   798  C C   . LYS A 1 103 ? -7.202  1.553   -15.167 1.00 6.56  ? 101 LYS A C   1 
ATOM   799  O O   . LYS A 1 103 ? -7.895  0.967   -14.354 1.00 8.80  ? 101 LYS A O   1 
ATOM   800  C CB  . LYS A 1 103 ? -8.437  2.513   -17.139 1.00 5.80  ? 101 LYS A CB  1 
ATOM   801  C CG  . LYS A 1 103 ? -9.585  1.495   -16.997 1.00 9.23  ? 101 LYS A CG  1 
ATOM   802  C CD  . LYS A 1 103 ? -10.289 1.214   -18.347 1.00 10.83 ? 101 LYS A CD  1 
ATOM   803  C CE  . LYS A 1 103 ? -11.174 0.001   -18.261 1.00 13.16 ? 101 LYS A CE  1 
ATOM   804  N NZ  . LYS A 1 103 ? -11.823 -0.318  -19.605 1.00 10.76 ? 101 LYS A NZ  1 
ATOM   805  N N   . TYR A 1 104 ? -6.022  1.084   -15.592 1.00 6.53  ? 102 TYR A N   1 
ATOM   806  C CA  . TYR A 1 104 ? -5.400  -0.125  -15.109 1.00 7.64  ? 102 TYR A CA  1 
ATOM   807  C C   . TYR A 1 104 ? -4.232  0.329   -14.253 1.00 8.30  ? 102 TYR A C   1 
ATOM   808  O O   . TYR A 1 104 ? -3.351  1.074   -14.733 1.00 11.29 ? 102 TYR A O   1 
ATOM   809  C CB  . TYR A 1 104 ? -4.900  -0.963  -16.304 1.00 8.22  ? 102 TYR A CB  1 
ATOM   810  C CG  . TYR A 1 104 ? -6.073  -1.388  -17.176 1.00 6.32  ? 102 TYR A CG  1 
ATOM   811  C CD1 . TYR A 1 104 ? -6.872  -2.470  -16.813 1.00 9.46  ? 102 TYR A CD1 1 
ATOM   812  C CD2 . TYR A 1 104 ? -6.394  -0.727  -18.365 1.00 5.98  ? 102 TYR A CD2 1 
ATOM   813  C CE1 . TYR A 1 104 ? -7.964  -2.817  -17.584 1.00 5.91  ? 102 TYR A CE1 1 
ATOM   814  C CE2 . TYR A 1 104 ? -7.499  -1.074  -19.131 1.00 8.05  ? 102 TYR A CE2 1 
ATOM   815  C CZ  . TYR A 1 104 ? -8.281  -2.126  -18.718 1.00 5.37  ? 102 TYR A CZ  1 
ATOM   816  O OH  . TYR A 1 104 ? -9.345  -2.460  -19.573 1.00 7.45  ? 102 TYR A OH  1 
ATOM   817  N N   . ILE A 1 105 ? -4.285  -0.031  -12.984 1.00 8.77  ? 103 ILE A N   1 
ATOM   818  C CA  . ILE A 1 105 ? -3.374  0.577   -12.020 1.00 8.68  ? 103 ILE A CA  1 
ATOM   819  C C   . ILE A 1 105 ? -2.295  -0.375  -11.475 1.00 7.58  ? 103 ILE A C   1 
ATOM   820  O O   . ILE A 1 105 ? -2.564  -1.479  -11.025 1.00 8.19  ? 103 ILE A O   1 
ATOM   821  C CB  . ILE A 1 105 ? -4.082  1.243   -10.837 1.00 8.62  ? 103 ILE A CB  1 
ATOM   822  C CG1 . ILE A 1 105 ? -4.979  0.316   -10.019 1.00 11.44 ? 103 ILE A CG1 1 
ATOM   823  C CG2 . ILE A 1 105 ? -4.904  2.499   -11.319 1.00 9.65  ? 103 ILE A CG2 1 
ATOM   824  C CD1 . ILE A 1 105 ? -5.172  0.808   -8.544  1.00 11.87 ? 103 ILE A CD1 1 
ATOM   825  N N   . GLY A 1 106 ? -1.075  0.135   -11.457 1.00 7.19  ? 104 GLY A N   1 
ATOM   826  C CA  . GLY A 1 106 ? 0.043   -0.551  -10.776 1.00 7.50  ? 104 GLY A CA  1 
ATOM   827  C C   . GLY A 1 106 ? 0.252   -0.090  -9.327  1.00 7.14  ? 104 GLY A C   1 
ATOM   828  O O   . GLY A 1 106 ? -0.551  0.651   -8.739  1.00 5.59  ? 104 GLY A O   1 
ATOM   829  N N   . THR A 1 107 ? 1.403   -0.477  -8.786  1.00 6.16  ? 105 THR A N   1 
ATOM   830  C CA  . THR A 1 107 ? 1.653   -0.269  -7.373  1.00 5.90  ? 105 THR A CA  1 
ATOM   831  C C   . THR A 1 107 ? 1.756   1.207   -6.923  1.00 6.38  ? 105 THR A C   1 
ATOM   832  O O   . THR A 1 107 ? 1.452   1.531   -5.757  1.00 6.85  ? 105 THR A O   1 
ATOM   833  C CB  . THR A 1 107 ? 2.888   -1.005  -6.912  1.00 6.93  ? 105 THR A CB  1 
ATOM   834  O OG1 . THR A 1 107 ? 4.046   -0.492  -7.545  1.00 7.02  ? 105 THR A OG1 1 
ATOM   835  C CG2 . THR A 1 107 ? 2.779   -2.526  -7.138  1.00 6.36  ? 105 THR A CG2 1 
ATOM   836  N N   . GLU A 1 108 ? 2.150   2.073   -7.866  1.00 6.20  ? 106 GLU A N   1 
ATOM   837  C CA  . GLU A 1 108 ? 2.207   3.531   -7.563  1.00 7.79  ? 106 GLU A CA  1 
ATOM   838  C C   . GLU A 1 108 ? 0.843   4.039   -7.110  1.00 7.20  ? 106 GLU A C   1 
ATOM   839  O O   . GLU A 1 108 ? 0.735   4.912   -6.198  1.00 7.80  ? 106 GLU A O   1 
ATOM   840  C CB  . GLU A 1 108 ? 2.871   4.331   -8.675  1.00 6.13  ? 106 GLU A CB  1 
ATOM   841  C CG  . GLU A 1 108 ? 2.073   4.496   -9.957  1.00 6.92  ? 106 GLU A CG  1 
ATOM   842  C CD  . GLU A 1 108 ? 2.165   3.329   -10.964 1.00 8.81  ? 106 GLU A CD  1 
ATOM   843  O OE1 . GLU A 1 108 ? 2.390   2.119   -10.605 1.00 9.26  ? 106 GLU A OE1 1 
ATOM   844  O OE2 . GLU A 1 108 ? 2.018   3.635   -12.155 1.00 10.46 ? 106 GLU A OE2 1 
ATOM   845  N N   . PHE A 1 109 ? -0.230  3.476   -7.632  1.00 5.66  ? 107 PHE A N   1 
ATOM   846  C CA  . PHE A 1 109 ? -1.549  3.952   -7.221  1.00 6.42  ? 107 PHE A CA  1 
ATOM   847  C C   . PHE A 1 109 ? -2.055  3.378   -5.903  1.00 7.05  ? 107 PHE A C   1 
ATOM   848  O O   . PHE A 1 109 ? -2.845  3.998   -5.198  1.00 6.01  ? 107 PHE A O   1 
ATOM   849  C CB  . PHE A 1 109 ? -2.530  3.902   -8.407  1.00 6.25  ? 107 PHE A CB  1 
ATOM   850  C CG  . PHE A 1 109 ? -2.081  4.791   -9.537  1.00 7.68  ? 107 PHE A CG  1 
ATOM   851  C CD1 . PHE A 1 109 ? -2.102  6.174   -9.365  1.00 8.16  ? 107 PHE A CD1 1 
ATOM   852  C CD2 . PHE A 1 109 ? -1.637  4.286   -10.759 1.00 7.79  ? 107 PHE A CD2 1 
ATOM   853  C CE1 . PHE A 1 109 ? -1.608  7.014   -10.339 1.00 7.02  ? 107 PHE A CE1 1 
ATOM   854  C CE2 . PHE A 1 109 ? -1.135  5.132   -11.720 1.00 5.84  ? 107 PHE A CE2 1 
ATOM   855  C CZ  . PHE A 1 109 ? -1.159  6.497   -11.518 1.00 6.40  ? 107 PHE A CZ  1 
ATOM   856  N N   . LEU A 1 110 ? -1.543  2.180   -5.552  1.00 7.56  ? 108 LEU A N   1 
ATOM   857  C CA  . LEU A 1 110 ? -1.812  1.630   -4.217  1.00 7.52  ? 108 LEU A CA  1 
ATOM   858  C C   . LEU A 1 110 ? -1.075  2.511   -3.209  1.00 6.38  ? 108 LEU A C   1 
ATOM   859  O O   . LEU A 1 110 ? -1.593  2.834   -2.162  1.00 7.22  ? 108 LEU A O   1 
ATOM   860  C CB  . LEU A 1 110 ? -1.305  0.202   -4.084  1.00 6.79  ? 108 LEU A CB  1 
ATOM   861  C CG  . LEU A 1 110 ? -2.138  -0.845  -4.816  1.00 8.27  ? 108 LEU A CG  1 
ATOM   862  C CD1 . LEU A 1 110 ? -1.475  -2.263  -4.776  1.00 7.02  ? 108 LEU A CD1 1 
ATOM   863  C CD2 . LEU A 1 110 ? -3.512  -0.949  -4.228  1.00 11.43 ? 108 LEU A CD2 1 
ATOM   864  N N   . LEU A 1 111 ? 0.141   2.979   -3.529  1.00 6.29  ? 109 LEU A N   1 
ATOM   865  C CA  . LEU A 1 111 ? 0.805   3.861   -2.619  1.00 6.52  ? 109 LEU A CA  1 
ATOM   866  C C   . LEU A 1 111 ? 0.029   5.151   -2.388  1.00 5.68  ? 109 LEU A C   1 
ATOM   867  O O   . LEU A 1 111 ? -0.177  5.574   -1.262  1.00 6.04  ? 109 LEU A O   1 
ATOM   868  C CB  . LEU A 1 111 ? 2.205   4.225   -3.128  1.00 7.32  ? 109 LEU A CB  1 
ATOM   869  C CG  . LEU A 1 111 ? 3.123   5.142   -2.318  1.00 7.32  ? 109 LEU A CG  1 
ATOM   870  C CD1 . LEU A 1 111 ? 3.312   4.445   -0.915  1.00 10.29 ? 109 LEU A CD1 1 
ATOM   871  C CD2 . LEU A 1 111 ? 4.456   5.548   -3.014  1.00 8.93  ? 109 LEU A CD2 1 
ATOM   872  N N   . LEU A 1 112 ? -0.389  5.759   -3.473  1.00 6.06  ? 110 LEU A N   1 
ATOM   873  C CA  . LEU A 1 112 ? -1.216  6.974   -3.384  1.00 4.43  ? 110 LEU A CA  1 
ATOM   874  C C   . LEU A 1 112 ? -2.550  6.711   -2.676  1.00 3.97  ? 110 LEU A C   1 
ATOM   875  O O   . LEU A 1 112 ? -2.954  7.532   -1.856  1.00 5.32  ? 110 LEU A O   1 
ATOM   876  C CB  . LEU A 1 112 ? -1.452  7.565   -4.753  1.00 5.06  ? 110 LEU A CB  1 
ATOM   877  C CG  . LEU A 1 112 ? -0.233  8.231   -5.430  1.00 4.31  ? 110 LEU A CG  1 
ATOM   878  C CD1 . LEU A 1 112 ? -0.505  8.577   -6.869  1.00 6.61  ? 110 LEU A CD1 1 
ATOM   879  C CD2 . LEU A 1 112 ? 0.219   9.500   -4.648  1.00 9.31  ? 110 LEU A CD2 1 
ATOM   880  N N   . GLY A 1 113 ? -3.189  5.567   -2.887  1.00 5.36  ? 111 GLY A N   1 
ATOM   881  C CA  . GLY A 1 113 ? -4.408  5.243   -2.216  1.00 5.70  ? 111 GLY A CA  1 
ATOM   882  C C   . GLY A 1 113 ? -4.203  5.126   -0.699  1.00 6.21  ? 111 GLY A C   1 
ATOM   883  O O   . GLY A 1 113 ? -4.979  5.615   0.080   1.00 6.65  ? 111 GLY A O   1 
ATOM   884  N N   . LEU A 1 114 ? -3.091  4.496   -0.307  1.00 6.06  ? 112 LEU A N   1 
ATOM   885  C CA  . LEU A 1 114 ? -2.744  4.406   1.101   1.00 5.94  ? 112 LEU A CA  1 
ATOM   886  C C   . LEU A 1 114 ? -2.642  5.763   1.785   1.00 8.00  ? 112 LEU A C   1 
ATOM   887  O O   . LEU A 1 114 ? -3.122  5.991   2.884   1.00 9.47  ? 112 LEU A O   1 
ATOM   888  C CB  . LEU A 1 114 ? -1.444  3.599   1.299   1.00 6.84  ? 112 LEU A CB  1 
ATOM   889  C CG  . LEU A 1 114 ? -1.566  2.065   1.084   1.00 7.17  ? 112 LEU A CG  1 
ATOM   890  C CD1 . LEU A 1 114 ? -0.157  1.421   0.842   1.00 9.35  ? 112 LEU A CD1 1 
ATOM   891  C CD2 . LEU A 1 114 ? -2.357  1.350   2.235   1.00 9.88  ? 112 LEU A CD2 1 
ATOM   892  N N   . ILE A 1 115 ? -1.950  6.661   1.100   1.00 6.90  ? 113 ILE A N   1 
ATOM   893  C CA  . ILE A 1 115 ? -1.758  7.969   1.628   1.00 7.25  ? 113 ILE A CA  1 
ATOM   894  C C   . ILE A 1 115 ? -3.060  8.769   1.640   1.00 6.28  ? 113 ILE A C   1 
ATOM   895  O O   . ILE A 1 115 ? -3.353  9.475   2.614   1.00 7.18  ? 113 ILE A O   1 
ATOM   896  C CB  . ILE A 1 115 ? -0.659  8.730   0.865   1.00 6.45  ? 113 ILE A CB  1 
ATOM   897  C CG1 . ILE A 1 115 ? 0.710   8.010   0.991   1.00 8.55  ? 113 ILE A CG1 1 
ATOM   898  C CG2 . ILE A 1 115 ? -0.567  10.192  1.340   1.00 8.99  ? 113 ILE A CG2 1 
ATOM   899  C CD1 . ILE A 1 115 ? 1.705   8.491   -0.042  1.00 10.01 ? 113 ILE A CD1 1 
ATOM   900  N N   . ARG A 1 116 ? -3.829  8.669   0.564   1.00 7.19  ? 114 ARG A N   1 
ATOM   901  C CA  . ARG A 1 116 ? -5.092  9.392   0.432   1.00 6.65  ? 114 ARG A CA  1 
ATOM   902  C C   . ARG A 1 116 ? -6.110  8.970   1.520   1.00 7.66  ? 114 ARG A C   1 
ATOM   903  O O   . ARG A 1 116 ? -6.930  9.791   1.967   1.00 8.91  ? 114 ARG A O   1 
ATOM   904  C CB  . ARG A 1 116 ? -5.668  9.161   -0.946  1.00 6.83  ? 114 ARG A CB  1 
ATOM   905  C CG  . ARG A 1 116 ? -7.012  9.871   -1.239  1.00 7.89  ? 114 ARG A CG  1 
ATOM   906  C CD  . ARG A 1 116 ? -6.780  11.298  -1.420  1.00 12.88 ? 114 ARG A CD  1 
ATOM   907  N NE  . ARG A 1 116 ? -7.986  12.035  -1.795  1.00 12.04 ? 114 ARG A NE  1 
ATOM   908  C CZ  . ARG A 1 116 ? -8.802  12.661  -0.946  1.00 19.12 ? 114 ARG A CZ  1 
ATOM   909  N NH1 . ARG A 1 116 ? -8.547  12.712  0.372   1.00 19.66 ? 114 ARG A NH1 1 
ATOM   910  N NH2 . ARG A 1 116 ? -9.865  13.292  -1.426  1.00 19.66 ? 114 ARG A NH2 1 
ATOM   911  N N   . GLU A 1 117 ? -6.005  7.739   1.990   1.00 8.69  ? 115 GLU A N   1 
ATOM   912  C CA  . GLU A 1 117 ? -6.896  7.216   3.014   1.00 8.83  ? 115 GLU A CA  1 
ATOM   913  C C   . GLU A 1 117 ? -6.737  7.984   4.313   1.00 8.21  ? 115 GLU A C   1 
ATOM   914  O O   . GLU A 1 117 ? -7.709  8.143   5.040   1.00 9.04  ? 115 GLU A O   1 
ATOM   915  C CB  . GLU A 1 117 ? -6.669  5.719   3.212   1.00 8.82  ? 115 GLU A CB  1 
ATOM   916  C CG  . GLU A 1 117 ? -7.570  5.074   4.231   1.00 10.01 ? 115 GLU A CG  1 
ATOM   917  C CD  . GLU A 1 117 ? -7.120  5.267   5.690   1.00 8.07  ? 115 GLU A CD  1 
ATOM   918  O OE1 . GLU A 1 117 ? -5.923  5.396   5.912   1.00 11.74 ? 115 GLU A OE1 1 
ATOM   919  O OE2 . GLU A 1 117 ? -7.994  5.178   6.581   1.00 11.22 ? 115 GLU A OE2 1 
ATOM   920  N N   . GLY A 1 118 ? -5.515  8.436   4.578   1.00 8.00  ? 116 GLY A N   1 
ATOM   921  C CA  . GLY A 1 118 ? -5.221  9.463   5.551   1.00 8.26  ? 116 GLY A CA  1 
ATOM   922  C C   . GLY A 1 118 ? -5.110  9.072   7.006   1.00 9.00  ? 116 GLY A C   1 
ATOM   923  O O   . GLY A 1 118 ? -4.274  9.611   7.716   1.00 12.59 ? 116 GLY A O   1 
ATOM   924  N N   . GLU A 1 119 ? -5.978  8.179   7.463   1.00 8.12  ? 117 GLU A N   1 
ATOM   925  C CA  . GLU A 1 119 ? -6.201  7.939   8.883   1.00 9.04  ? 117 GLU A CA  1 
ATOM   926  C C   . GLU A 1 119 ? -5.513  6.704   9.453   1.00 8.61  ? 117 GLU A C   1 
ATOM   927  O O   . GLU A 1 119 ? -5.309  6.630   10.646  1.00 9.89  ? 117 GLU A O   1 
ATOM   928  C CB  . GLU A 1 119 ? -7.706  7.773   9.146   1.00 8.96  ? 117 GLU A CB  1 
ATOM   929  C CG  . GLU A 1 119 ? -8.523  9.072   8.846   1.00 13.44 ? 117 GLU A CG  1 
ATOM   930  C CD  . GLU A 1 119 ? -10.053 8.856   8.901   1.00 19.46 ? 117 GLU A CD  1 
ATOM   931  O OE1 . GLU A 1 119 ? -10.548 7.803   9.366   1.00 24.93 ? 117 GLU A OE1 1 
ATOM   932  O OE2 . GLU A 1 119 ? -10.792 9.764   8.461   1.00 26.01 ? 117 GLU A OE2 1 
ATOM   933  N N   . GLY A 1 120 ? -5.171  5.753   8.615   1.00 7.91  ? 118 GLY A N   1 
ATOM   934  C CA  . GLY A 1 120 ? -4.633  4.470   9.088   1.00 7.63  ? 118 GLY A CA  1 
ATOM   935  C C   . GLY A 1 120 ? -3.143  4.476   9.302   1.00 7.13  ? 118 GLY A C   1 
ATOM   936  O O   . GLY A 1 120 ? -2.409  5.524   9.095   1.00 8.08  ? 118 GLY A O   1 
ATOM   937  N N   . VAL A 1 121 ? -2.677  3.301   9.766   1.00 6.33  ? 119 VAL A N   1 
ATOM   938  C CA  . VAL A 1 121 ? -1.293  3.080   10.088  1.00 7.21  ? 119 VAL A CA  1 
ATOM   939  C C   . VAL A 1 121 ? -0.395  3.452   8.894   1.00 5.27  ? 119 VAL A C   1 
ATOM   940  O O   . VAL A 1 121 ? 0.653   4.121   9.047   1.00 8.15  ? 119 VAL A O   1 
ATOM   941  C CB  . VAL A 1 121 ? -1.048  1.593   10.539  1.00 6.11  ? 119 VAL A CB  1 
ATOM   942  C CG1 . VAL A 1 121 ? 0.434   1.315   10.636  1.00 7.38  ? 119 VAL A CG1 1 
ATOM   943  C CG2 . VAL A 1 121 ? -1.706  1.287   11.887  1.00 6.63  ? 119 VAL A CG2 1 
ATOM   944  N N   . ALA A 1 122 ? -0.739  2.957   7.705   1.00 6.48  ? 120 ALA A N   1 
ATOM   945  C CA  . ALA A 1 122 ? 0.060   3.217   6.504   1.00 6.29  ? 120 ALA A CA  1 
ATOM   946  C C   . ALA A 1 122 ? 0.211   4.696   6.246   1.00 6.26  ? 120 ALA A C   1 
ATOM   947  O O   . ALA A 1 122 ? 1.339   5.184   6.084   1.00 6.76  ? 120 ALA A O   1 
ATOM   948  C CB  . ALA A 1 122 ? -0.513  2.545   5.241   1.00 7.39  ? 120 ALA A CB  1 
ATOM   949  N N   . ALA A 1 123 ? -0.900  5.420   6.229   1.00 7.35  ? 121 ALA A N   1 
ATOM   950  C CA  . ALA A 1 123 ? -0.844  6.869   5.973   1.00 9.24  ? 121 ALA A CA  1 
ATOM   951  C C   . ALA A 1 123 ? -0.039  7.581   7.062   1.00 7.87  ? 121 ALA A C   1 
ATOM   952  O O   . ALA A 1 123 ? 0.856   8.476   6.754   1.00 10.10 ? 121 ALA A O   1 
ATOM   953  C CB  . ALA A 1 123 ? -2.295  7.457   5.880   1.00 9.62  ? 121 ALA A CB  1 
ATOM   954  N N   . GLN A 1 124 ? -0.268  7.193   8.323   1.00 8.42  ? 122 GLN A N   1 
ATOM   955  C CA  . GLN A 1 124 ? 0.464   7.793   9.438   1.00 9.17  ? 122 GLN A CA  1 
ATOM   956  C C   . GLN A 1 124 ? 1.980   7.597   9.312   1.00 9.16  ? 122 GLN A C   1 
ATOM   957  O O   . GLN A 1 124 ? 2.774   8.562   9.425   1.00 10.16 ? 122 GLN A O   1 
ATOM   958  C CB  . GLN A 1 124 ? -0.122  7.317   10.764  1.00 11.10 ? 122 GLN A CB  1 
ATOM   959  C CG  . GLN A 1 124 ? -1.615  7.773   10.928  1.00 14.61 ? 122 GLN A CG  1 
ATOM   960  C CD  . GLN A 1 124 ? -1.807  9.309   10.865  1.00 19.21 ? 122 GLN A CD  1 
ATOM   961  O OE1 . GLN A 1 124 ? -2.561  9.847   10.020  1.00 23.95 ? 122 GLN A OE1 1 
ATOM   962  N NE2 . GLN A 1 124 ? -1.138  10.013  11.757  1.00 13.78 ? 122 GLN A NE2 1 
ATOM   963  N N   . VAL A 1 125 ? 2.381   6.364   8.972   1.00 7.53  ? 123 VAL A N   1 
ATOM   964  C CA  . VAL A 1 125 ? 3.810   6.091   8.770   1.00 7.17  ? 123 VAL A CA  1 
ATOM   965  C C   . VAL A 1 125 ? 4.379   6.888   7.619   1.00 6.67  ? 123 VAL A C   1 
ATOM   966  O O   . VAL A 1 125 ? 5.470   7.486   7.708   1.00 7.21  ? 123 VAL A O   1 
ATOM   967  C CB  . VAL A 1 125 ? 4.091   4.570   8.580   1.00 6.82  ? 123 VAL A CB  1 
ATOM   968  C CG1 . VAL A 1 125 ? 5.513   4.290   8.121   1.00 7.58  ? 123 VAL A CG1 1 
ATOM   969  C CG2 . VAL A 1 125 ? 3.792   3.796   9.891   1.00 8.11  ? 123 VAL A CG2 1 
ATOM   970  N N   . LEU A 1 126 ? 3.701   6.845   6.503   1.00 7.48  ? 124 LEU A N   1 
ATOM   971  C CA  . LEU A 1 126 ? 4.203   7.455   5.300   1.00 7.32  ? 124 LEU A CA  1 
ATOM   972  C C   . LEU A 1 126 ? 4.285   8.961   5.460   1.00 8.83  ? 124 LEU A C   1 
ATOM   973  O O   . LEU A 1 126 ? 5.323   9.555   5.115   1.00 7.45  ? 124 LEU A O   1 
ATOM   974  C CB  . LEU A 1 126 ? 3.330   7.055   4.107   1.00 7.76  ? 124 LEU A CB  1 
ATOM   975  C CG  . LEU A 1 126 ? 3.525   5.608   3.663   1.00 8.64  ? 124 LEU A CG  1 
ATOM   976  C CD1 . LEU A 1 126 ? 2.395   5.165   2.744   1.00 9.68  ? 124 LEU A CD1 1 
ATOM   977  C CD2 . LEU A 1 126 ? 4.900   5.432   2.953   1.00 7.84  ? 124 LEU A CD2 1 
ATOM   978  N N   . VAL A 1 127 ? 3.247   9.573   6.008   1.00 8.39  ? 125 VAL A N   1 
ATOM   979  C CA  . VAL A 1 127 ? 3.260   11.048  6.193   1.00 11.11 ? 125 VAL A CA  1 
ATOM   980  C C   . VAL A 1 127 ? 4.394   11.437  7.144   1.00 10.94 ? 125 VAL A C   1 
ATOM   981  O O   . VAL A 1 127 ? 5.117   12.432  6.861   1.00 13.28 ? 125 VAL A O   1 
ATOM   982  C CB  . VAL A 1 127 ? 1.880   11.591  6.632   1.00 11.83 ? 125 VAL A CB  1 
ATOM   983  C CG1 . VAL A 1 127 ? 1.960   13.098  6.974   1.00 13.32 ? 125 VAL A CG1 1 
ATOM   984  C CG2 . VAL A 1 127 ? 0.879   11.349  5.532   1.00 12.37 ? 125 VAL A CG2 1 
ATOM   985  N N   . LYS A 1 128 ? 4.620   10.657  8.203   1.00 11.91 ? 126 LYS A N   1 
ATOM   986  C CA  . LYS A 1 128 ? 5.669   10.975  9.162   1.00 13.57 ? 126 LYS A CA  1 
ATOM   987  C C   . LYS A 1 128 ? 7.094   10.849  8.568   1.00 12.57 ? 126 LYS A C   1 
ATOM   988  O O   . LYS A 1 128 ? 8.005   11.644  8.942   1.00 11.88 ? 126 LYS A O   1 
ATOM   989  C CB  . LYS A 1 128 ? 5.466   10.207  10.454  1.00 14.66 ? 126 LYS A CB  1 
ATOM   990  C CG  . LYS A 1 128 ? 4.125   10.534  11.162  1.00 18.93 ? 126 LYS A CG  1 
ATOM   991  C CD  . LYS A 1 128 ? 3.942   11.978  11.666  1.00 22.45 ? 126 LYS A CD  1 
ATOM   992  C CE  . LYS A 1 128 ? 2.588   12.105  12.409  1.00 23.74 ? 126 LYS A CE  1 
ATOM   993  N NZ  . LYS A 1 128 ? 2.365   13.497  12.892  1.00 26.06 ? 126 LYS A NZ  1 
ATOM   994  N N   . LEU A 1 129 ? 7.252   9.949   7.579   1.00 12.28 ? 127 LEU A N   1 
ATOM   995  C CA  . LEU A 1 129 ? 8.494   9.779   6.811   1.00 12.29 ? 127 LEU A CA  1 
ATOM   996  C C   . LEU A 1 129 ? 8.713   10.807  5.668   1.00 12.90 ? 127 LEU A C   1 
ATOM   997  O O   . LEU A 1 129 ? 9.795   10.837  5.045   1.00 15.24 ? 127 LEU A O   1 
ATOM   998  C CB  . LEU A 1 129 ? 8.597   8.347   6.262   1.00 12.40 ? 127 LEU A CB  1 
ATOM   999  C CG  . LEU A 1 129 ? 8.952   7.258   7.294   1.00 11.33 ? 127 LEU A CG  1 
ATOM   1000 C CD1 . LEU A 1 129 ? 8.707   5.842   6.688   1.00 14.13 ? 127 LEU A CD1 1 
ATOM   1001 C CD2 . LEU A 1 129 ? 10.414  7.462   7.769   1.00 15.91 ? 127 LEU A CD2 1 
ATOM   1002 N N   . GLY A 1 130 ? 7.716   11.659  5.441   1.00 13.44 ? 128 GLY A N   1 
ATOM   1003 C CA  . GLY A 1 130 ? 7.740   12.744  4.441   1.00 13.54 ? 128 GLY A CA  1 
ATOM   1004 C C   . GLY A 1 130 ? 7.058   12.445  3.118   1.00 13.73 ? 128 GLY A C   1 
ATOM   1005 O O   . GLY A 1 130 ? 7.160   13.227  2.144   1.00 14.77 ? 128 GLY A O   1 
ATOM   1006 N N   . ALA A 1 131 ? 6.434   11.284  3.051   1.00 11.40 ? 129 ALA A N   1 
ATOM   1007 C CA  . ALA A 1 131 ? 5.672   10.865  1.858   1.00 10.38 ? 129 ALA A CA  1 
ATOM   1008 C C   . ALA A 1 131 ? 4.251   11.303  2.015   1.00 12.74 ? 129 ALA A C   1 
ATOM   1009 O O   . ALA A 1 131 ? 3.380   10.463  2.235   1.00 12.23 ? 129 ALA A O   1 
ATOM   1010 C CB  . ALA A 1 131 ? 5.751   9.372   1.688   1.00 9.97  ? 129 ALA A CB  1 
ATOM   1011 N N   . ASP A 1 132 ? 4.016   12.600  1.959   1.00 12.60 ? 130 ASP A N   1 
ATOM   1012 C CA  . ASP A 1 132 ? 2.642   13.130  2.019   1.00 14.08 ? 130 ASP A CA  1 
ATOM   1013 C C   . ASP A 1 132 ? 2.019   13.081  0.632   1.00 12.49 ? 130 ASP A C   1 
ATOM   1014 O O   . ASP A 1 132 ? 2.691   12.805  -0.386  1.00 12.90 ? 130 ASP A O   1 
ATOM   1015 C CB  . ASP A 1 132 ? 2.597   14.548  2.605   1.00 14.45 ? 130 ASP A CB  1 
ATOM   1016 C CG  . ASP A 1 132 ? 3.350   15.555  1.783   1.00 17.66 ? 130 ASP A CG  1 
ATOM   1017 O OD1 . ASP A 1 132 ? 3.338   15.491  0.549   1.00 22.39 ? 130 ASP A OD1 1 
ATOM   1018 O OD2 . ASP A 1 132 ? 3.991   16.449  2.384   1.00 25.07 ? 130 ASP A OD2 1 
ATOM   1019 N N   . LEU A 1 133 ? 0.714   13.336  0.567   1.00 10.36 ? 131 LEU A N   1 
ATOM   1020 C CA  . LEU A 1 133 ? 0.035   13.192  -0.708  1.00 9.72  ? 131 LEU A CA  1 
ATOM   1021 C C   . LEU A 1 133 ? 0.557   14.049  -1.852  1.00 8.99  ? 131 LEU A C   1 
ATOM   1022 O O   . LEU A 1 133 ? 0.818   13.533  -2.944  1.00 6.87  ? 131 LEU A O   1 
ATOM   1023 C CB  . LEU A 1 133 ? -1.471  13.370  -0.509  1.00 7.95  ? 131 LEU A CB  1 
ATOM   1024 C CG  . LEU A 1 133 ? -2.334  13.040  -1.723  1.00 11.14 ? 131 LEU A CG  1 
ATOM   1025 C CD1 . LEU A 1 133 ? -2.283  11.564  -2.090  1.00 13.81 ? 131 LEU A CD1 1 
ATOM   1026 C CD2 . LEU A 1 133 ? -3.771  13.503  -1.428  1.00 16.21 ? 131 LEU A CD2 1 
ATOM   1027 N N   . PRO A 1 134 ? 0.647   15.371  -1.664  1.00 10.49 ? 132 PRO A N   1 
ATOM   1028 C CA  . PRO A 1 134 ? 1.195   16.200  -2.748  1.00 11.75 ? 132 PRO A CA  1 
ATOM   1029 C C   . PRO A 1 134 ? 2.587   15.785  -3.231  1.00 10.28 ? 132 PRO A C   1 
ATOM   1030 O O   . PRO A 1 134 ? 2.807   15.695  -4.430  1.00 9.97  ? 132 PRO A O   1 
ATOM   1031 C CB  . PRO A 1 134 ? 1.150   17.647  -2.172  1.00 11.78 ? 132 PRO A CB  1 
ATOM   1032 C CG  . PRO A 1 134 ? 0.957   17.473  -0.728  1.00 12.64 ? 132 PRO A CG  1 
ATOM   1033 C CD  . PRO A 1 134 ? 0.220   16.189  -0.512  1.00 10.83 ? 132 PRO A CD  1 
ATOM   1034 N N   . ARG A 1 135 ? 3.483   15.459  -2.316  1.00 11.27 ? 133 ARG A N   1 
ATOM   1035 C CA  . ARG A 1 135 ? 4.836   15.087  -2.668  1.00 11.93 ? 133 ARG A CA  1 
ATOM   1036 C C   . ARG A 1 135 ? 4.913   13.735  -3.391  1.00 9.78  ? 133 ARG A C   1 
ATOM   1037 O O   . ARG A 1 135 ? 5.666   13.570  -4.340  1.00 10.20 ? 133 ARG A O   1 
ATOM   1038 C CB  . ARG A 1 135 ? 5.719   15.107  -1.418  1.00 12.33 ? 133 ARG A CB  1 
ATOM   1039 C CG  . ARG A 1 135 ? 5.893   16.552  -0.887  1.00 16.54 ? 133 ARG A CG  1 
ATOM   1040 C CD  . ARG A 1 135 ? 6.508   16.692  0.526   1.00 20.91 ? 133 ARG A CD  1 
ATOM   1041 N NE  . ARG A 1 135 ? 6.281   18.080  0.963   1.00 23.66 ? 133 ARG A NE  1 
ATOM   1042 C CZ  . ARG A 1 135 ? 6.903   19.128  0.428   1.00 20.04 ? 133 ARG A CZ  1 
ATOM   1043 N NH1 . ARG A 1 135 ? 6.606   20.382  0.799   1.00 14.02 ? 133 ARG A NH1 1 
ATOM   1044 N NH2 . ARG A 1 135 ? 7.843   18.921  -0.491  1.00 23.36 ? 133 ARG A NH2 1 
ATOM   1045 N N   . VAL A 1 136 ? 4.068   12.780  -3.007  1.00 7.36  ? 134 VAL A N   1 
ATOM   1046 C CA  . VAL A 1 136 ? 4.158   11.496  -3.645  1.00 6.70  ? 134 VAL A CA  1 
ATOM   1047 C C   . VAL A 1 136 ? 3.472   11.614  -5.000  1.00 6.67  ? 134 VAL A C   1 
ATOM   1048 O O   . VAL A 1 136 ? 3.913   11.016  -5.962  1.00 6.50  ? 134 VAL A O   1 
ATOM   1049 C CB  . VAL A 1 136 ? 3.538   10.359  -2.789  1.00 7.06  ? 134 VAL A CB  1 
ATOM   1050 C CG1 . VAL A 1 136 ? 3.639   9.078   -3.525  1.00 7.69  ? 134 VAL A CG1 1 
ATOM   1051 C CG2 . VAL A 1 136 ? 4.316   10.229  -1.473  1.00 8.33  ? 134 VAL A CG2 1 
ATOM   1052 N N   . ARG A 1 137 ? 2.387   12.389  -5.103  1.00 7.03  ? 135 ARG A N   1 
ATOM   1053 C CA  . ARG A 1 137 ? 1.748   12.601  -6.401  1.00 6.87  ? 135 ARG A CA  1 
ATOM   1054 C C   . ARG A 1 137 ? 2.761   13.192  -7.367  1.00 7.19  ? 135 ARG A C   1 
ATOM   1055 O O   . ARG A 1 137 ? 2.847   12.720  -8.488  1.00 8.02  ? 135 ARG A O   1 
ATOM   1056 C CB  . ARG A 1 137 ? 0.505   13.495  -6.327  1.00 4.88  ? 135 ARG A CB  1 
ATOM   1057 C CG  . ARG A 1 137 ? -0.774  12.746  -5.878  1.00 4.73  ? 135 ARG A CG  1 
ATOM   1058 C CD  . ARG A 1 137 ? -1.839  13.719  -5.811  1.00 5.41  ? 135 ARG A CD  1 
ATOM   1059 N NE  . ARG A 1 137 ? -3.102  13.124  -5.442  1.00 5.23  ? 135 ARG A NE  1 
ATOM   1060 C CZ  . ARG A 1 137 ? -4.193  13.786  -5.090  1.00 8.67  ? 135 ARG A CZ  1 
ATOM   1061 N NH1 . ARG A 1 137 ? -4.173  15.073  -4.987  1.00 10.79 ? 135 ARG A NH1 1 
ATOM   1062 N NH2 . ARG A 1 137 ? -5.310  13.138  -4.773  1.00 8.62  ? 135 ARG A NH2 1 
ATOM   1063 N N   . GLN A 1 138 ? 3.543   14.180  -6.925  1.00 6.91  ? 136 GLN A N   1 
ATOM   1064 C CA  . GLN A 1 138 ? 4.540   14.806  -7.784  1.00 9.21  ? 136 GLN A CA  1 
ATOM   1065 C C   . GLN A 1 138 ? 5.600   13.775  -8.216  1.00 8.07  ? 136 GLN A C   1 
ATOM   1066 O O   . GLN A 1 138 ? 5.989   13.758  -9.391  1.00 7.81  ? 136 GLN A O   1 
ATOM   1067 C CB  . GLN A 1 138 ? 5.147   15.964  -7.036  1.00 9.97  ? 136 GLN A CB  1 
ATOM   1068 C CG  . GLN A 1 138 ? 6.250   16.714  -7.683  1.00 16.93 ? 136 GLN A CG  1 
ATOM   1069 C CD  . GLN A 1 138 ? 6.756   17.841  -6.760  1.00 23.56 ? 136 GLN A CD  1 
ATOM   1070 O OE1 . GLN A 1 138 ? 6.253   18.025  -5.633  1.00 26.24 ? 136 GLN A OE1 1 
ATOM   1071 N NE2 . GLN A 1 138 ? 7.744   18.587  -7.229  1.00 26.02 ? 136 GLN A NE2 1 
ATOM   1072 N N   . GLN A 1 139 ? 6.057   12.956  -7.273  1.00 7.96  ? 137 GLN A N   1 
ATOM   1073 C CA  . GLN A 1 139 ? 7.031   11.912  -7.574  1.00 8.08  ? 137 GLN A CA  1 
ATOM   1074 C C   . GLN A 1 139 ? 6.548   10.952  -8.635  1.00 9.59  ? 137 GLN A C   1 
ATOM   1075 O O   . GLN A 1 139 ? 7.282   10.629  -9.566  1.00 9.51  ? 137 GLN A O   1 
ATOM   1076 C CB  . GLN A 1 139 ? 7.516   11.193  -6.303  1.00 8.03  ? 137 GLN A CB  1 
ATOM   1077 C CG  . GLN A 1 139 ? 8.672   10.197  -6.513  1.00 10.78 ? 137 GLN A CG  1 
ATOM   1078 C CD  . GLN A 1 139 ? 9.912   10.878  -7.023  1.00 12.22 ? 137 GLN A CD  1 
ATOM   1079 O OE1 . GLN A 1 139 ? 10.585  11.595  -6.273  1.00 15.84 ? 137 GLN A OE1 1 
ATOM   1080 N NE2 . GLN A 1 139 ? 10.204  10.712  -8.324  1.00 16.96 ? 137 GLN A NE2 1 
ATOM   1081 N N   . VAL A 1 140 ? 5.297   10.482  -8.474  1.00 7.56  ? 138 VAL A N   1 
ATOM   1082 C CA  . VAL A 1 140 ? 4.709   9.542   -9.386  1.00 8.66  ? 138 VAL A CA  1 
ATOM   1083 C C   . VAL A 1 140 ? 4.538   10.177  -10.768 1.00 10.35 ? 138 VAL A C   1 
ATOM   1084 O O   . VAL A 1 140 ? 4.847   9.544   -11.810 1.00 10.87 ? 138 VAL A O   1 
ATOM   1085 C CB  . VAL A 1 140 ? 3.394   8.962   -8.820  1.00 8.03  ? 138 VAL A CB  1 
ATOM   1086 C CG1 . VAL A 1 140 ? 2.688   8.298   -9.912  1.00 8.19  ? 138 VAL A CG1 1 
ATOM   1087 C CG2 . VAL A 1 140 ? 3.696   8.069   -7.624  1.00 8.12  ? 138 VAL A CG2 1 
ATOM   1088 N N   . ILE A 1 141 ? 4.139   11.452  -10.810 1.00 11.14 ? 139 ILE A N   1 
ATOM   1089 C CA  . ILE A 1 141 ? 4.039   12.156  -12.087 1.00 12.61 ? 139 ILE A CA  1 
ATOM   1090 C C   . ILE A 1 141 ? 5.416   12.126  -12.769 1.00 13.30 ? 139 ILE A C   1 
ATOM   1091 O O   . ILE A 1 141 ? 5.524   11.821  -13.972 1.00 12.98 ? 139 ILE A O   1 
ATOM   1092 C CB  . ILE A 1 141 ? 3.485   13.596  -11.873 1.00 11.84 ? 139 ILE A CB  1 
ATOM   1093 C CG1 . ILE A 1 141 ? 1.977   13.572  -11.634 1.00 14.01 ? 139 ILE A CG1 1 
ATOM   1094 C CG2 . ILE A 1 141 ? 3.820   14.496  -13.059 1.00 12.67 ? 139 ILE A CG2 1 
ATOM   1095 C CD1 . ILE A 1 141 ? 1.413   14.755  -10.882 1.00 11.75 ? 139 ILE A CD1 1 
ATOM   1096 N N   . GLN A 1 142 ? 6.464   12.392  -11.997 1.00 13.76 ? 140 GLN A N   1 
ATOM   1097 C CA  . GLN A 1 142 ? 7.799   12.432  -12.577 1.00 14.81 ? 140 GLN A CA  1 
ATOM   1098 C C   . GLN A 1 142 ? 8.204   11.068  -13.122 1.00 14.61 ? 140 GLN A C   1 
ATOM   1099 O O   . GLN A 1 142 ? 8.793   10.961  -14.202 1.00 14.96 ? 140 GLN A O   1 
ATOM   1100 C CB  . GLN A 1 142 ? 8.808   12.931  -11.555 1.00 15.12 ? 140 GLN A CB  1 
ATOM   1101 C CG  . GLN A 1 142 ? 10.179  13.128  -12.147 1.00 19.53 ? 140 GLN A CG  1 
ATOM   1102 C CD  . GLN A 1 142 ? 11.116  13.774  -11.182 1.00 21.30 ? 140 GLN A CD  1 
ATOM   1103 O OE1 . GLN A 1 142 ? 10.716  14.169  -10.075 1.00 26.20 ? 140 GLN A OE1 1 
ATOM   1104 N NE2 . GLN A 1 142 ? 12.385  13.916  -11.600 1.00 20.90 ? 140 GLN A NE2 1 
ATOM   1105 N N   . LEU A 1 143 ? 7.908   10.016  -12.383 1.00 13.37 ? 141 LEU A N   1 
ATOM   1106 C CA  . LEU A 1 143 ? 8.320   8.691   -12.790 1.00 14.96 ? 141 LEU A CA  1 
ATOM   1107 C C   . LEU A 1 143 ? 7.495   8.167   -13.983 1.00 15.59 ? 141 LEU A C   1 
ATOM   1108 O O   . LEU A 1 143 ? 7.965   7.277   -14.692 1.00 15.77 ? 141 LEU A O   1 
ATOM   1109 C CB  . LEU A 1 143 ? 8.224   7.731   -11.600 1.00 13.79 ? 141 LEU A CB  1 
ATOM   1110 C CG  . LEU A 1 143 ? 9.126   7.936   -10.381 1.00 15.86 ? 141 LEU A CG  1 
ATOM   1111 C CD1 . LEU A 1 143 ? 8.806   6.898   -9.329  1.00 17.87 ? 141 LEU A CD1 1 
ATOM   1112 C CD2 . LEU A 1 143 ? 10.613  7.881   -10.769 1.00 17.61 ? 141 LEU A CD2 1 
ATOM   1113 N N   . LEU A 1 144 ? 6.295   8.722   -14.196 1.00 15.43 ? 142 LEU A N   1 
ATOM   1114 C CA  . LEU A 1 144 ? 5.407   8.348   -15.280 1.00 18.15 ? 142 LEU A CA  1 
ATOM   1115 C C   . LEU A 1 144 ? 5.596   9.219   -16.533 1.00 20.08 ? 142 LEU A C   1 
ATOM   1116 O O   . LEU A 1 144 ? 4.993   8.968   -17.592 1.00 21.08 ? 142 LEU A O   1 
ATOM   1117 C CB  . LEU A 1 144 ? 3.946   8.384   -14.773 1.00 18.87 ? 142 LEU A CB  1 
ATOM   1118 C CG  . LEU A 1 144 ? 3.345   7.190   -14.022 1.00 21.58 ? 142 LEU A CG  1 
ATOM   1119 C CD1 . LEU A 1 144 ? 4.198   6.670   -12.896 1.00 25.59 ? 142 LEU A CD1 1 
ATOM   1120 C CD2 . LEU A 1 144 ? 1.981   7.538   -13.492 1.00 20.00 ? 142 LEU A CD2 1 
ATOM   1121 N N   . SER A 1 145 ? 6.452   10.227  -16.447 1.00 21.64 ? 143 SER A N   1 
ATOM   1122 C CA  . SER A 1 145 ? 6.665   11.099  -17.591 1.00 23.73 ? 143 SER A CA  1 
ATOM   1123 C C   . SER A 1 145 ? 7.835   10.629  -18.450 1.00 25.53 ? 143 SER A C   1 
ATOM   1124 O O   . SER A 1 145 ? 8.668   9.825   -18.004 1.00 25.81 ? 143 SER A O   1 
ATOM   1125 C CB  . SER A 1 145 ? 6.961   12.503  -17.103 1.00 23.89 ? 143 SER A CB  1 
ATOM   1126 O OG  . SER A 1 145 ? 8.216   12.463  -16.507 1.00 25.19 ? 143 SER A OG  1 
ATOM   1127 N N   . GLY A 1 146 ? 7.893   11.089  -19.701 1.00 27.07 ? 144 GLY A N   1 
ATOM   1128 C CA  . GLY A 1 146 ? 6.747   11.690  -20.403 1.00 28.50 ? 144 GLY A CA  1 
ATOM   1129 C C   . GLY A 1 146 ? 6.768   13.200  -20.493 1.00 29.24 ? 144 GLY A C   1 
ATOM   1130 O O   . GLY A 1 146 ? 5.803   13.809  -20.974 1.00 31.67 ? 144 GLY A O   1 
HETATM 1131 O O   . HOH B 2 .   ? -7.026  -0.790  8.483   1.00 5.11  ? 145 HOH A O   1 
HETATM 1132 O O   . HOH B 2 .   ? 4.046   -1.480  -10.494 1.00 4.07  ? 146 HOH A O   1 
HETATM 1133 O O   . HOH B 2 .   ? 6.979   2.757   19.756  1.00 4.64  ? 147 HOH A O   1 
HETATM 1134 O O   . HOH B 2 .   ? -3.399  10.648  -8.459  1.00 7.32  ? 148 HOH A O   1 
HETATM 1135 O O   . HOH B 2 .   ? -0.163  2.268   -13.211 1.00 8.57  ? 149 HOH A O   1 
HETATM 1136 O O   . HOH B 2 .   ? -4.581  1.076   9.580   1.00 9.36  ? 150 HOH A O   1 
HETATM 1137 O O   . HOH B 2 .   ? -0.921  13.727  3.021   1.00 9.81  ? 151 HOH A O   1 
HETATM 1138 O O   . HOH B 2 .   ? -8.348  9.166   -4.638  1.00 9.46  ? 152 HOH A O   1 
HETATM 1139 O O   . HOH B 2 .   ? 7.749   -13.432 -1.129  1.00 10.78 ? 153 HOH A O   1 
HETATM 1140 O O   . HOH B 2 .   ? -3.783  13.361  -8.825  1.00 9.07  ? 154 HOH A O   1 
HETATM 1141 O O   . HOH B 2 .   ? -0.255  8.308   14.130  1.00 9.45  ? 155 HOH A O   1 
HETATM 1142 O O   . HOH B 2 .   ? -14.130 7.346   -8.511  1.00 18.24 ? 156 HOH A O   1 
HETATM 1143 O O   . HOH B 2 .   ? 6.510   -0.987  -6.223  1.00 14.98 ? 157 HOH A O   1 
HETATM 1144 O O   . HOH B 2 .   ? -7.999  3.420   -12.158 1.00 9.13  ? 158 HOH A O   1 
HETATM 1145 O O   . HOH B 2 .   ? -7.832  4.278   9.301   1.00 16.50 ? 159 HOH A O   1 
HETATM 1146 O O   . HOH B 2 .   ? -0.060  -16.649 -0.581  1.00 13.74 ? 160 HOH A O   1 
HETATM 1147 O O   . HOH B 2 .   ? 4.254   -9.358  8.571   1.00 10.83 ? 161 HOH A O   1 
HETATM 1148 O O   . HOH B 2 .   ? -12.717 3.737   -7.073  1.00 9.42  ? 162 HOH A O   1 
HETATM 1149 O O   . HOH B 2 .   ? -2.866  -4.560  12.759  1.00 13.28 ? 163 HOH A O   1 
HETATM 1150 O O   . HOH B 2 .   ? 5.634   -15.016 -0.535  1.00 11.61 ? 164 HOH A O   1 
HETATM 1151 O O   . HOH B 2 .   ? -3.460  14.460  -13.360 1.00 22.46 ? 165 HOH A O   1 
HETATM 1152 O O   . HOH B 2 .   ? -7.477  1.488   9.969   1.00 12.67 ? 166 HOH A O   1 
HETATM 1153 O O   . HOH B 2 .   ? 4.928   -6.209  13.988  1.00 13.86 ? 167 HOH A O   1 
HETATM 1154 O O   . HOH B 2 .   ? -1.601  -16.446 2.977   1.00 17.16 ? 168 HOH A O   1 
HETATM 1155 O O   . HOH B 2 .   ? -3.508  4.299   5.109   1.00 9.93  ? 169 HOH A O   1 
HETATM 1156 O O   . HOH B 2 .   ? 2.312   -16.530 12.520  1.00 11.30 ? 170 HOH A O   1 
HETATM 1157 O O   . HOH B 2 .   ? -14.225 5.670   -6.020  1.00 17.08 ? 171 HOH A O   1 
HETATM 1158 O O   . HOH B 2 .   ? -1.975  -14.775 0.414   1.00 16.95 ? 172 HOH A O   1 
HETATM 1159 O O   . HOH B 2 .   ? -12.944 6.376   -3.584  1.00 20.14 ? 173 HOH A O   1 
HETATM 1160 O O   . HOH B 2 .   ? -15.000 0.848   3.502   1.00 14.38 ? 174 HOH A O   1 
HETATM 1161 O O   . HOH B 2 .   ? -2.491  11.725  4.042   1.00 21.01 ? 175 HOH A O   1 
HETATM 1162 O O   . HOH B 2 .   ? -12.866 -8.483  2.701   1.00 17.31 ? 176 HOH A O   1 
HETATM 1163 O O   . HOH B 2 .   ? -5.999  -1.928  10.734  1.00 16.15 ? 177 HOH A O   1 
HETATM 1164 O O   . HOH B 2 .   ? 15.293  1.022   0.377   1.00 16.25 ? 178 HOH A O   1 
HETATM 1165 O O   . HOH B 2 .   ? 0.108   -17.052 11.590  1.00 7.56  ? 179 HOH A O   1 
HETATM 1166 O O   . HOH B 2 .   ? -13.992 1.242   -6.868  1.00 23.62 ? 180 HOH A O   1 
HETATM 1167 O O   . HOH B 2 .   ? -10.977 -0.031  9.327   1.00 13.95 ? 181 HOH A O   1 
HETATM 1168 O O   . HOH B 2 .   ? 10.356  -7.486  3.044   1.00 20.68 ? 182 HOH A O   1 
HETATM 1169 O O   . HOH B 2 .   ? -10.331 -4.960  -19.205 1.00 20.75 ? 183 HOH A O   1 
HETATM 1170 O O   . HOH B 2 .   ? 15.511  -0.973  2.364   1.00 18.40 ? 184 HOH A O   1 
HETATM 1171 O O   . HOH B 2 .   ? 7.828   14.991  -4.681  1.00 16.43 ? 185 HOH A O   1 
HETATM 1172 O O   . HOH B 2 .   ? -11.249 10.829  -0.554  1.00 23.90 ? 186 HOH A O   1 
HETATM 1173 O O   . HOH B 2 .   ? -5.043  -11.295 -0.533  1.00 18.99 ? 187 HOH A O   1 
HETATM 1174 O O   . HOH B 2 .   ? -1.897  17.190  -4.889  1.00 20.78 ? 188 HOH A O   1 
HETATM 1175 O O   . HOH B 2 .   ? -4.655  -10.252 -5.490  1.00 18.95 ? 189 HOH A O   1 
HETATM 1176 O O   . HOH B 2 .   ? 11.440  -4.855  4.403   1.00 23.80 ? 190 HOH A O   1 
HETATM 1177 O O   . HOH B 2 .   ? 6.239   3.932   13.715  1.00 16.74 ? 191 HOH A O   1 
HETATM 1178 O O   . HOH B 2 .   ? -2.161  14.947  -10.273 1.00 18.05 ? 192 HOH A O   1 
HETATM 1179 O O   . HOH B 2 .   ? 12.528  -4.211  2.306   1.00 38.66 ? 193 HOH A O   1 
HETATM 1180 O O   . HOH B 2 .   ? -12.291 4.806   -9.832  1.00 25.44 ? 194 HOH A O   1 
HETATM 1181 O O   . HOH B 2 .   ? -7.805  -2.710  12.639  1.00 26.25 ? 195 HOH A O   1 
HETATM 1182 O O   . HOH B 2 .   ? 8.638   6.785   14.741  1.00 19.99 ? 196 HOH A O   1 
HETATM 1183 O O   . HOH B 2 .   ? -9.138  8.889   -16.326 1.00 22.21 ? 197 HOH A O   1 
HETATM 1184 O O   . HOH B 2 .   ? 9.884   -2.718  14.113  1.00 18.82 ? 198 HOH A O   1 
HETATM 1185 O O   . HOH B 2 .   ? 11.819  -4.970  -0.858  1.00 21.86 ? 199 HOH A O   1 
HETATM 1186 O O   . HOH B 2 .   ? 11.754  -7.705  -0.808  1.00 23.46 ? 200 HOH A O   1 
HETATM 1187 O O   . HOH B 2 .   ? 0.569   0.506   -15.143 1.00 25.85 ? 201 HOH A O   1 
HETATM 1188 O O   . HOH B 2 .   ? 5.627   -3.145  -4.852  1.00 19.40 ? 202 HOH A O   1 
HETATM 1189 O O   . HOH B 2 .   ? -14.536 4.954   -1.759  1.00 24.27 ? 203 HOH A O   1 
HETATM 1190 O O   . HOH B 2 .   ? -2.509  11.531  6.815   1.00 19.80 ? 204 HOH A O   1 
HETATM 1191 O O   . HOH B 2 .   ? 17.386  9.396   2.913   1.00 14.01 ? 205 HOH A O   1 
HETATM 1192 O O   . HOH B 2 .   ? -3.899  12.702  -16.664 1.00 14.05 ? 206 HOH A O   1 
HETATM 1193 O O   . HOH B 2 .   ? -13.824 9.441   -0.544  1.00 21.91 ? 207 HOH A O   1 
HETATM 1194 O O   . HOH B 2 .   ? 8.477   15.741  2.875   1.00 22.06 ? 208 HOH A O   1 
HETATM 1195 O O   . HOH B 2 .   ? 0.191   1.350   -17.841 1.00 27.75 ? 209 HOH A O   1 
HETATM 1196 O O   . HOH B 2 .   ? -3.792  -14.685 11.259  1.00 18.48 ? 210 HOH A O   1 
HETATM 1197 O O   . HOH B 2 .   ? 3.368   2.820   -14.440 1.00 20.11 ? 211 HOH A O   1 
HETATM 1198 O O   . HOH B 2 .   ? -1.418  -6.467  17.144  1.00 25.97 ? 212 HOH A O   1 
HETATM 1199 O O   . HOH B 2 .   ? -13.689 2.004   -19.838 1.00 22.00 ? 213 HOH A O   1 
HETATM 1200 O O   . HOH B 2 .   ? -16.066 -3.593  5.516   1.00 18.40 ? 214 HOH A O   1 
HETATM 1201 O O   . HOH B 2 .   ? -9.998  5.272   10.546  1.00 20.50 ? 215 HOH A O   1 
HETATM 1202 O O   . HOH B 2 .   ? 6.916   6.941   10.234  1.00 18.12 ? 216 HOH A O   1 
HETATM 1203 O O   . HOH B 2 .   ? 14.149  6.366   5.336   1.00 24.01 ? 217 HOH A O   1 
HETATM 1204 O O   . HOH B 2 .   ? 2.873   0.450   -12.662 1.00 18.91 ? 218 HOH A O   1 
HETATM 1205 O O   . HOH B 2 .   ? 6.519   -9.409  9.770   1.00 26.51 ? 219 HOH A O   1 
HETATM 1206 O O   . HOH B 2 .   ? -11.787 15.154  -0.083  1.00 21.65 ? 220 HOH A O   1 
HETATM 1207 O O   . HOH B 2 .   ? -6.017  12.654  1.911   1.00 26.83 ? 221 HOH A O   1 
HETATM 1208 O O   . HOH B 2 .   ? -16.711 -0.961  4.635   1.00 22.12 ? 222 HOH A O   1 
HETATM 1209 O O   . HOH B 2 .   ? -11.284 -9.901  -10.347 1.00 22.77 ? 223 HOH A O   1 
HETATM 1210 O O   . HOH B 2 .   ? 11.294  10.832  -15.190 1.00 26.97 ? 224 HOH A O   1 
HETATM 1211 O O   . HOH B 2 .   ? 5.771   3.416   -15.296 1.00 29.14 ? 225 HOH A O   1 
HETATM 1212 O O   . HOH B 2 .   ? 13.459  10.952  3.110   1.00 19.48 ? 226 HOH A O   1 
HETATM 1213 O O   . HOH B 2 .   ? -15.830 -10.326 -15.230 1.00 23.90 ? 227 HOH A O   1 
HETATM 1214 O O   . HOH B 2 .   ? -3.826  -12.586 -7.549  1.00 28.27 ? 228 HOH A O   1 
HETATM 1215 O O   . HOH B 2 .   ? 6.869   3.963   17.157  1.00 23.44 ? 229 HOH A O   1 
HETATM 1216 O O   . HOH B 2 .   ? -4.147  11.452  -19.533 1.00 23.69 ? 230 HOH A O   1 
HETATM 1217 O O   . HOH B 2 .   ? 10.631  -4.918  12.993  1.00 25.22 ? 231 HOH A O   1 
HETATM 1218 O O   . HOH B 2 .   ? 8.972   -2.839  20.048  1.00 20.82 ? 232 HOH A O   1 
HETATM 1219 O O   . HOH B 2 .   ? -9.791  9.591   1.941   1.00 30.80 ? 233 HOH A O   1 
HETATM 1220 O O   . HOH B 2 .   ? 1.352   17.593  -5.919  1.00 27.05 ? 234 HOH A O   1 
HETATM 1221 O O   . HOH B 2 .   ? -9.272  -9.823  1.896   1.00 27.19 ? 235 HOH A O   1 
HETATM 1222 O O   . HOH B 2 .   ? 6.410   -13.240 12.022  1.00 35.22 ? 236 HOH A O   1 
HETATM 1223 O O   . HOH B 2 .   ? -2.827  2.015   -17.517 1.00 28.28 ? 237 HOH A O   1 
HETATM 1224 O O   . HOH B 2 .   ? -5.905  -5.382  -15.219 1.00 22.76 ? 238 HOH A O   1 
HETATM 1225 O O   . HOH B 2 .   ? 9.099   -10.399 8.569   1.00 33.08 ? 239 HOH A O   1 
HETATM 1226 O O   . HOH B 2 .   ? -4.268  -20.620 5.072   1.00 25.54 ? 240 HOH A O   1 
HETATM 1227 O O   . HOH B 2 .   ? -1.464  -12.191 -8.143  1.00 34.89 ? 241 HOH A O   1 
HETATM 1228 O O   . HOH B 2 .   ? -6.780  -6.867  -17.313 1.00 31.61 ? 242 HOH A O   1 
HETATM 1229 O O   . HOH B 2 .   ? -1.697  -17.334 -2.978  1.00 28.81 ? 243 HOH A O   1 
HETATM 1230 O O   . HOH B 2 .   ? 10.359  -8.344  10.071  1.00 28.00 ? 244 HOH A O   1 
HETATM 1231 O O   . HOH B 2 .   ? -6.931  14.842  -0.610  1.00 29.86 ? 245 HOH A O   1 
HETATM 1232 O O   . HOH B 2 .   ? 13.236  -4.886  6.032   1.00 27.36 ? 246 HOH A O   1 
HETATM 1233 O O   . HOH B 2 .   ? -7.636  -11.524 0.772   1.00 32.93 ? 247 HOH A O   1 
HETATM 1234 O O   . HOH B 2 .   ? 17.084  5.932   -0.925  1.00 39.98 ? 248 HOH A O   1 
HETATM 1235 O O   . HOH B 2 .   ? 9.672   -10.405 5.955   1.00 41.50 ? 249 HOH A O   1 
HETATM 1236 O O   . HOH B 2 .   ? 15.490  12.197  -2.419  1.00 32.67 ? 250 HOH A O   1 
HETATM 1237 O O   . HOH B 2 .   ? 13.786  9.177   5.167   1.00 28.19 ? 251 HOH A O   1 
HETATM 1238 O O   . HOH B 2 .   ? 0.369   9.881   -16.182 1.00 38.75 ? 252 HOH A O   1 
HETATM 1239 O O   . HOH B 2 .   ? -8.994  6.389   -18.107 1.00 41.35 ? 253 HOH A O   1 
HETATM 1240 O O   . HOH B 2 .   ? 16.448  3.878   -0.031  1.00 37.62 ? 254 HOH A O   1 
HETATM 1241 O O   . HOH B 2 .   ? -1.986  -3.677  15.622  1.00 36.69 ? 255 HOH A O   1 
HETATM 1242 O O   . HOH B 2 .   ? -4.892  9.432   11.891  1.00 25.22 ? 256 HOH A O   1 
HETATM 1243 O O   . HOH B 2 .   ? -4.072  -1.072  13.333  1.00 26.60 ? 257 HOH A O   1 
HETATM 1244 O O   . HOH B 2 .   ? 17.046  8.710   -3.625  1.00 31.39 ? 258 HOH A O   1 
HETATM 1245 O O   . HOH B 2 .   ? 13.859  5.221   -7.588  1.00 32.02 ? 259 HOH A O   1 
HETATM 1246 O O   . HOH B 2 .   ? 3.387   11.846  -15.683 1.00 26.86 ? 260 HOH A O   1 
HETATM 1247 O O   . HOH B 2 .   ? -0.309  15.295  4.964   1.00 29.00 ? 261 HOH A O   1 
HETATM 1248 O O   . HOH B 2 .   ? 15.319  2.829   -6.465  1.00 28.89 ? 262 HOH A O   1 
HETATM 1249 O O   . HOH B 2 .   ? 0.611   11.545  -14.387 1.00 27.21 ? 263 HOH A O   1 
HETATM 1250 O O   . HOH B 2 .   ? 11.015  12.284  3.159   1.00 30.67 ? 264 HOH A O   1 
HETATM 1251 O O   . HOH B 2 .   ? 13.011  -3.615  8.636   1.00 32.72 ? 265 HOH A O   1 
HETATM 1252 O O   . HOH B 2 .   ? 10.901  14.829  3.540   1.00 19.98 ? 266 HOH A O   1 
HETATM 1253 O O   . HOH B 2 .   ? 11.457  -8.770  4.909   1.00 38.06 ? 267 HOH A O   1 
HETATM 1254 O O   . HOH B 2 .   ? 10.235  13.389  7.590   1.00 22.20 ? 268 HOH A O   1 
HETATM 1255 O O   . HOH B 2 .   ? -6.041  -10.197 15.142  1.00 23.33 ? 269 HOH A O   1 
HETATM 1256 O O   . HOH B 2 .   ? 14.982  11.796  -6.696  1.00 28.70 ? 270 HOH A O   1 
HETATM 1257 O O   . HOH B 2 .   ? 13.435  -1.502  -5.337  1.00 40.75 ? 271 HOH A O   1 
HETATM 1258 O O   . HOH B 2 .   ? 5.695   -11.478 -5.952  1.00 19.60 ? 272 HOH A O   1 
HETATM 1259 O O   . HOH B 2 .   ? -4.657  -9.295  17.076  1.00 30.81 ? 273 HOH A O   1 
HETATM 1260 O O   . HOH B 2 .   ? 8.490   -9.424  -6.747  1.00 34.42 ? 274 HOH A O   1 
HETATM 1261 O O   . HOH B 2 .   ? -14.046 -5.664  7.249   1.00 23.81 ? 275 HOH A O   1 
# 
